data_8WIS
#
_entry.id   8WIS
#
_cell.length_a   1.00
_cell.length_b   1.00
_cell.length_c   1.00
_cell.angle_alpha   90.00
_cell.angle_beta   90.00
_cell.angle_gamma   90.00
#
_symmetry.space_group_name_H-M   'P 1'
#
loop_
_entity.id
_entity.type
_entity.pdbx_description
1 polymer Hemagglutinin
2 branched 'N-acetyl-alpha-neuraminic acid-(2-6)-beta-D-galactopyranose'
3 branched beta-D-mannopyranose-(1-2)-beta-D-mannopyranose-(1-3)-beta-D-mannopyranose-(1-6)-beta-D-mannopyranose-(1-4)-2-acetamido-2-deoxy-beta-D-glucopyranose-(1-4)-2-acetamido-2-deoxy-beta-D-glucopyranose
4 branched 2-acetamido-2-deoxy-beta-D-glucopyranose-(1-4)-2-acetamido-2-deoxy-beta-D-glucopyranose
5 non-polymer 2-acetamido-2-deoxy-beta-D-glucopyranose
#
_entity_poly.entity_id   1
_entity_poly.type   'polypeptide(L)'
_entity_poly.pdbx_seq_one_letter_code
;NQICIGKAIKPINGTVETVSRMAKVTGMKKVGGERMQKICAKGEQIHDSSSACGIVSHHLKQEGCDFPFLLNKPKFATTG
PMNTSTTGFNFYLTEKAKSWMNITWRVLGENKDFGDNLVEKYGESGATSEGATLKNYYWYVPTAKPGPVVYEKLAECTGT
IYYGALLSDAEAGYIAVTGRNVTERWDVRFTGSSESSISFSGPKQSPMEEYIIKSVRSSVDTVRNIIILDSGRVKKGETF
SISLSSGAVVIPTIFCDGDFAVTPQVQIDKDCASDCHSAYGSFPNGSSFIIHHSVHTVGSCPPSILRNFDVIDGYEATWE
ETKQSRGFFGAILGFFTGGIQGAIDGWYGVTNHDTGKGTAADQTSTQKAVEAITNKLNEAIENGNQRYNQLYGLARTQAE
LLGNLGKEVNDLRLETFTEFIRLETILVNTRIIEEHQAIGSKKKEEVKRLLGPNALDLGNGCFNLTHTCDSNCVNSISRG
TYTRENYIHNVTLAGTPKIDGVV
;
_entity_poly.pdbx_strand_id   A,B,C
#
loop_
_chem_comp.id
_chem_comp.type
_chem_comp.name
_chem_comp.formula
BMA D-saccharide, beta linking beta-D-mannopyranose 'C6 H12 O6'
GAL D-saccharide, beta linking beta-D-galactopyranose 'C6 H12 O6'
NAG D-saccharide, beta linking 2-acetamido-2-deoxy-beta-D-glucopyranose 'C8 H15 N O6'
SIA D-saccharide, alpha linking 'N-acetyl-alpha-neuraminic acid' 'C11 H19 N O9'
#
# COMPACT_ATOMS: atom_id res chain seq x y z
N ASN A 1 48.98 40.65 11.46
CA ASN A 1 49.02 39.37 12.14
C ASN A 1 48.44 38.28 11.26
N GLN A 2 47.23 37.83 11.60
CA GLN A 2 46.52 36.83 10.83
C GLN A 2 45.02 37.08 10.96
N ILE A 3 44.26 36.54 10.01
CA ILE A 3 42.82 36.71 9.97
C ILE A 3 42.16 35.36 9.74
N CYS A 4 40.95 35.21 10.26
CA CYS A 4 40.19 33.98 10.12
C CYS A 4 38.72 34.31 9.89
N ILE A 5 38.01 33.37 9.27
CA ILE A 5 36.58 33.47 9.04
C ILE A 5 35.92 32.18 9.51
N GLY A 6 34.63 32.26 9.78
CA GLY A 6 33.91 31.08 10.22
C GLY A 6 32.51 31.40 10.68
N LYS A 7 31.97 30.52 11.50
CA LYS A 7 30.63 30.65 12.03
C LYS A 7 30.67 31.12 13.48
N ALA A 8 29.66 31.91 13.87
CA ALA A 8 29.55 32.35 15.25
C ALA A 8 29.24 31.15 16.15
N ILE A 9 29.85 31.14 17.33
CA ILE A 9 29.67 30.03 18.27
C ILE A 9 28.44 30.28 19.12
N LYS A 10 27.51 29.34 19.10
CA LYS A 10 26.29 29.39 19.89
C LYS A 10 26.07 28.04 20.55
N PRO A 11 25.37 28.00 21.69
CA PRO A 11 25.15 26.72 22.38
C PRO A 11 24.37 25.74 21.50
N ILE A 12 24.75 24.47 21.61
CA ILE A 12 24.12 23.43 20.80
C ILE A 12 22.72 23.15 21.32
N ASN A 13 21.74 23.15 20.42
CA ASN A 13 20.35 22.93 20.81
C ASN A 13 19.95 21.47 20.72
N GLY A 14 20.09 20.87 19.53
CA GLY A 14 19.65 19.49 19.37
C GLY A 14 20.36 18.72 18.27
N THR A 15 19.76 17.61 17.86
CA THR A 15 20.30 16.78 16.79
C THR A 15 19.21 16.43 15.81
N VAL A 16 19.54 16.50 14.52
CA VAL A 16 18.63 16.12 13.45
C VAL A 16 19.24 14.95 12.69
N GLU A 17 18.41 14.30 11.88
CA GLU A 17 18.79 13.08 11.17
C GLU A 17 19.02 13.40 9.71
N THR A 18 20.28 13.42 9.30
CA THR A 18 20.66 13.56 7.90
C THR A 18 20.71 12.16 7.27
N VAL A 19 20.71 12.12 5.94
CA VAL A 19 20.69 10.84 5.23
C VAL A 19 21.84 9.94 5.67
N SER A 20 23.04 10.50 5.77
CA SER A 20 24.23 9.70 6.02
C SER A 20 24.70 9.74 7.47
N ARG A 21 24.21 10.67 8.29
CA ARG A 21 24.70 10.80 9.66
C ARG A 21 23.68 11.59 10.47
N MET A 22 24.00 11.77 11.75
CA MET A 22 23.22 12.62 12.66
C MET A 22 23.99 13.91 12.88
N ALA A 23 23.32 15.04 12.67
CA ALA A 23 23.96 16.35 12.71
C ALA A 23 23.54 17.10 13.97
N LYS A 24 24.52 17.73 14.64
CA LYS A 24 24.25 18.56 15.80
C LYS A 24 23.99 19.97 15.34
N VAL A 25 22.82 20.52 15.72
CA VAL A 25 22.36 21.81 15.22
C VAL A 25 22.06 22.72 16.39
N THR A 26 22.21 24.02 16.14
CA THR A 26 21.99 25.06 17.14
C THR A 26 20.54 25.49 17.23
N GLY A 27 19.65 24.93 16.42
CA GLY A 27 18.24 25.28 16.48
C GLY A 27 17.40 24.41 15.58
N MET A 28 16.24 23.97 16.07
CA MET A 28 15.37 23.11 15.31
C MET A 28 13.93 23.36 15.72
N LYS A 29 13.00 22.99 14.84
CA LYS A 29 11.58 23.17 15.10
C LYS A 29 10.84 21.94 14.61
N LYS A 30 9.52 21.97 14.73
CA LYS A 30 8.67 20.84 14.36
C LYS A 30 7.86 21.20 13.13
N VAL A 31 7.80 20.26 12.17
CA VAL A 31 7.18 20.54 10.88
C VAL A 31 5.66 20.67 11.02
N GLY A 32 5.04 19.84 11.84
CA GLY A 32 3.60 19.76 11.93
C GLY A 32 3.02 20.53 13.10
N GLY A 33 1.81 21.06 12.92
CA GLY A 33 1.10 21.71 13.99
C GLY A 33 0.52 20.73 14.99
N GLU A 34 0.31 21.22 16.21
CA GLU A 34 -0.13 20.39 17.32
C GLU A 34 -1.52 20.80 17.77
N ARG A 35 -2.33 19.81 18.12
CA ARG A 35 -3.69 20.07 18.57
C ARG A 35 -3.68 20.84 19.88
N MET A 36 -4.67 21.71 20.04
CA MET A 36 -4.78 22.57 21.22
C MET A 36 -5.89 22.07 22.13
N GLN A 37 -6.04 22.74 23.27
CA GLN A 37 -6.85 22.19 24.37
C GLN A 37 -8.33 22.24 24.05
N LYS A 38 -8.82 23.37 23.56
CA LYS A 38 -10.25 23.59 23.38
C LYS A 38 -10.56 23.84 21.91
N ILE A 39 -11.83 24.17 21.64
CA ILE A 39 -12.30 24.47 20.30
C ILE A 39 -12.59 25.96 20.22
N CYS A 40 -11.95 26.65 19.27
CA CYS A 40 -12.14 28.07 19.06
C CYS A 40 -13.27 28.25 18.05
N ALA A 41 -14.43 28.69 18.54
CA ALA A 41 -15.63 28.81 17.72
C ALA A 41 -16.20 30.22 17.79
N LYS A 42 -15.34 31.22 17.64
CA LYS A 42 -15.79 32.61 17.65
C LYS A 42 -16.49 32.93 16.34
N GLY A 43 -17.66 33.56 16.43
CA GLY A 43 -18.38 33.98 15.23
C GLY A 43 -18.84 32.84 14.35
N GLU A 44 -19.34 31.76 14.94
CA GLU A 44 -19.88 30.64 14.19
C GLU A 44 -21.06 30.06 14.95
N GLN A 45 -22.09 29.65 14.21
CA GLN A 45 -23.28 29.07 14.80
C GLN A 45 -23.03 27.64 15.26
N ILE A 46 -23.65 27.27 16.37
CA ILE A 46 -23.59 25.92 16.91
C ILE A 46 -25.01 25.36 16.92
N HIS A 47 -25.20 24.22 16.28
CA HIS A 47 -26.50 23.55 16.21
C HIS A 47 -26.53 22.41 17.22
N ASP A 48 -27.39 22.53 18.22
CA ASP A 48 -27.54 21.51 19.26
C ASP A 48 -29.02 21.22 19.42
N SER A 49 -29.45 20.06 18.91
CA SER A 49 -30.82 19.60 19.00
C SER A 49 -30.86 18.17 19.53
N SER A 50 -30.09 17.92 20.59
CA SER A 50 -29.98 16.59 21.17
C SER A 50 -31.06 16.30 22.19
N SER A 51 -31.96 17.25 22.45
CA SER A 51 -33.02 17.06 23.43
C SER A 51 -34.35 16.68 22.81
N ALA A 52 -34.53 16.85 21.51
CA ALA A 52 -35.81 16.57 20.88
C ALA A 52 -35.67 15.75 19.59
N CYS A 53 -34.51 15.82 18.94
CA CYS A 53 -34.33 15.22 17.64
C CYS A 53 -33.61 13.88 17.74
N GLY A 54 -33.46 13.23 16.59
CA GLY A 54 -32.71 11.99 16.48
C GLY A 54 -32.06 11.92 15.12
N ILE A 55 -31.24 10.90 14.93
CA ILE A 55 -30.51 10.74 13.67
C ILE A 55 -31.48 10.52 12.52
N VAL A 56 -32.48 9.66 12.73
CA VAL A 56 -33.44 9.36 11.66
C VAL A 56 -34.47 10.47 11.50
N SER A 57 -34.72 11.25 12.55
CA SER A 57 -35.69 12.33 12.45
C SER A 57 -35.26 13.38 11.43
N HIS A 58 -33.97 13.72 11.42
CA HIS A 58 -33.46 14.67 10.44
C HIS A 58 -33.63 14.13 9.02
N HIS A 59 -33.35 12.84 8.83
CA HIS A 59 -33.50 12.25 7.50
C HIS A 59 -34.95 12.29 7.04
N LEU A 60 -35.88 11.96 7.93
CA LEU A 60 -37.29 11.89 7.56
C LEU A 60 -38.02 13.21 7.71
N LYS A 61 -37.32 14.27 8.10
CA LYS A 61 -37.88 15.63 8.17
C LYS A 61 -39.06 15.71 9.15
N GLN A 62 -38.83 15.26 10.37
CA GLN A 62 -39.81 15.44 11.43
C GLN A 62 -39.92 16.92 11.76
N GLU A 63 -41.09 17.30 12.30
CA GLU A 63 -41.31 18.69 12.67
C GLU A 63 -40.31 19.14 13.72
N GLY A 64 -39.66 20.27 13.47
CA GLY A 64 -38.67 20.81 14.37
C GLY A 64 -37.29 20.21 14.25
N CYS A 65 -37.07 19.28 13.32
CA CYS A 65 -35.79 18.60 13.16
C CYS A 65 -35.50 18.57 11.66
N ASP A 66 -34.87 19.62 11.14
CA ASP A 66 -34.71 19.78 9.70
C ASP A 66 -33.31 20.28 9.35
N PHE A 67 -32.28 19.69 9.96
CA PHE A 67 -30.91 20.12 9.67
C PHE A 67 -30.53 19.94 8.21
N PRO A 68 -30.76 18.80 7.55
CA PRO A 68 -30.32 18.66 6.15
C PRO A 68 -30.99 19.63 5.20
N PHE A 69 -32.16 20.17 5.55
CA PHE A 69 -32.90 21.06 4.68
C PHE A 69 -32.76 22.52 5.08
N LEU A 70 -31.80 22.84 5.94
CA LEU A 70 -31.58 24.22 6.35
C LEU A 70 -30.97 25.03 5.18
N LEU A 71 -30.78 26.31 5.42
CA LEU A 71 -30.18 27.21 4.44
C LEU A 71 -28.74 27.57 4.79
N ASN A 72 -28.48 27.97 6.02
CA ASN A 72 -27.14 28.29 6.49
C ASN A 72 -26.76 27.24 7.53
N LYS A 73 -26.17 26.14 7.06
CA LYS A 73 -25.85 25.03 7.94
C LYS A 73 -24.69 25.41 8.85
N PRO A 74 -24.84 25.27 10.16
CA PRO A 74 -23.72 25.55 11.08
C PRO A 74 -22.61 24.54 10.90
N LYS A 75 -21.39 24.96 11.24
CA LYS A 75 -20.24 24.09 11.09
C LYS A 75 -20.20 23.02 12.18
N PHE A 76 -20.75 23.31 13.36
CA PHE A 76 -20.78 22.37 14.47
C PHE A 76 -22.21 21.89 14.68
N ALA A 77 -22.38 20.58 14.78
CA ALA A 77 -23.70 19.98 14.94
C ALA A 77 -23.67 18.91 16.02
N THR A 78 -24.81 18.73 16.68
CA THR A 78 -24.96 17.72 17.72
C THR A 78 -26.44 17.37 17.82
N THR A 79 -26.73 16.09 17.98
CA THR A 79 -28.11 15.63 18.11
C THR A 79 -28.13 14.39 18.99
N GLY A 80 -29.33 13.80 19.12
CA GLY A 80 -29.52 12.67 19.98
C GLY A 80 -28.84 11.42 19.47
N PRO A 81 -28.77 10.38 20.31
CA PRO A 81 -28.13 9.13 19.89
C PRO A 81 -28.86 8.46 18.72
N MET A 82 -28.29 7.38 18.21
CA MET A 82 -28.85 6.73 17.02
C MET A 82 -30.17 6.03 17.32
N ASN A 83 -30.36 5.55 18.56
CA ASN A 83 -31.52 4.76 18.94
C ASN A 83 -32.63 5.60 19.57
N THR A 84 -32.73 6.88 19.22
CA THR A 84 -33.80 7.70 19.77
C THR A 84 -35.15 7.29 19.20
N SER A 85 -36.19 7.65 19.93
CA SER A 85 -37.57 7.33 19.56
C SER A 85 -38.20 8.51 18.84
N THR A 86 -38.75 8.25 17.66
CA THR A 86 -39.44 9.28 16.90
C THR A 86 -40.92 9.28 17.24
N THR A 87 -41.63 10.29 16.74
CA THR A 87 -43.05 10.44 17.00
C THR A 87 -43.93 9.84 15.92
N GLY A 88 -43.34 9.17 14.93
CA GLY A 88 -44.11 8.58 13.85
C GLY A 88 -44.02 7.07 13.81
N PHE A 89 -43.48 6.54 12.72
CA PHE A 89 -43.39 5.10 12.55
C PHE A 89 -42.26 4.53 13.41
N ASN A 90 -42.43 3.27 13.79
CA ASN A 90 -41.31 2.47 14.26
C ASN A 90 -40.36 2.25 13.09
N PHE A 91 -39.06 2.13 13.38
CA PHE A 91 -38.10 2.04 12.30
C PHE A 91 -37.07 0.96 12.57
N TYR A 92 -36.57 0.36 11.48
CA TYR A 92 -35.48 -0.58 11.52
C TYR A 92 -34.49 -0.26 10.41
N LEU A 93 -33.20 -0.37 10.74
CA LEU A 93 -32.12 0.07 9.86
C LEU A 93 -31.09 -1.04 9.69
N THR A 94 -30.64 -1.23 8.47
CA THR A 94 -29.55 -2.16 8.19
C THR A 94 -28.23 -1.54 8.63
N GLU A 95 -27.24 -2.39 8.91
CA GLU A 95 -25.95 -1.91 9.40
C GLU A 95 -25.34 -0.89 8.45
N LYS A 96 -25.44 -1.14 7.14
CA LYS A 96 -24.97 -0.16 6.17
C LYS A 96 -25.75 1.15 6.30
N ALA A 97 -27.07 1.05 6.48
CA ALA A 97 -27.87 2.26 6.65
C ALA A 97 -27.47 3.02 7.90
N LYS A 98 -27.16 2.31 8.98
CA LYS A 98 -26.70 2.96 10.20
C LYS A 98 -25.38 3.68 9.96
N SER A 99 -24.43 3.00 9.33
CA SER A 99 -23.11 3.58 9.10
C SER A 99 -23.20 4.79 8.16
N TRP A 100 -24.17 4.82 7.27
CA TRP A 100 -24.28 5.93 6.35
C TRP A 100 -25.14 7.07 6.90
N MET A 101 -26.11 6.78 7.76
CA MET A 101 -26.90 7.83 8.38
C MET A 101 -26.19 8.47 9.57
N ASN A 102 -25.14 7.83 10.10
CA ASN A 102 -24.29 8.53 11.05
C ASN A 102 -23.61 9.73 10.41
N ILE A 103 -23.56 9.78 9.08
CA ILE A 103 -22.84 10.81 8.34
C ILE A 103 -23.78 11.70 7.56
N THR A 104 -24.75 11.12 6.85
CA THR A 104 -25.53 11.87 5.87
C THR A 104 -26.50 12.86 6.49
N TRP A 105 -26.73 12.82 7.81
CA TRP A 105 -27.65 13.77 8.41
C TRP A 105 -27.06 15.17 8.58
N ARG A 106 -25.75 15.32 8.40
CA ARG A 106 -25.09 16.59 8.67
C ARG A 106 -24.20 17.03 7.52
N VAL A 107 -24.57 16.69 6.28
CA VAL A 107 -23.81 17.16 5.13
C VAL A 107 -24.07 18.64 4.93
N LEU A 108 -23.03 19.39 4.57
CA LEU A 108 -23.11 20.83 4.44
C LEU A 108 -23.42 21.29 3.02
N GLY A 109 -23.67 20.37 2.10
CA GLY A 109 -23.98 20.70 0.71
C GLY A 109 -25.45 20.95 0.50
N GLU A 110 -25.85 20.88 -0.77
CA GLU A 110 -27.24 21.04 -1.17
C GLU A 110 -27.81 19.68 -1.53
N ASN A 111 -28.98 19.36 -0.98
CA ASN A 111 -29.62 18.07 -1.20
C ASN A 111 -30.69 18.21 -2.28
N LYS A 112 -30.68 17.27 -3.22
CA LYS A 112 -31.59 17.30 -4.36
C LYS A 112 -32.81 16.43 -4.08
N ASP A 113 -33.99 16.96 -4.40
CA ASP A 113 -35.25 16.28 -4.16
C ASP A 113 -35.84 15.83 -5.49
N PHE A 114 -36.36 14.60 -5.53
CA PHE A 114 -37.00 14.07 -6.74
C PHE A 114 -38.34 13.41 -6.41
N GLY A 115 -38.99 13.85 -5.33
CA GLY A 115 -40.29 13.30 -5.00
C GLY A 115 -41.35 13.67 -6.03
N ASP A 116 -41.25 14.87 -6.60
CA ASP A 116 -42.24 15.30 -7.58
C ASP A 116 -42.27 14.34 -8.76
N ASN A 117 -41.11 14.09 -9.37
CA ASN A 117 -41.03 13.19 -10.52
C ASN A 117 -41.71 11.86 -10.22
N LEU A 118 -41.49 11.34 -9.02
CA LEU A 118 -42.19 10.12 -8.61
C LEU A 118 -43.69 10.34 -8.58
N VAL A 119 -44.14 11.51 -8.12
CA VAL A 119 -45.56 11.78 -8.02
C VAL A 119 -46.21 11.77 -9.40
N GLU A 120 -45.59 12.46 -10.37
CA GLU A 120 -46.18 12.43 -11.72
C GLU A 120 -46.02 11.08 -12.40
N LYS A 121 -44.98 10.32 -12.08
CA LYS A 121 -44.85 9.01 -12.73
C LYS A 121 -45.83 7.98 -12.19
N TYR A 122 -46.02 7.93 -10.86
CA TYR A 122 -46.79 6.85 -10.24
C TYR A 122 -47.98 7.37 -9.45
N GLY A 123 -48.41 8.60 -9.68
CA GLY A 123 -49.55 9.13 -8.95
C GLY A 123 -49.20 9.57 -7.55
N GLU A 124 -50.24 9.88 -6.78
CA GLU A 124 -50.06 10.34 -5.41
C GLU A 124 -49.49 9.24 -4.53
N SER A 125 -48.74 9.66 -3.51
CA SER A 125 -48.15 8.72 -2.58
C SER A 125 -49.21 8.17 -1.63
N GLY A 126 -48.86 7.07 -0.96
CA GLY A 126 -49.74 6.50 0.02
C GLY A 126 -49.94 7.43 1.21
N ALA A 127 -51.10 7.33 1.83
CA ALA A 127 -51.47 8.19 2.94
C ALA A 127 -51.81 7.35 4.16
N THR A 128 -51.29 7.77 5.32
CA THR A 128 -51.60 7.11 6.58
C THR A 128 -51.62 8.17 7.68
N SER A 129 -52.43 7.92 8.71
CA SER A 129 -52.58 8.88 9.79
C SER A 129 -51.49 8.76 10.85
N GLU A 130 -50.73 7.66 10.85
CA GLU A 130 -49.67 7.48 11.83
C GLU A 130 -48.44 8.32 11.52
N GLY A 131 -48.31 8.81 10.27
CA GLY A 131 -47.19 9.63 9.91
C GLY A 131 -47.58 11.07 9.62
N ALA A 132 -48.49 11.60 10.44
CA ALA A 132 -48.92 12.99 10.25
C ALA A 132 -47.77 13.96 10.48
N THR A 133 -46.96 13.72 11.52
CA THR A 133 -45.84 14.60 11.80
C THR A 133 -44.76 14.50 10.72
N LEU A 134 -44.44 13.28 10.30
CA LEU A 134 -43.39 13.08 9.32
C LEU A 134 -43.85 13.55 7.94
N LYS A 135 -42.91 14.08 7.15
CA LYS A 135 -43.30 14.72 5.91
C LYS A 135 -42.37 14.44 4.73
N ASN A 136 -41.42 13.50 4.85
CA ASN A 136 -40.48 13.23 3.76
C ASN A 136 -40.43 11.72 3.50
N TYR A 137 -41.34 11.22 2.66
CA TYR A 137 -41.34 9.82 2.25
C TYR A 137 -42.37 9.64 1.15
N TYR A 138 -42.09 8.71 0.24
CA TYR A 138 -43.03 8.34 -0.82
C TYR A 138 -43.42 6.87 -0.62
N TRP A 139 -44.71 6.62 -0.53
CA TRP A 139 -45.24 5.27 -0.30
C TRP A 139 -45.94 4.81 -1.56
N TYR A 140 -45.41 3.77 -2.20
CA TYR A 140 -45.90 3.30 -3.49
C TYR A 140 -46.96 2.22 -3.26
N VAL A 141 -48.23 2.60 -3.35
CA VAL A 141 -49.33 1.65 -3.22
C VAL A 141 -50.28 1.81 -4.40
N PRO A 142 -49.98 1.20 -5.54
CA PRO A 142 -50.87 1.32 -6.70
C PRO A 142 -52.17 0.56 -6.50
N THR A 143 -53.14 0.90 -7.34
CA THR A 143 -54.45 0.25 -7.27
C THR A 143 -54.35 -1.23 -7.64
N ALA A 144 -53.54 -1.55 -8.65
CA ALA A 144 -53.39 -2.93 -9.11
C ALA A 144 -52.19 -3.55 -8.39
N LYS A 145 -52.46 -4.03 -7.17
CA LYS A 145 -51.40 -4.61 -6.37
C LYS A 145 -51.07 -6.01 -6.86
N PRO A 146 -49.79 -6.41 -6.86
CA PRO A 146 -48.64 -5.59 -6.45
C PRO A 146 -48.17 -4.63 -7.54
N GLY A 147 -48.22 -5.07 -8.79
CA GLY A 147 -47.83 -4.24 -9.91
C GLY A 147 -46.39 -3.77 -9.83
N PRO A 148 -45.44 -4.70 -9.97
CA PRO A 148 -44.02 -4.32 -9.88
C PRO A 148 -43.63 -3.40 -11.03
N VAL A 149 -42.76 -2.43 -10.72
CA VAL A 149 -42.25 -1.47 -11.69
C VAL A 149 -40.77 -1.27 -11.42
N VAL A 150 -40.09 -0.66 -12.39
CA VAL A 150 -38.69 -0.28 -12.27
C VAL A 150 -38.60 1.22 -12.51
N TYR A 151 -38.05 1.95 -11.54
CA TYR A 151 -37.93 3.40 -11.60
C TYR A 151 -36.51 3.74 -12.04
N GLU A 152 -36.39 4.40 -13.19
CA GLU A 152 -35.12 4.80 -13.77
C GLU A 152 -34.99 6.32 -13.62
N LYS A 153 -33.82 6.78 -13.17
CA LYS A 153 -33.60 8.22 -13.12
C LYS A 153 -32.12 8.54 -13.24
N LEU A 154 -31.81 9.59 -13.98
CA LEU A 154 -30.45 10.10 -14.07
C LEU A 154 -30.19 11.01 -12.87
N ALA A 155 -29.20 10.64 -12.06
CA ALA A 155 -28.92 11.36 -10.83
C ALA A 155 -28.37 12.75 -11.12
N GLU A 156 -28.52 13.65 -10.14
CA GLU A 156 -28.06 15.02 -10.27
C GLU A 156 -26.78 15.30 -9.49
N CYS A 157 -26.42 14.45 -8.54
CA CYS A 157 -25.16 14.59 -7.83
C CYS A 157 -24.69 13.19 -7.43
N THR A 158 -23.73 13.14 -6.51
CA THR A 158 -23.23 11.87 -5.98
C THR A 158 -23.59 11.82 -4.49
N GLY A 159 -24.49 10.93 -4.14
CA GLY A 159 -24.96 10.86 -2.78
C GLY A 159 -25.53 9.50 -2.43
N THR A 160 -26.37 9.49 -1.41
CA THR A 160 -26.96 8.27 -0.87
C THR A 160 -28.48 8.38 -0.86
N ILE A 161 -29.14 7.29 -1.24
CA ILE A 161 -30.59 7.21 -1.28
C ILE A 161 -31.04 6.07 -0.37
N TYR A 162 -32.06 6.32 0.44
CA TYR A 162 -32.57 5.33 1.38
C TYR A 162 -33.88 4.77 0.88
N TYR A 163 -33.94 3.44 0.76
CA TYR A 163 -35.08 2.74 0.20
C TYR A 163 -35.40 1.54 1.08
N GLY A 164 -36.64 1.08 0.99
CA GLY A 164 -37.03 -0.09 1.75
C GLY A 164 -38.52 -0.33 1.74
N ALA A 165 -39.09 -0.69 2.89
CA ALA A 165 -40.50 -1.02 2.97
C ALA A 165 -41.15 -0.31 4.15
N LEU A 166 -42.47 -0.25 4.11
CA LEU A 166 -43.28 0.32 5.19
C LEU A 166 -44.47 -0.61 5.38
N LEU A 167 -44.40 -1.48 6.38
CA LEU A 167 -45.38 -2.54 6.56
C LEU A 167 -45.90 -2.56 7.99
N SER A 168 -47.17 -2.91 8.14
CA SER A 168 -47.83 -2.93 9.44
C SER A 168 -47.47 -4.22 10.18
N ASP A 169 -48.17 -4.48 11.28
CA ASP A 169 -47.95 -5.67 12.09
C ASP A 169 -49.03 -6.74 11.90
N ALA A 170 -50.29 -6.33 11.94
CA ALA A 170 -51.37 -7.29 11.76
C ALA A 170 -51.35 -7.88 10.35
N GLU A 171 -51.71 -9.16 10.24
CA GLU A 171 -51.73 -9.81 8.94
C GLU A 171 -52.73 -9.16 8.00
N ALA A 172 -53.86 -8.69 8.54
CA ALA A 172 -54.86 -8.05 7.69
C ALA A 172 -54.31 -6.81 7.00
N GLY A 173 -53.60 -5.96 7.75
CA GLY A 173 -53.03 -4.77 7.16
C GLY A 173 -51.95 -5.10 6.15
N TYR A 174 -51.10 -6.07 6.45
CA TYR A 174 -50.06 -6.47 5.52
C TYR A 174 -50.65 -6.98 4.21
N ILE A 175 -51.68 -7.83 4.30
CA ILE A 175 -52.32 -8.34 3.09
C ILE A 175 -53.00 -7.22 2.33
N ALA A 176 -53.68 -6.31 3.03
CA ALA A 176 -54.38 -5.23 2.35
C ALA A 176 -53.42 -4.27 1.66
N VAL A 177 -52.22 -4.09 2.22
CA VAL A 177 -51.26 -3.17 1.63
C VAL A 177 -50.51 -3.82 0.47
N THR A 178 -49.85 -4.94 0.74
CA THR A 178 -49.03 -5.55 -0.31
C THR A 178 -49.85 -6.30 -1.34
N GLY A 179 -50.95 -6.94 -0.93
CA GLY A 179 -51.68 -7.79 -1.83
C GLY A 179 -51.03 -9.12 -2.12
N ARG A 180 -49.98 -9.48 -1.37
CA ARG A 180 -49.27 -10.73 -1.55
C ARG A 180 -49.65 -11.70 -0.44
N ASN A 181 -49.52 -12.99 -0.74
CA ASN A 181 -49.75 -14.01 0.28
C ASN A 181 -48.66 -13.93 1.35
N VAL A 182 -49.04 -14.33 2.56
CA VAL A 182 -48.14 -14.19 3.70
C VAL A 182 -46.89 -15.06 3.53
N THR A 183 -47.04 -16.23 2.93
CA THR A 183 -45.91 -17.14 2.75
C THR A 183 -45.14 -16.83 1.47
N GLU A 184 -44.75 -15.58 1.30
CA GLU A 184 -43.98 -15.15 0.14
C GLU A 184 -42.91 -14.17 0.57
N ARG A 185 -41.69 -14.39 0.09
CA ARG A 185 -40.58 -13.49 0.35
C ARG A 185 -40.29 -12.70 -0.92
N TRP A 186 -40.34 -11.38 -0.82
CA TRP A 186 -40.15 -10.51 -1.97
C TRP A 186 -39.07 -9.48 -1.68
N ASP A 187 -38.37 -9.08 -2.75
CA ASP A 187 -37.16 -8.28 -2.63
C ASP A 187 -37.38 -6.89 -3.19
N VAL A 188 -36.61 -5.94 -2.65
CA VAL A 188 -36.47 -4.60 -3.20
C VAL A 188 -34.99 -4.37 -3.48
N ARG A 189 -34.67 -4.00 -4.71
CA ARG A 189 -33.29 -3.91 -5.16
C ARG A 189 -32.96 -2.50 -5.64
N PHE A 190 -31.70 -2.13 -5.50
CA PHE A 190 -31.18 -0.84 -5.91
C PHE A 190 -29.92 -1.07 -6.73
N THR A 191 -29.83 -0.42 -7.88
CA THR A 191 -28.69 -0.55 -8.79
C THR A 191 -28.23 0.84 -9.18
N GLY A 192 -27.25 1.37 -8.44
CA GLY A 192 -26.64 2.64 -8.78
C GLY A 192 -25.16 2.50 -9.01
N SER A 193 -24.35 3.16 -8.19
CA SER A 193 -22.91 2.90 -8.22
C SER A 193 -22.57 1.53 -7.67
N SER A 194 -23.47 0.92 -6.90
CA SER A 194 -23.30 -0.42 -6.37
C SER A 194 -24.66 -1.07 -6.24
N GLU A 195 -24.66 -2.39 -6.18
CA GLU A 195 -25.89 -3.17 -6.15
C GLU A 195 -26.22 -3.55 -4.71
N SER A 196 -27.45 -3.26 -4.31
CA SER A 196 -27.92 -3.57 -2.96
C SER A 196 -29.32 -4.16 -3.04
N SER A 197 -29.71 -4.88 -2.00
CA SER A 197 -31.04 -5.50 -1.99
C SER A 197 -31.47 -5.74 -0.55
N ILE A 198 -32.78 -5.92 -0.38
CA ILE A 198 -33.37 -6.21 0.92
C ILE A 198 -34.59 -7.09 0.70
N SER A 199 -34.87 -7.96 1.68
CA SER A 199 -35.93 -8.95 1.58
C SER A 199 -37.00 -8.71 2.63
N PHE A 200 -38.23 -9.06 2.30
CA PHE A 200 -39.35 -8.93 3.22
C PHE A 200 -40.30 -10.10 3.05
N SER A 201 -41.14 -10.30 4.06
CA SER A 201 -42.15 -11.35 4.05
C SER A 201 -43.26 -10.93 5.00
N GLY A 202 -44.16 -11.87 5.32
CA GLY A 202 -45.25 -11.60 6.21
C GLY A 202 -44.79 -11.42 7.64
N PRO A 203 -45.67 -10.93 8.50
CA PRO A 203 -45.26 -10.68 9.90
C PRO A 203 -44.84 -11.93 10.63
N LYS A 204 -45.61 -13.02 10.55
CA LYS A 204 -45.22 -14.27 11.20
C LYS A 204 -44.46 -15.18 10.26
N GLN A 205 -43.46 -14.63 9.57
CA GLN A 205 -42.55 -15.38 8.71
C GLN A 205 -41.21 -14.64 8.66
N SER A 206 -40.14 -15.41 8.59
CA SER A 206 -38.82 -14.84 8.44
C SER A 206 -38.72 -14.12 7.09
N PRO A 207 -37.95 -13.02 7.02
CA PRO A 207 -37.16 -12.42 8.10
C PRO A 207 -37.80 -11.19 8.74
N MET A 208 -39.10 -10.97 8.52
CA MET A 208 -39.71 -9.78 9.12
C MET A 208 -39.98 -9.97 10.60
N GLU A 209 -40.19 -11.21 11.04
CA GLU A 209 -40.45 -11.47 12.45
C GLU A 209 -39.32 -10.97 13.33
N GLU A 210 -38.09 -10.95 12.80
CA GLU A 210 -36.99 -10.30 13.51
C GLU A 210 -36.99 -8.79 13.31
N TYR A 211 -37.60 -8.29 12.24
CA TYR A 211 -37.73 -6.85 12.08
C TYR A 211 -38.63 -6.24 13.14
N ILE A 212 -39.72 -6.94 13.50
CA ILE A 212 -40.55 -6.44 14.60
C ILE A 212 -39.76 -6.43 15.90
N ILE A 213 -39.02 -7.51 16.17
CA ILE A 213 -38.32 -7.61 17.46
C ILE A 213 -37.23 -6.56 17.57
N LYS A 214 -36.45 -6.36 16.50
CA LYS A 214 -35.32 -5.44 16.55
C LYS A 214 -35.73 -4.00 16.29
N SER A 215 -37.01 -3.72 16.03
CA SER A 215 -37.43 -2.38 15.71
C SER A 215 -37.33 -1.46 16.93
N VAL A 216 -37.29 -0.16 16.66
CA VAL A 216 -37.25 0.87 17.70
C VAL A 216 -38.65 1.43 17.85
N ARG A 217 -39.25 1.22 19.01
CA ARG A 217 -40.62 1.67 19.24
C ARG A 217 -40.69 3.19 19.27
N SER A 218 -41.81 3.72 18.78
CA SER A 218 -41.99 5.16 18.69
C SER A 218 -42.51 5.71 20.01
N SER A 219 -42.67 7.04 20.06
CA SER A 219 -43.14 7.69 21.28
C SER A 219 -44.58 7.30 21.59
N VAL A 220 -45.46 7.37 20.60
CA VAL A 220 -46.83 6.92 20.77
C VAL A 220 -46.86 5.40 20.70
N ASP A 221 -47.69 4.79 21.54
CA ASP A 221 -47.74 3.35 21.67
C ASP A 221 -48.88 2.71 20.89
N THR A 222 -49.55 3.47 20.03
CA THR A 222 -50.69 2.97 19.27
C THR A 222 -50.42 3.07 17.76
N VAL A 223 -49.22 2.71 17.34
CA VAL A 223 -48.85 2.67 15.94
C VAL A 223 -48.32 1.29 15.61
N ARG A 224 -48.80 0.70 14.52
CA ARG A 224 -48.43 -0.64 14.12
C ARG A 224 -47.55 -0.68 12.87
N ASN A 225 -47.11 0.47 12.39
CA ASN A 225 -46.34 0.54 11.15
C ASN A 225 -44.86 0.55 11.44
N ILE A 226 -44.10 -0.22 10.67
CA ILE A 226 -42.65 -0.28 10.78
C ILE A 226 -42.06 0.04 9.41
N ILE A 227 -41.10 0.95 9.38
CA ILE A 227 -40.38 1.31 8.16
C ILE A 227 -38.99 0.71 8.24
N ILE A 228 -38.65 -0.13 7.27
CA ILE A 228 -37.37 -0.80 7.19
C ILE A 228 -36.57 -0.15 6.07
N LEU A 229 -35.33 0.24 6.36
CA LEU A 229 -34.56 1.07 5.44
C LEU A 229 -33.20 0.45 5.13
N ASP A 230 -32.67 0.82 3.96
CA ASP A 230 -31.34 0.42 3.51
C ASP A 230 -30.82 1.51 2.59
N SER A 231 -29.51 1.51 2.36
CA SER A 231 -28.85 2.61 1.67
C SER A 231 -28.27 2.15 0.34
N GLY A 232 -28.37 3.02 -0.67
CA GLY A 232 -27.72 2.79 -1.94
C GLY A 232 -26.99 4.04 -2.39
N ARG A 233 -25.99 3.83 -3.25
CA ARG A 233 -25.09 4.91 -3.67
C ARG A 233 -25.25 5.17 -5.16
N VAL A 234 -25.16 6.45 -5.53
CA VAL A 234 -25.35 6.86 -6.92
C VAL A 234 -24.11 7.59 -7.43
N LYS A 235 -24.14 7.98 -8.70
CA LYS A 235 -23.08 8.75 -9.32
C LYS A 235 -23.69 9.92 -10.08
N LYS A 236 -22.89 10.97 -10.28
CA LYS A 236 -23.43 12.23 -10.78
C LYS A 236 -24.04 12.08 -12.17
N GLY A 237 -23.39 11.33 -13.05
CA GLY A 237 -23.87 11.21 -14.40
C GLY A 237 -24.68 9.96 -14.68
N GLU A 238 -24.35 8.87 -14.00
CA GLU A 238 -24.96 7.59 -14.28
C GLU A 238 -26.41 7.55 -13.83
N THR A 239 -27.16 6.60 -14.39
CA THR A 239 -28.58 6.43 -14.11
C THR A 239 -28.77 5.32 -13.09
N PHE A 240 -29.59 5.59 -12.07
CA PHE A 240 -29.89 4.63 -11.03
C PHE A 240 -31.32 4.14 -11.16
N SER A 241 -31.54 2.87 -10.78
CA SER A 241 -32.82 2.22 -10.92
C SER A 241 -33.20 1.55 -9.61
N ILE A 242 -34.49 1.64 -9.28
CA ILE A 242 -35.05 1.01 -8.08
C ILE A 242 -36.19 0.10 -8.50
N SER A 243 -36.18 -1.13 -8.00
CA SER A 243 -37.24 -2.10 -8.29
C SER A 243 -38.32 -1.96 -7.21
N LEU A 244 -39.45 -1.36 -7.58
CA LEU A 244 -40.50 -1.03 -6.62
C LEU A 244 -41.67 -1.98 -6.79
N SER A 245 -42.18 -2.47 -5.67
CA SER A 245 -43.43 -3.21 -5.61
C SER A 245 -44.40 -2.47 -4.71
N SER A 246 -45.63 -2.97 -4.64
CA SER A 246 -46.63 -2.36 -3.78
C SER A 246 -46.20 -2.44 -2.33
N GLY A 247 -46.30 -1.34 -1.60
CA GLY A 247 -45.87 -1.26 -0.23
C GLY A 247 -44.47 -0.76 -0.02
N ALA A 248 -43.65 -0.69 -1.07
CA ALA A 248 -42.28 -0.19 -0.94
C ALA A 248 -42.28 1.30 -0.65
N VAL A 249 -41.22 1.75 0.02
CA VAL A 249 -41.08 3.14 0.43
C VAL A 249 -39.69 3.62 0.07
N VAL A 250 -39.56 4.91 -0.15
CA VAL A 250 -38.28 5.53 -0.50
C VAL A 250 -38.29 6.96 0.00
N ILE A 251 -37.15 7.39 0.53
CA ILE A 251 -36.97 8.77 0.99
C ILE A 251 -36.52 9.60 -0.21
N PRO A 252 -37.38 10.43 -0.79
CA PRO A 252 -37.04 11.12 -2.05
C PRO A 252 -36.08 12.28 -1.86
N THR A 253 -34.80 11.97 -1.69
CA THR A 253 -33.77 12.98 -1.56
C THR A 253 -32.42 12.32 -1.75
N ILE A 254 -31.59 12.92 -2.61
CA ILE A 254 -30.22 12.47 -2.80
C ILE A 254 -29.35 13.31 -1.88
N PHE A 255 -28.87 12.72 -0.80
CA PHE A 255 -28.03 13.44 0.14
C PHE A 255 -26.63 13.62 -0.45
N CYS A 256 -26.41 14.73 -1.14
CA CYS A 256 -25.18 14.93 -1.88
C CYS A 256 -23.98 14.94 -0.94
N ASP A 257 -22.88 14.36 -1.41
CA ASP A 257 -21.67 14.26 -0.60
C ASP A 257 -21.01 15.63 -0.44
N GLY A 258 -19.91 15.65 0.27
CA GLY A 258 -19.14 16.86 0.52
C GLY A 258 -18.68 16.89 1.96
N ASP A 259 -18.21 18.06 2.37
CA ASP A 259 -17.80 18.25 3.75
C ASP A 259 -19.02 18.18 4.66
N PHE A 260 -18.87 17.52 5.81
CA PHE A 260 -19.96 17.41 6.77
C PHE A 260 -19.47 17.84 8.15
N ALA A 261 -20.43 18.31 8.96
CA ALA A 261 -20.14 18.95 10.22
C ALA A 261 -19.46 17.99 11.20
N VAL A 262 -18.98 18.55 12.30
CA VAL A 262 -18.32 17.78 13.36
C VAL A 262 -19.15 17.89 14.63
N THR A 263 -19.03 16.86 15.48
CA THR A 263 -19.73 16.85 16.76
C THR A 263 -18.72 17.14 17.86
N PRO A 264 -18.81 18.29 18.53
CA PRO A 264 -17.80 18.61 19.55
C PRO A 264 -17.79 17.60 20.68
N GLN A 265 -16.58 17.29 21.15
CA GLN A 265 -16.40 16.40 22.29
C GLN A 265 -15.59 17.05 23.41
N VAL A 266 -15.10 18.27 23.21
CA VAL A 266 -14.35 18.99 24.22
C VAL A 266 -15.05 20.31 24.50
N GLN A 267 -14.48 21.13 25.37
CA GLN A 267 -15.10 22.40 25.75
C GLN A 267 -15.16 23.34 24.55
N ILE A 268 -16.32 23.96 24.36
CA ILE A 268 -16.50 25.00 23.36
C ILE A 268 -16.20 26.34 23.99
N ASP A 269 -15.27 27.09 23.42
CA ASP A 269 -14.88 28.39 23.94
C ASP A 269 -15.00 29.43 22.85
N LYS A 270 -15.65 30.55 23.16
CA LYS A 270 -15.74 31.68 22.26
C LYS A 270 -14.55 32.61 22.50
N ASP A 271 -14.61 33.81 21.93
CA ASP A 271 -13.59 34.84 22.11
C ASP A 271 -12.23 34.43 21.57
N CYS A 272 -12.22 33.47 20.64
CA CYS A 272 -10.99 33.02 20.00
C CYS A 272 -11.35 32.31 18.70
N ALA A 273 -10.59 32.58 17.65
CA ALA A 273 -10.88 32.06 16.33
C ALA A 273 -9.70 31.24 15.82
N SER A 274 -10.00 30.37 14.85
CA SER A 274 -8.99 29.55 14.21
C SER A 274 -9.44 29.25 12.79
N ASP A 275 -8.70 28.39 12.10
CA ASP A 275 -9.01 28.04 10.71
C ASP A 275 -9.22 26.55 10.49
N CYS A 276 -8.60 25.70 11.29
CA CYS A 276 -8.74 24.25 11.15
C CYS A 276 -9.22 23.68 12.48
N HIS A 277 -10.46 23.20 12.51
CA HIS A 277 -11.06 22.66 13.72
C HIS A 277 -11.29 21.16 13.57
N SER A 278 -11.14 20.45 14.68
CA SER A 278 -11.40 19.01 14.74
C SER A 278 -12.46 18.75 15.80
N ALA A 279 -12.73 17.47 16.04
CA ALA A 279 -13.70 17.08 17.06
C ALA A 279 -13.11 17.10 18.46
N TYR A 280 -11.80 17.30 18.60
CA TYR A 280 -11.16 17.31 19.91
C TYR A 280 -10.33 18.57 20.13
N GLY A 281 -10.52 19.60 19.34
CA GLY A 281 -9.77 20.84 19.47
C GLY A 281 -9.42 21.41 18.12
N SER A 282 -9.05 22.69 18.11
CA SER A 282 -8.66 23.37 16.89
C SER A 282 -7.16 23.21 16.68
N PHE A 283 -6.61 23.93 15.70
CA PHE A 283 -5.20 23.85 15.37
C PHE A 283 -4.66 25.25 15.18
N PRO A 284 -3.35 25.44 15.38
CA PRO A 284 -2.78 26.79 15.23
C PRO A 284 -2.87 27.30 13.80
N ASN A 285 -2.88 28.62 13.68
CA ASN A 285 -3.00 29.25 12.37
C ASN A 285 -1.78 28.93 11.50
N GLY A 286 -2.04 28.70 10.21
CA GLY A 286 -0.98 28.55 9.23
C GLY A 286 -0.06 27.37 9.44
N SER A 287 -0.61 26.20 9.73
CA SER A 287 0.19 24.99 9.91
C SER A 287 0.43 24.32 8.57
N SER A 288 1.66 23.84 8.37
CA SER A 288 1.99 23.12 7.15
C SER A 288 1.43 21.70 7.17
N PHE A 289 1.39 21.08 8.34
CA PHE A 289 0.81 19.76 8.51
C PHE A 289 0.07 19.73 9.83
N ILE A 290 -0.77 18.70 9.98
CA ILE A 290 -1.68 18.60 11.12
C ILE A 290 -1.47 17.25 11.79
N ILE A 291 -1.35 17.26 13.11
CA ILE A 291 -1.28 16.03 13.91
C ILE A 291 -2.72 15.59 14.16
N HIS A 292 -3.16 14.57 13.42
CA HIS A 292 -4.53 14.10 13.52
C HIS A 292 -4.58 12.64 13.09
N HIS A 293 -5.64 11.95 13.49
CA HIS A 293 -5.81 10.54 13.20
C HIS A 293 -6.89 10.28 12.15
N SER A 294 -7.33 11.30 11.43
CA SER A 294 -8.39 11.14 10.44
C SER A 294 -8.34 12.33 9.49
N VAL A 295 -9.15 12.25 8.44
CA VAL A 295 -9.26 13.31 7.45
C VAL A 295 -10.50 14.17 7.67
N HIS A 296 -11.19 14.00 8.80
CA HIS A 296 -12.40 14.74 9.09
C HIS A 296 -12.06 16.02 9.83
N THR A 297 -12.30 17.16 9.19
CA THR A 297 -12.08 18.46 9.80
C THR A 297 -12.88 19.50 9.04
N VAL A 298 -13.05 20.66 9.66
CA VAL A 298 -13.80 21.75 9.05
C VAL A 298 -12.89 22.95 8.88
N GLY A 299 -13.24 23.83 7.94
CA GLY A 299 -12.42 24.97 7.63
C GLY A 299 -11.24 24.59 6.75
N SER A 300 -10.34 25.56 6.58
CA SER A 300 -9.14 25.34 5.78
C SER A 300 -8.16 24.47 6.57
N CYS A 301 -7.89 23.27 6.09
CA CYS A 301 -7.07 22.32 6.82
C CYS A 301 -6.02 21.71 5.91
N PRO A 302 -4.75 21.70 6.32
CA PRO A 302 -3.72 21.03 5.53
C PRO A 302 -3.75 19.53 5.73
N PRO A 303 -2.95 18.76 4.99
CA PRO A 303 -2.94 17.31 5.19
C PRO A 303 -2.53 16.92 6.59
N SER A 304 -3.06 15.78 7.04
CA SER A 304 -2.88 15.31 8.40
C SER A 304 -1.80 14.24 8.47
N ILE A 305 -1.05 14.24 9.56
CA ILE A 305 -0.05 13.21 9.85
C ILE A 305 -0.30 12.71 11.27
N LEU A 306 0.39 11.63 11.62
CA LEU A 306 0.16 10.95 12.90
C LEU A 306 1.20 11.29 13.97
N ARG A 307 2.41 11.70 13.58
CA ARG A 307 3.43 12.04 14.56
C ARG A 307 4.34 13.12 13.99
N ASN A 308 4.87 13.95 14.87
CA ASN A 308 5.69 15.08 14.46
C ASN A 308 7.11 14.65 14.11
N PHE A 309 7.79 15.51 13.37
CA PHE A 309 9.19 15.31 13.01
C PHE A 309 9.92 16.63 13.18
N ASP A 310 11.23 16.55 13.37
CA ASP A 310 12.07 17.71 13.64
C ASP A 310 12.80 18.14 12.37
N VAL A 311 12.76 19.43 12.09
CA VAL A 311 13.48 20.02 10.97
C VAL A 311 14.46 21.06 11.51
N ILE A 312 15.51 21.31 10.72
CA ILE A 312 16.58 22.19 11.15
C ILE A 312 16.10 23.64 11.12
N ASP A 313 16.69 24.46 11.99
CA ASP A 313 16.41 25.88 12.04
C ASP A 313 17.66 26.76 12.13
N GLY A 314 18.80 26.21 12.55
CA GLY A 314 20.02 26.98 12.62
C GLY A 314 21.08 26.49 11.66
N TYR A 315 22.18 25.97 12.19
CA TYR A 315 23.25 25.45 11.36
C TYR A 315 24.02 24.39 12.14
N GLU A 316 24.80 23.59 11.42
CA GLU A 316 25.56 22.52 12.05
C GLU A 316 26.67 23.09 12.92
N ALA A 317 26.96 22.39 14.01
CA ALA A 317 27.98 22.81 14.98
C ALA A 317 29.27 22.05 14.69
N THR A 318 30.07 22.58 13.77
CA THR A 318 31.34 21.97 13.39
C THR A 318 32.48 22.69 14.11
N TRP A 319 32.63 22.37 15.39
CA TRP A 319 33.71 22.92 16.20
C TRP A 319 33.88 22.03 17.43
N GLU A 320 34.65 22.52 18.40
CA GLU A 320 34.86 21.78 19.64
C GLU A 320 33.58 21.67 20.45
N PHE A 335 43.66 26.97 20.15
CA PHE A 335 43.45 26.38 18.82
C PHE A 335 42.28 27.04 18.10
N PHE A 336 42.22 26.84 16.80
CA PHE A 336 41.11 27.30 15.96
C PHE A 336 40.47 26.10 15.31
N THR A 337 39.17 25.89 15.56
CA THR A 337 38.45 24.75 15.05
C THR A 337 37.43 25.10 13.99
N GLY A 338 37.09 26.37 13.81
CA GLY A 338 36.11 26.77 12.83
C GLY A 338 35.14 27.81 13.36
N GLY A 339 34.90 27.78 14.67
CA GLY A 339 34.02 28.74 15.30
C GLY A 339 34.73 30.03 15.66
N ILE A 340 33.95 30.99 16.15
CA ILE A 340 34.45 32.29 16.56
C ILE A 340 34.06 32.51 18.02
N GLN A 341 35.06 32.80 18.85
CA GLN A 341 34.81 32.95 20.28
C GLN A 341 34.06 34.24 20.60
N GLY A 342 34.19 35.25 19.75
CA GLY A 342 33.55 36.53 20.02
C GLY A 342 32.04 36.48 19.86
N ALA A 343 31.40 37.54 20.32
CA ALA A 343 29.96 37.68 20.25
C ALA A 343 29.62 38.66 19.13
N ILE A 344 28.84 38.20 18.15
CA ILE A 344 28.48 39.00 16.99
C ILE A 344 27.00 38.84 16.72
N ASP A 345 26.45 39.81 15.96
CA ASP A 345 25.04 39.80 15.59
C ASP A 345 24.91 39.19 14.19
N GLY A 346 24.88 37.86 14.16
CA GLY A 346 24.78 37.15 12.91
C GLY A 346 25.13 35.68 13.12
N TRP A 347 25.38 35.02 11.99
CA TRP A 347 25.79 33.62 11.98
C TRP A 347 27.22 33.42 11.53
N TYR A 348 27.62 34.08 10.45
CA TYR A 348 28.97 34.00 9.93
C TYR A 348 29.73 35.28 10.26
N GLY A 349 31.05 35.16 10.41
CA GLY A 349 31.84 36.30 10.80
C GLY A 349 33.31 36.13 10.46
N VAL A 350 34.04 37.23 10.68
CA VAL A 350 35.47 37.31 10.43
C VAL A 350 36.13 37.96 11.64
N THR A 351 37.30 37.46 12.04
CA THR A 351 37.96 37.96 13.24
C THR A 351 39.46 37.79 13.12
N ASN A 352 40.17 38.46 14.02
CA ASN A 352 41.62 38.36 14.15
C ASN A 352 42.01 37.99 15.57
N HIS A 353 41.26 37.08 16.18
CA HIS A 353 41.47 36.67 17.57
C HIS A 353 41.40 37.86 18.52
N ASP A 354 40.50 38.79 18.22
CA ASP A 354 40.24 39.92 19.09
C ASP A 354 38.74 40.07 19.26
N THR A 355 38.32 40.47 20.46
CA THR A 355 36.92 40.55 20.83
C THR A 355 36.53 41.99 21.12
N GLY A 356 35.37 42.40 20.62
CA GLY A 356 34.80 43.70 20.93
C GLY A 356 34.91 44.71 19.82
N LYS A 357 36.07 44.79 19.18
CA LYS A 357 36.24 45.76 18.11
C LYS A 357 36.91 45.15 16.87
N GLY A 358 37.64 44.05 17.04
CA GLY A 358 38.32 43.39 15.95
C GLY A 358 37.55 42.29 15.26
N THR A 359 36.26 42.13 15.57
CA THR A 359 35.43 41.08 14.99
C THR A 359 34.16 41.71 14.42
N ALA A 360 33.77 41.26 13.22
CA ALA A 360 32.58 41.79 12.56
C ALA A 360 31.84 40.64 11.88
N ALA A 361 30.57 40.90 11.56
CA ALA A 361 29.70 39.90 10.95
C ALA A 361 29.21 40.43 9.60
N ASP A 362 28.92 39.50 8.70
CA ASP A 362 28.41 39.82 7.37
C ASP A 362 26.98 39.30 7.25
N GLN A 363 26.06 40.19 6.87
CA GLN A 363 24.66 39.85 6.77
C GLN A 363 24.31 39.06 5.52
N THR A 364 25.15 39.11 4.48
CA THR A 364 24.82 38.46 3.22
C THR A 364 24.72 36.94 3.38
N SER A 365 25.71 36.34 4.06
CA SER A 365 25.69 34.90 4.25
C SER A 365 24.51 34.47 5.10
N THR A 366 24.20 35.23 6.15
CA THR A 366 23.05 34.90 7.00
C THR A 366 21.75 34.96 6.21
N GLN A 367 21.58 36.01 5.40
CA GLN A 367 20.38 36.11 4.58
C GLN A 367 20.28 34.96 3.59
N LYS A 368 21.40 34.61 2.97
CA LYS A 368 21.38 33.50 2.01
C LYS A 368 21.01 32.18 2.70
N ALA A 369 21.56 31.94 3.90
CA ALA A 369 21.23 30.72 4.61
C ALA A 369 19.76 30.66 5.00
N VAL A 370 19.21 31.78 5.49
CA VAL A 370 17.80 31.80 5.87
C VAL A 370 16.92 31.58 4.66
N GLU A 371 17.24 32.23 3.54
CA GLU A 371 16.46 32.05 2.32
C GLU A 371 16.53 30.60 1.84
N ALA A 372 17.71 29.98 1.94
CA ALA A 372 17.84 28.58 1.55
C ALA A 372 16.96 27.68 2.41
N ILE A 373 16.94 27.93 3.73
CA ILE A 373 16.09 27.14 4.61
C ILE A 373 14.63 27.28 4.21
N THR A 374 14.19 28.52 3.97
CA THR A 374 12.80 28.75 3.61
C THR A 374 12.44 28.07 2.30
N ASN A 375 13.31 28.18 1.29
CA ASN A 375 13.02 27.58 -0.01
C ASN A 375 12.97 26.06 0.08
N LYS A 376 13.90 25.46 0.83
CA LYS A 376 13.86 24.01 0.98
C LYS A 376 12.59 23.55 1.68
N LEU A 377 12.17 24.27 2.72
CA LEU A 377 10.92 23.90 3.39
C LEU A 377 9.73 24.02 2.44
N ASN A 378 9.69 25.09 1.65
CA ASN A 378 8.57 25.26 0.71
C ASN A 378 8.54 24.15 -0.32
N GLU A 379 9.70 23.77 -0.86
CA GLU A 379 9.74 22.69 -1.83
C GLU A 379 9.28 21.37 -1.21
N ALA A 380 9.71 21.09 0.02
CA ALA A 380 9.28 19.88 0.69
C ALA A 380 7.78 19.87 0.91
N ILE A 381 7.21 20.99 1.33
CA ILE A 381 5.77 21.07 1.55
C ILE A 381 5.02 20.84 0.26
N GLU A 382 5.51 21.42 -0.84
CA GLU A 382 4.87 21.19 -2.13
C GLU A 382 4.92 19.73 -2.54
N ASN A 383 6.07 19.08 -2.34
CA ASN A 383 6.16 17.66 -2.65
C ASN A 383 5.20 16.83 -1.82
N GLY A 384 5.10 17.14 -0.52
CA GLY A 384 4.16 16.43 0.32
C GLY A 384 2.72 16.62 -0.09
N ASN A 385 2.36 17.85 -0.47
CA ASN A 385 1.00 18.12 -0.93
C ASN A 385 0.69 17.35 -2.21
N GLN A 386 1.64 17.31 -3.15
CA GLN A 386 1.41 16.55 -4.38
C GLN A 386 1.26 15.06 -4.10
N ARG A 387 2.08 14.53 -3.19
CA ARG A 387 1.93 13.12 -2.83
C ARG A 387 0.58 12.84 -2.18
N TYR A 388 0.12 13.74 -1.32
CA TYR A 388 -1.19 13.58 -0.70
C TYR A 388 -2.29 13.59 -1.74
N ASN A 389 -2.21 14.51 -2.70
CA ASN A 389 -3.22 14.57 -3.75
C ASN A 389 -3.22 13.31 -4.59
N GLN A 390 -2.03 12.79 -4.92
CA GLN A 390 -1.96 11.55 -5.68
C GLN A 390 -2.54 10.39 -4.88
N LEU A 391 -2.30 10.38 -3.57
CA LEU A 391 -2.67 9.23 -2.74
C LEU A 391 -4.16 9.19 -2.43
N TYR A 392 -4.81 10.35 -2.28
CA TYR A 392 -6.26 10.37 -2.07
C TYR A 392 -7.05 10.71 -3.32
N GLY A 393 -6.48 11.42 -4.27
CA GLY A 393 -7.23 11.85 -5.44
C GLY A 393 -7.59 13.32 -5.32
N LEU A 394 -7.41 14.05 -6.42
CA LEU A 394 -7.63 15.50 -6.40
C LEU A 394 -9.10 15.81 -6.14
N ALA A 395 -10.01 15.08 -6.76
CA ALA A 395 -11.45 15.30 -6.57
C ALA A 395 -12.01 14.33 -5.51
N ARG A 396 -11.52 14.49 -4.29
CA ARG A 396 -11.95 13.65 -3.19
C ARG A 396 -13.10 14.30 -2.43
N THR A 397 -13.56 13.60 -1.39
CA THR A 397 -14.70 14.07 -0.60
C THR A 397 -14.68 13.35 0.74
N GLN A 398 -14.74 14.11 1.83
CA GLN A 398 -14.67 13.51 3.15
C GLN A 398 -15.85 12.59 3.42
N ALA A 399 -17.04 12.95 2.94
CA ALA A 399 -18.23 12.16 3.20
C ALA A 399 -18.04 10.72 2.72
N GLU A 400 -17.66 10.55 1.46
CA GLU A 400 -17.45 9.20 0.94
C GLU A 400 -16.21 8.53 1.51
N LEU A 401 -15.16 9.30 1.79
CA LEU A 401 -13.95 8.73 2.38
C LEU A 401 -14.22 8.13 3.75
N LEU A 402 -15.12 8.71 4.54
CA LEU A 402 -15.46 8.12 5.82
C LEU A 402 -16.61 7.13 5.73
N GLY A 403 -17.51 7.27 4.75
CA GLY A 403 -18.56 6.29 4.58
C GLY A 403 -18.02 4.94 4.13
N ASN A 404 -17.07 4.95 3.20
CA ASN A 404 -16.48 3.69 2.74
C ASN A 404 -15.65 3.04 3.83
N LEU A 405 -15.04 3.83 4.71
CA LEU A 405 -14.28 3.25 5.81
C LEU A 405 -15.17 2.44 6.74
N GLY A 406 -16.34 2.94 7.05
CA GLY A 406 -17.26 2.21 7.91
C GLY A 406 -16.86 2.34 9.36
N LYS A 407 -16.80 1.21 10.05
CA LYS A 407 -16.45 1.17 11.47
C LYS A 407 -14.95 1.07 11.71
N GLU A 408 -14.15 0.98 10.66
CA GLU A 408 -12.70 0.89 10.83
C GLU A 408 -12.13 2.26 11.18
N VAL A 409 -11.31 2.30 12.24
CA VAL A 409 -10.74 3.56 12.69
C VAL A 409 -9.29 3.73 12.27
N ASN A 410 -8.66 2.69 11.71
CA ASN A 410 -7.27 2.76 11.28
C ASN A 410 -7.22 2.96 9.78
N ASP A 411 -6.60 4.05 9.34
CA ASP A 411 -6.42 4.35 7.93
C ASP A 411 -4.96 4.08 7.56
N LEU A 412 -4.75 3.06 6.73
CA LEU A 412 -3.38 2.72 6.33
C LEU A 412 -2.79 3.77 5.41
N ARG A 413 -3.63 4.47 4.65
CA ARG A 413 -3.13 5.53 3.79
C ARG A 413 -2.47 6.64 4.60
N LEU A 414 -3.01 6.92 5.79
CA LEU A 414 -2.37 7.89 6.67
C LEU A 414 -1.00 7.39 7.12
N GLU A 415 -0.87 6.09 7.37
CA GLU A 415 0.44 5.54 7.72
C GLU A 415 1.43 5.70 6.58
N THR A 416 0.98 5.43 5.34
CA THR A 416 1.86 5.62 4.19
C THR A 416 2.27 7.08 4.05
N PHE A 417 1.33 8.01 4.23
CA PHE A 417 1.66 9.43 4.15
C PHE A 417 2.65 9.83 5.24
N THR A 418 2.46 9.32 6.45
CA THR A 418 3.38 9.63 7.54
C THR A 418 4.79 9.13 7.23
N GLU A 419 4.88 7.91 6.70
CA GLU A 419 6.19 7.39 6.32
C GLU A 419 6.83 8.24 5.22
N PHE A 420 6.04 8.69 4.26
CA PHE A 420 6.56 9.56 3.21
C PHE A 420 7.10 10.86 3.79
N ILE A 421 6.38 11.46 4.73
CA ILE A 421 6.84 12.71 5.33
C ILE A 421 8.11 12.47 6.15
N ARG A 422 8.17 11.34 6.86
CA ARG A 422 9.37 11.03 7.62
C ARG A 422 10.58 10.90 6.71
N LEU A 423 10.40 10.26 5.55
CA LEU A 423 11.51 10.15 4.61
C LEU A 423 11.84 11.48 3.96
N GLU A 424 10.85 12.37 3.82
CA GLU A 424 11.10 13.65 3.17
C GLU A 424 11.86 14.60 4.08
N THR A 425 11.61 14.56 5.39
CA THR A 425 12.27 15.47 6.31
C THR A 425 13.78 15.28 6.30
N ILE A 426 14.23 14.03 6.21
CA ILE A 426 15.66 13.75 6.18
C ILE A 426 16.30 14.38 4.94
N LEU A 427 15.63 14.26 3.79
CA LEU A 427 16.13 14.89 2.58
C LEU A 427 16.17 16.40 2.73
N VAL A 428 15.18 16.98 3.41
CA VAL A 428 15.18 18.42 3.66
C VAL A 428 16.43 18.83 4.43
N ASN A 429 16.71 18.10 5.52
CA ASN A 429 17.88 18.43 6.33
C ASN A 429 19.17 18.29 5.53
N THR A 430 19.26 17.22 4.73
CA THR A 430 20.47 17.00 3.93
C THR A 430 20.67 18.13 2.94
N ARG A 431 19.61 18.53 2.25
CA ARG A 431 19.73 19.60 1.26
C ARG A 431 20.11 20.92 1.92
N ILE A 432 19.51 21.23 3.07
CA ILE A 432 19.84 22.48 3.77
C ILE A 432 21.30 22.49 4.17
N ILE A 433 21.79 21.38 4.74
CA ILE A 433 23.18 21.33 5.19
C ILE A 433 24.13 21.46 4.01
N GLU A 434 23.82 20.78 2.90
CA GLU A 434 24.68 20.88 1.72
C GLU A 434 24.70 22.30 1.18
N GLU A 435 23.56 22.98 1.15
CA GLU A 435 23.52 24.36 0.69
C GLU A 435 24.34 25.27 1.59
N HIS A 436 24.26 25.06 2.91
CA HIS A 436 25.08 25.86 3.81
C HIS A 436 26.56 25.64 3.57
N GLN A 437 26.95 24.39 3.34
CA GLN A 437 28.36 24.10 3.05
C GLN A 437 28.80 24.79 1.77
N ALA A 438 27.96 24.76 0.73
CA ALA A 438 28.31 25.43 -0.52
C ALA A 438 28.45 26.94 -0.31
N ILE A 439 27.55 27.54 0.47
CA ILE A 439 27.64 28.97 0.74
C ILE A 439 28.95 29.30 1.44
N GLY A 440 29.32 28.50 2.45
CA GLY A 440 30.56 28.74 3.15
C GLY A 440 31.78 28.62 2.26
N SER A 441 31.81 27.59 1.41
CA SER A 441 32.93 27.41 0.49
C SER A 441 33.04 28.57 -0.48
N LYS A 442 31.91 29.00 -1.04
CA LYS A 442 31.94 30.14 -1.96
C LYS A 442 32.44 31.40 -1.27
N LYS A 443 31.98 31.64 -0.03
CA LYS A 443 32.41 32.83 0.69
C LYS A 443 33.90 32.81 0.97
N LYS A 444 34.43 31.66 1.40
CA LYS A 444 35.86 31.61 1.72
C LYS A 444 36.71 31.74 0.46
N GLU A 445 36.25 31.14 -0.65
CA GLU A 445 36.99 31.30 -1.90
C GLU A 445 36.98 32.74 -2.36
N GLU A 446 35.84 33.43 -2.22
CA GLU A 446 35.78 34.84 -2.59
C GLU A 446 36.71 35.69 -1.73
N VAL A 447 36.75 35.41 -0.42
CA VAL A 447 37.65 36.15 0.46
C VAL A 447 39.10 35.91 0.08
N LYS A 448 39.46 34.66 -0.23
CA LYS A 448 40.83 34.36 -0.64
C LYS A 448 41.18 35.10 -1.93
N ARG A 449 40.26 35.13 -2.88
CA ARG A 449 40.52 35.85 -4.13
C ARG A 449 40.69 37.34 -3.86
N LEU A 450 39.86 37.90 -2.98
CA LEU A 450 39.95 39.33 -2.67
C LEU A 450 41.26 39.66 -1.97
N LEU A 451 41.76 38.75 -1.13
CA LEU A 451 42.98 39.03 -0.37
C LEU A 451 44.18 39.22 -1.29
N GLY A 452 44.30 38.36 -2.31
CA GLY A 452 45.41 38.46 -3.23
C GLY A 452 46.32 37.24 -3.19
N PRO A 453 47.28 37.18 -4.12
CA PRO A 453 48.17 36.02 -4.20
C PRO A 453 49.38 36.07 -3.27
N ASN A 454 49.67 37.22 -2.67
CA ASN A 454 50.80 37.34 -1.75
C ASN A 454 50.44 37.02 -0.31
N ALA A 455 49.20 36.61 -0.05
CA ALA A 455 48.76 36.26 1.30
C ALA A 455 48.72 34.74 1.44
N LEU A 456 49.42 34.24 2.44
CA LEU A 456 49.46 32.80 2.67
C LEU A 456 48.10 32.30 3.15
N ASP A 457 47.72 31.11 2.70
CA ASP A 457 46.46 30.48 3.06
C ASP A 457 46.75 29.26 3.92
N LEU A 458 46.14 29.23 5.11
CA LEU A 458 46.34 28.09 6.01
C LEU A 458 45.61 26.85 5.53
N GLY A 459 44.49 27.02 4.82
CA GLY A 459 43.70 25.91 4.34
C GLY A 459 42.57 25.50 5.25
N ASN A 460 42.56 25.95 6.49
CA ASN A 460 41.49 25.65 7.44
C ASN A 460 40.52 26.82 7.61
N GLY A 461 40.55 27.78 6.69
CA GLY A 461 39.72 28.96 6.78
C GLY A 461 40.46 30.21 7.24
N CYS A 462 41.66 30.05 7.78
CA CYS A 462 42.45 31.19 8.24
C CYS A 462 43.45 31.61 7.17
N PHE A 463 43.81 32.89 7.21
CA PHE A 463 44.81 33.45 6.32
C PHE A 463 45.86 34.16 7.15
N ASN A 464 47.09 34.16 6.66
CA ASN A 464 48.22 34.73 7.38
C ASN A 464 48.92 35.73 6.47
N LEU A 465 48.77 37.00 6.78
CA LEU A 465 49.26 38.08 5.91
C LEU A 465 50.73 38.35 6.17
N THR A 466 51.38 38.96 5.18
CA THR A 466 52.78 39.33 5.30
C THR A 466 52.99 40.59 6.13
N HIS A 467 51.93 41.35 6.38
CA HIS A 467 51.99 42.59 7.14
C HIS A 467 51.13 42.46 8.40
N THR A 468 51.17 43.48 9.24
CA THR A 468 50.29 43.55 10.39
C THR A 468 48.91 44.01 9.94
N CYS A 469 47.88 43.41 10.52
CA CYS A 469 46.49 43.63 10.11
C CYS A 469 45.68 43.98 11.34
N ASP A 470 45.45 45.28 11.55
CA ASP A 470 44.70 45.74 12.72
C ASP A 470 43.21 45.51 12.52
N SER A 471 42.41 46.05 13.44
CA SER A 471 40.97 45.82 13.40
C SER A 471 40.31 46.58 12.24
N ASN A 472 40.85 47.73 11.85
CA ASN A 472 40.38 48.39 10.64
C ASN A 472 40.69 47.53 9.42
N CYS A 473 41.87 46.92 9.39
CA CYS A 473 42.18 45.92 8.37
C CYS A 473 41.16 44.79 8.36
N VAL A 474 40.57 44.47 9.51
CA VAL A 474 39.58 43.40 9.56
C VAL A 474 38.24 43.87 9.02
N ASN A 475 37.72 44.98 9.55
CA ASN A 475 36.38 45.39 9.16
C ASN A 475 36.33 45.96 7.75
N SER A 476 37.48 46.34 7.17
CA SER A 476 37.50 46.73 5.77
C SER A 476 37.13 45.57 4.86
N ILE A 477 37.61 44.36 5.19
CA ILE A 477 37.28 43.18 4.41
C ILE A 477 35.79 42.85 4.53
N SER A 478 35.18 43.24 5.65
CA SER A 478 33.79 42.87 5.92
C SER A 478 32.86 43.35 4.81
N ARG A 479 33.00 44.61 4.40
CA ARG A 479 32.20 45.11 3.28
C ARG A 479 32.94 45.04 1.95
N GLY A 480 34.15 44.47 1.92
CA GLY A 480 34.87 44.29 0.68
C GLY A 480 35.62 45.49 0.17
N THR A 481 35.67 46.58 0.93
CA THR A 481 36.37 47.79 0.51
C THR A 481 37.85 47.76 0.86
N TYR A 482 38.37 46.62 1.31
CA TYR A 482 39.78 46.52 1.67
C TYR A 482 40.66 46.70 0.44
N THR A 483 41.78 47.38 0.63
CA THR A 483 42.74 47.63 -0.43
C THR A 483 44.15 47.27 0.05
N ARG A 484 44.97 46.78 -0.89
CA ARG A 484 46.31 46.34 -0.59
C ARG A 484 47.29 47.49 -0.39
N GLU A 485 47.02 48.65 -0.98
CA GLU A 485 48.00 49.74 -1.00
C GLU A 485 48.33 50.25 0.40
N ASN A 486 47.30 50.42 1.24
CA ASN A 486 47.49 51.04 2.54
C ASN A 486 48.18 50.14 3.56
N TYR A 487 48.39 48.87 3.24
CA TYR A 487 48.94 47.91 4.19
C TYR A 487 50.25 47.28 3.71
N ILE A 488 50.89 47.85 2.69
CA ILE A 488 52.13 47.27 2.18
C ILE A 488 53.26 47.39 3.22
N HIS A 489 53.20 48.42 4.06
CA HIS A 489 54.28 48.69 5.00
C HIS A 489 54.46 47.54 5.98
N ASN A 490 55.73 47.34 6.38
CA ASN A 490 56.16 46.30 7.32
C ASN A 490 56.00 44.89 6.75
N VAL A 491 56.84 43.97 7.20
CA VAL A 491 56.82 42.58 6.75
C VAL A 491 56.89 41.68 7.98
N THR A 492 55.98 40.71 8.06
CA THR A 492 55.94 39.80 9.19
C THR A 492 55.36 38.47 8.73
N LEU A 493 55.68 37.41 9.45
CA LEU A 493 55.12 36.09 9.16
C LEU A 493 54.67 35.42 10.46
N ASN B 1 55.20 26.95 -19.55
CA ASN B 1 54.37 27.84 -18.76
C ASN B 1 53.59 27.06 -17.70
N GLN B 2 52.32 26.79 -17.99
CA GLN B 2 51.48 26.01 -17.10
C GLN B 2 50.50 25.18 -17.94
N ILE B 3 49.99 24.12 -17.33
CA ILE B 3 49.09 23.18 -17.99
C ILE B 3 47.90 22.92 -17.07
N CYS B 4 46.73 22.76 -17.69
CA CYS B 4 45.50 22.51 -16.94
C CYS B 4 44.69 21.44 -17.65
N ILE B 5 43.85 20.75 -16.87
CA ILE B 5 42.95 19.73 -17.39
C ILE B 5 41.55 20.04 -16.87
N GLY B 6 40.55 19.53 -17.57
CA GLY B 6 39.19 19.76 -17.13
C GLY B 6 38.18 19.25 -18.15
N LYS B 7 36.97 19.78 -18.06
CA LYS B 7 35.87 19.41 -18.94
C LYS B 7 35.67 20.49 -20.00
N ALA B 8 35.23 20.04 -21.18
CA ALA B 8 34.90 20.98 -22.24
C ALA B 8 33.68 21.82 -21.86
N ILE B 9 33.72 23.10 -22.17
CA ILE B 9 32.65 24.02 -21.80
C ILE B 9 31.56 23.95 -22.86
N LYS B 10 30.35 23.63 -22.43
CA LYS B 10 29.17 23.59 -23.28
C LYS B 10 28.03 24.33 -22.62
N PRO B 11 27.08 24.85 -23.39
CA PRO B 11 25.95 25.56 -22.79
C PRO B 11 25.12 24.64 -21.91
N ILE B 12 24.56 25.21 -20.85
CA ILE B 12 23.75 24.42 -19.92
C ILE B 12 22.41 24.12 -20.53
N ASN B 13 22.02 22.85 -20.52
CA ASN B 13 20.75 22.43 -21.09
C ASN B 13 19.63 22.41 -20.06
N GLY B 14 19.86 21.74 -18.93
CA GLY B 14 18.80 21.63 -17.95
C GLY B 14 19.26 21.36 -16.53
N THR B 15 18.31 21.03 -15.65
CA THR B 15 18.61 20.72 -14.26
C THR B 15 17.94 19.40 -13.88
N VAL B 16 18.70 18.53 -13.24
CA VAL B 16 18.20 17.26 -12.74
C VAL B 16 18.24 17.30 -11.22
N GLU B 17 17.53 16.36 -10.61
CA GLU B 17 17.37 16.32 -9.16
C GLU B 17 18.24 15.21 -8.60
N THR B 18 19.22 15.58 -7.78
CA THR B 18 20.07 14.63 -7.08
C THR B 18 19.53 14.48 -5.65
N VAL B 19 20.07 13.50 -4.92
CA VAL B 19 19.60 13.22 -3.57
C VAL B 19 19.76 14.45 -2.67
N SER B 20 20.89 15.13 -2.77
CA SER B 20 21.21 16.20 -1.83
C SER B 20 21.20 17.60 -2.45
N ARG B 21 20.96 17.73 -3.75
CA ARG B 21 20.96 19.05 -4.38
C ARG B 21 20.35 18.93 -5.77
N MET B 22 20.30 20.08 -6.46
CA MET B 22 19.87 20.16 -7.85
C MET B 22 21.09 20.41 -8.72
N ALA B 23 21.27 19.57 -9.72
CA ALA B 23 22.48 19.61 -10.56
C ALA B 23 22.16 20.20 -11.92
N LYS B 24 23.06 21.04 -12.41
CA LYS B 24 22.93 21.63 -13.74
C LYS B 24 23.72 20.81 -14.74
N VAL B 25 23.04 20.27 -15.75
CA VAL B 25 23.65 19.35 -16.70
C VAL B 25 23.50 19.89 -18.11
N THR B 26 24.43 19.49 -18.97
CA THR B 26 24.46 19.90 -20.37
C THR B 26 23.61 19.02 -21.26
N GLY B 27 22.96 18.00 -20.71
CA GLY B 27 22.11 17.13 -21.50
C GLY B 27 21.29 16.18 -20.65
N MET B 28 20.01 16.05 -20.98
CA MET B 28 19.14 15.15 -20.22
C MET B 28 18.09 14.58 -21.18
N LYS B 29 17.50 13.46 -20.77
CA LYS B 29 16.46 12.81 -21.55
C LYS B 29 15.37 12.34 -20.61
N LYS B 30 14.34 11.70 -21.18
CA LYS B 30 13.19 11.24 -20.42
C LYS B 30 13.23 9.72 -20.31
N VAL B 31 12.86 9.21 -19.14
CA VAL B 31 13.02 7.79 -18.85
C VAL B 31 12.03 6.95 -19.66
N GLY B 32 10.79 7.41 -19.79
CA GLY B 32 9.74 6.63 -20.41
C GLY B 32 9.31 7.17 -21.77
N GLY B 33 8.84 6.26 -22.62
CA GLY B 33 8.31 6.66 -23.91
C GLY B 33 6.93 7.27 -23.80
N GLU B 34 6.55 8.00 -24.84
CA GLU B 34 5.33 8.77 -24.85
C GLU B 34 4.39 8.26 -25.93
N ARG B 35 3.08 8.31 -25.65
CA ARG B 35 2.10 7.82 -26.59
C ARG B 35 2.06 8.71 -27.84
N MET B 36 1.71 8.09 -28.96
CA MET B 36 1.62 8.78 -30.24
C MET B 36 0.16 8.91 -30.65
N GLN B 37 -0.07 9.61 -31.77
CA GLN B 37 -1.41 10.05 -32.11
C GLN B 37 -2.27 8.90 -32.63
N LYS B 38 -1.69 8.00 -33.41
CA LYS B 38 -2.43 6.99 -34.14
C LYS B 38 -2.00 5.59 -33.71
N ILE B 39 -2.57 4.58 -34.36
CA ILE B 39 -2.25 3.18 -34.10
C ILE B 39 -1.56 2.61 -35.33
N CYS B 40 -0.33 2.12 -35.16
CA CYS B 40 0.43 1.52 -36.24
C CYS B 40 0.13 0.04 -36.28
N ALA B 41 -0.78 -0.38 -37.16
CA ALA B 41 -1.26 -1.75 -37.22
C ALA B 41 -0.95 -2.38 -38.57
N LYS B 42 0.27 -2.14 -39.07
CA LYS B 42 0.71 -2.77 -40.30
C LYS B 42 0.99 -4.25 -40.06
N GLY B 43 0.57 -5.09 -40.99
CA GLY B 43 0.78 -6.52 -40.85
C GLY B 43 0.01 -7.15 -39.72
N GLU B 44 -1.17 -6.62 -39.40
CA GLU B 44 -2.03 -7.19 -38.38
C GLU B 44 -3.48 -7.05 -38.81
N GLN B 45 -4.27 -8.08 -38.55
CA GLN B 45 -5.67 -8.10 -38.95
C GLN B 45 -6.56 -7.53 -37.86
N ILE B 46 -7.65 -6.90 -38.29
CA ILE B 46 -8.57 -6.21 -37.39
C ILE B 46 -9.94 -6.84 -37.54
N HIS B 47 -10.57 -7.18 -36.41
CA HIS B 47 -11.91 -7.74 -36.39
C HIS B 47 -12.91 -6.63 -36.07
N ASP B 48 -13.93 -6.50 -36.93
CA ASP B 48 -14.98 -5.50 -36.73
C ASP B 48 -16.31 -6.14 -37.12
N SER B 49 -17.14 -6.43 -36.12
CA SER B 49 -18.46 -7.02 -36.31
C SER B 49 -19.49 -6.28 -35.46
N SER B 50 -19.42 -4.95 -35.47
CA SER B 50 -20.25 -4.12 -34.63
C SER B 50 -21.64 -3.88 -35.21
N SER B 51 -21.91 -4.37 -36.42
CA SER B 51 -23.19 -4.12 -37.06
C SER B 51 -24.14 -5.31 -36.98
N ALA B 52 -23.68 -6.49 -36.57
CA ALA B 52 -24.54 -7.66 -36.53
C ALA B 52 -24.47 -8.39 -35.19
N CYS B 53 -23.34 -8.32 -34.51
CA CYS B 53 -23.12 -9.11 -33.30
C CYS B 53 -23.34 -8.28 -32.05
N GLY B 54 -23.25 -8.95 -30.91
CA GLY B 54 -23.29 -8.30 -29.61
C GLY B 54 -22.34 -9.02 -28.68
N ILE B 55 -22.23 -8.51 -27.46
CA ILE B 55 -21.31 -9.10 -26.49
C ILE B 55 -21.75 -10.51 -26.13
N VAL B 56 -23.03 -10.68 -25.81
CA VAL B 56 -23.54 -11.99 -25.41
C VAL B 56 -23.62 -12.97 -26.57
N SER B 57 -23.87 -12.48 -27.78
CA SER B 57 -24.01 -13.38 -28.93
C SER B 57 -22.71 -14.11 -29.21
N HIS B 58 -21.57 -13.46 -28.98
CA HIS B 58 -20.29 -14.14 -29.14
C HIS B 58 -20.14 -15.28 -28.14
N HIS B 59 -20.57 -15.06 -26.90
CA HIS B 59 -20.49 -16.12 -25.90
C HIS B 59 -21.40 -17.28 -26.25
N LEU B 60 -22.62 -16.98 -26.69
CA LEU B 60 -23.61 -18.02 -26.96
C LEU B 60 -23.49 -18.62 -28.36
N LYS B 61 -22.50 -18.17 -29.14
CA LYS B 61 -22.17 -18.79 -30.44
C LYS B 61 -23.34 -18.66 -31.43
N GLN B 62 -23.86 -17.44 -31.57
CA GLN B 62 -24.84 -17.18 -32.60
C GLN B 62 -24.19 -17.29 -33.97
N GLU B 63 -25.01 -17.61 -34.98
CA GLU B 63 -24.48 -17.78 -36.33
C GLU B 63 -23.84 -16.49 -36.81
N GLY B 64 -22.60 -16.61 -37.29
CA GLY B 64 -21.86 -15.46 -37.76
C GLY B 64 -21.16 -14.65 -36.70
N CYS B 65 -21.23 -15.05 -35.44
CA CYS B 65 -20.63 -14.31 -34.33
C CYS B 65 -19.88 -15.33 -33.46
N ASP B 66 -18.63 -15.62 -33.80
CA ASP B 66 -17.89 -16.69 -33.15
C ASP B 66 -16.46 -16.30 -32.85
N PHE B 67 -16.26 -15.09 -32.31
CA PHE B 67 -14.90 -14.68 -31.96
C PHE B 67 -14.23 -15.58 -30.93
N PRO B 68 -14.87 -15.98 -29.83
CA PRO B 68 -14.14 -16.80 -28.83
C PRO B 68 -13.68 -18.15 -29.35
N PHE B 69 -14.25 -18.64 -30.45
CA PHE B 69 -13.93 -19.96 -30.96
C PHE B 69 -13.08 -19.92 -32.22
N LEU B 70 -12.42 -18.80 -32.50
CA LEU B 70 -11.55 -18.70 -33.65
C LEU B 70 -10.23 -19.44 -33.39
N LEU B 71 -9.39 -19.51 -34.41
CA LEU B 71 -8.07 -20.10 -34.29
C LEU B 71 -6.96 -19.05 -34.24
N ASN B 72 -6.99 -18.10 -35.16
CA ASN B 72 -6.04 -16.99 -35.18
C ASN B 72 -6.82 -15.74 -34.79
N LYS B 73 -6.91 -15.49 -33.49
CA LYS B 73 -7.71 -14.38 -32.99
C LYS B 73 -6.98 -13.06 -33.25
N PRO B 74 -7.63 -12.10 -33.89
CA PRO B 74 -6.97 -10.82 -34.16
C PRO B 74 -6.68 -10.05 -32.88
N LYS B 75 -5.66 -9.20 -32.95
CA LYS B 75 -5.27 -8.40 -31.80
C LYS B 75 -6.21 -7.24 -31.55
N PHE B 76 -6.86 -6.73 -32.59
CA PHE B 76 -7.81 -5.63 -32.48
C PHE B 76 -9.21 -6.15 -32.78
N ALA B 77 -10.15 -5.90 -31.88
CA ALA B 77 -11.51 -6.36 -32.02
C ALA B 77 -12.49 -5.26 -31.67
N THR B 78 -13.63 -5.25 -32.36
CA THR B 78 -14.68 -4.28 -32.13
C THR B 78 -16.02 -4.94 -32.39
N THR B 79 -16.98 -4.71 -31.51
CA THR B 79 -18.31 -5.29 -31.65
C THR B 79 -19.34 -4.31 -31.11
N GLY B 80 -20.60 -4.72 -31.15
CA GLY B 80 -21.69 -3.88 -30.70
C GLY B 80 -21.71 -3.73 -29.19
N PRO B 81 -22.54 -2.81 -28.69
CA PRO B 81 -22.62 -2.58 -27.24
C PRO B 81 -23.19 -3.77 -26.49
N MET B 82 -23.26 -3.65 -25.16
CA MET B 82 -23.71 -4.77 -24.34
C MET B 82 -25.20 -5.02 -24.48
N ASN B 83 -26.00 -3.97 -24.65
CA ASN B 83 -27.46 -4.09 -24.66
C ASN B 83 -28.02 -4.36 -26.05
N THR B 84 -27.26 -4.97 -26.94
CA THR B 84 -27.78 -5.33 -28.25
C THR B 84 -28.80 -6.46 -28.14
N SER B 85 -29.62 -6.57 -29.16
CA SER B 85 -30.69 -7.57 -29.21
C SER B 85 -30.24 -8.76 -30.05
N THR B 86 -30.25 -9.94 -29.44
CA THR B 86 -29.90 -11.16 -30.15
C THR B 86 -31.12 -11.73 -30.87
N THR B 87 -30.88 -12.74 -31.70
CA THR B 87 -31.93 -13.35 -32.50
C THR B 87 -32.57 -14.56 -31.82
N GLY B 88 -32.18 -14.88 -30.59
CA GLY B 88 -32.74 -16.03 -29.91
C GLY B 88 -33.52 -15.65 -28.66
N PHE B 89 -33.05 -16.10 -27.51
CA PHE B 89 -33.73 -15.82 -26.26
C PHE B 89 -33.50 -14.37 -25.83
N ASN B 90 -34.44 -13.85 -25.06
CA ASN B 90 -34.18 -12.64 -24.29
C ASN B 90 -33.17 -12.97 -23.21
N PHE B 91 -32.33 -11.99 -22.86
CA PHE B 91 -31.26 -12.29 -21.91
C PHE B 91 -31.19 -11.23 -20.83
N TYR B 92 -30.81 -11.68 -19.63
CA TYR B 92 -30.55 -10.81 -18.49
C TYR B 92 -29.21 -11.21 -17.87
N LEU B 93 -28.41 -10.21 -17.53
CA LEU B 93 -27.08 -10.42 -16.97
C LEU B 93 -26.92 -9.66 -15.67
N THR B 94 -26.29 -10.30 -14.69
CA THR B 94 -25.98 -9.66 -13.43
C THR B 94 -24.83 -8.67 -13.62
N GLU B 95 -24.62 -7.81 -12.62
CA GLU B 95 -23.55 -6.82 -12.71
C GLU B 95 -22.19 -7.49 -12.86
N LYS B 96 -21.93 -8.53 -12.06
CA LYS B 96 -20.70 -9.28 -12.21
C LYS B 96 -20.61 -9.91 -13.60
N ALA B 97 -21.72 -10.46 -14.09
CA ALA B 97 -21.72 -11.06 -15.41
C ALA B 97 -21.42 -10.02 -16.48
N LYS B 98 -21.98 -8.81 -16.35
CA LYS B 98 -21.68 -7.76 -17.31
C LYS B 98 -20.20 -7.38 -17.26
N SER B 99 -19.66 -7.19 -16.06
CA SER B 99 -18.27 -6.78 -15.93
C SER B 99 -17.32 -7.84 -16.47
N TRP B 100 -17.67 -9.11 -16.36
CA TRP B 100 -16.79 -10.16 -16.85
C TRP B 100 -17.00 -10.47 -18.32
N MET B 101 -18.21 -10.26 -18.84
CA MET B 101 -18.47 -10.42 -20.26
C MET B 101 -17.89 -9.27 -21.08
N ASN B 102 -17.68 -8.11 -20.46
CA ASN B 102 -16.97 -7.04 -21.14
C ASN B 102 -15.55 -7.46 -21.52
N ILE B 103 -15.01 -8.48 -20.88
CA ILE B 103 -13.62 -8.91 -21.05
C ILE B 103 -13.53 -10.26 -21.75
N THR B 104 -14.31 -11.25 -21.28
CA THR B 104 -14.12 -12.62 -21.72
C THR B 104 -14.51 -12.86 -23.17
N TRP B 105 -15.18 -11.92 -23.82
CA TRP B 105 -15.57 -12.13 -25.21
C TRP B 105 -14.41 -12.01 -26.19
N ARG B 106 -13.25 -11.52 -25.74
CA ARG B 106 -12.14 -11.23 -26.63
C ARG B 106 -10.81 -11.71 -26.08
N VAL B 107 -10.81 -12.73 -25.22
CA VAL B 107 -9.57 -13.29 -24.73
C VAL B 107 -8.86 -14.01 -25.87
N LEU B 108 -7.53 -13.87 -25.93
CA LEU B 108 -6.74 -14.44 -27.01
C LEU B 108 -6.26 -15.86 -26.71
N GLY B 109 -6.63 -16.43 -25.57
CA GLY B 109 -6.26 -17.78 -25.23
C GLY B 109 -7.12 -18.81 -25.91
N GLU B 110 -6.95 -20.05 -25.51
CA GLU B 110 -7.76 -21.16 -26.00
C GLU B 110 -8.76 -21.56 -24.93
N ASN B 111 -10.04 -21.58 -25.29
CA ASN B 111 -11.12 -21.82 -24.35
C ASN B 111 -11.45 -23.31 -24.30
N LYS B 112 -11.64 -23.83 -23.09
CA LYS B 112 -11.88 -25.24 -22.88
C LYS B 112 -13.37 -25.51 -22.78
N ASP B 113 -13.81 -26.59 -23.43
CA ASP B 113 -15.22 -26.97 -23.49
C ASP B 113 -15.43 -28.23 -22.66
N PHE B 114 -16.60 -28.33 -22.04
CA PHE B 114 -16.95 -29.51 -21.25
C PHE B 114 -18.41 -29.92 -21.46
N GLY B 115 -18.99 -29.55 -22.60
CA GLY B 115 -20.38 -29.91 -22.87
C GLY B 115 -20.59 -31.40 -23.02
N ASP B 116 -19.61 -32.10 -23.61
CA ASP B 116 -19.74 -33.53 -23.81
C ASP B 116 -19.82 -34.28 -22.48
N ASN B 117 -19.05 -33.83 -21.49
CA ASN B 117 -19.11 -34.45 -20.17
C ASN B 117 -20.49 -34.30 -19.55
N LEU B 118 -21.06 -33.10 -19.63
CA LEU B 118 -22.41 -32.88 -19.11
C LEU B 118 -23.42 -33.75 -19.84
N VAL B 119 -23.29 -33.86 -21.18
CA VAL B 119 -24.23 -34.65 -21.95
C VAL B 119 -24.15 -36.12 -21.55
N GLU B 120 -22.92 -36.64 -21.38
CA GLU B 120 -22.79 -38.06 -21.05
C GLU B 120 -23.14 -38.33 -19.59
N LYS B 121 -23.13 -37.30 -18.74
CA LYS B 121 -23.54 -37.51 -17.35
C LYS B 121 -25.06 -37.44 -17.18
N TYR B 122 -25.69 -36.39 -17.69
CA TYR B 122 -27.10 -36.13 -17.41
C TYR B 122 -27.98 -36.26 -18.65
N GLY B 123 -27.53 -36.97 -19.67
CA GLY B 123 -28.34 -37.15 -20.86
C GLY B 123 -28.32 -35.94 -21.77
N GLU B 124 -29.22 -35.96 -22.75
CA GLU B 124 -29.27 -34.91 -23.74
C GLU B 124 -29.81 -33.61 -23.14
N SER B 125 -29.44 -32.50 -23.78
CA SER B 125 -29.86 -31.19 -23.33
C SER B 125 -31.34 -30.96 -23.62
N GLY B 126 -31.90 -29.94 -22.97
CA GLY B 126 -33.26 -29.56 -23.26
C GLY B 126 -33.39 -28.98 -24.66
N ALA B 127 -34.59 -29.13 -25.22
CA ALA B 127 -34.86 -28.72 -26.60
C ALA B 127 -35.91 -27.63 -26.63
N THR B 128 -35.58 -26.53 -27.29
CA THR B 128 -36.53 -25.45 -27.52
C THR B 128 -36.33 -24.92 -28.94
N SER B 129 -37.45 -24.57 -29.57
CA SER B 129 -37.40 -24.11 -30.96
C SER B 129 -37.01 -22.65 -31.08
N GLU B 130 -37.03 -21.89 -29.99
CA GLU B 130 -36.69 -20.47 -30.04
C GLU B 130 -35.19 -20.23 -30.06
N GLY B 131 -34.38 -21.26 -29.80
CA GLY B 131 -32.95 -21.10 -29.80
C GLY B 131 -32.25 -21.91 -30.87
N ALA B 132 -32.90 -22.05 -32.03
CA ALA B 132 -32.29 -22.76 -33.14
C ALA B 132 -31.06 -22.05 -33.64
N THR B 133 -31.08 -20.71 -33.64
CA THR B 133 -29.91 -19.94 -34.07
C THR B 133 -28.75 -20.12 -33.10
N LEU B 134 -29.05 -20.17 -31.80
CA LEU B 134 -27.99 -20.23 -30.80
C LEU B 134 -27.53 -21.68 -30.63
N LYS B 135 -26.26 -21.85 -30.26
CA LYS B 135 -25.68 -23.19 -30.27
C LYS B 135 -24.78 -23.52 -29.10
N ASN B 136 -24.63 -22.64 -28.11
CA ASN B 136 -23.69 -22.86 -27.01
C ASN B 136 -24.40 -22.68 -25.67
N TYR B 137 -25.03 -23.75 -25.19
CA TYR B 137 -25.67 -23.78 -23.89
C TYR B 137 -26.13 -25.20 -23.61
N TYR B 138 -26.29 -25.53 -22.33
CA TYR B 138 -26.81 -26.82 -21.90
C TYR B 138 -27.98 -26.61 -20.96
N TRP B 139 -29.17 -27.00 -21.39
CA TRP B 139 -30.39 -26.84 -20.61
C TRP B 139 -30.67 -28.13 -19.86
N TYR B 140 -30.83 -28.03 -18.54
CA TYR B 140 -31.01 -29.20 -17.67
C TYR B 140 -32.49 -29.37 -17.37
N VAL B 141 -33.11 -30.34 -18.03
CA VAL B 141 -34.51 -30.68 -17.75
C VAL B 141 -34.64 -32.19 -17.56
N PRO B 142 -34.38 -32.71 -16.37
CA PRO B 142 -34.51 -34.15 -16.14
C PRO B 142 -35.96 -34.60 -16.21
N THR B 143 -36.13 -35.90 -16.46
CA THR B 143 -37.48 -36.46 -16.56
C THR B 143 -38.23 -36.36 -15.23
N ALA B 144 -37.53 -36.62 -14.12
CA ALA B 144 -38.14 -36.57 -12.79
C ALA B 144 -37.80 -35.21 -12.17
N LYS B 145 -38.65 -34.23 -12.47
CA LYS B 145 -38.44 -32.89 -11.95
C LYS B 145 -38.82 -32.85 -10.47
N PRO B 146 -38.12 -32.04 -9.65
CA PRO B 146 -36.97 -31.22 -10.05
C PRO B 146 -35.67 -32.00 -10.13
N GLY B 147 -35.48 -32.95 -9.21
CA GLY B 147 -34.31 -33.79 -9.21
C GLY B 147 -33.02 -33.02 -9.08
N PRO B 148 -32.78 -32.41 -7.93
CA PRO B 148 -31.55 -31.63 -7.76
C PRO B 148 -30.32 -32.51 -7.73
N VAL B 149 -29.25 -32.04 -8.37
CA VAL B 149 -27.96 -32.73 -8.39
C VAL B 149 -26.85 -31.70 -8.20
N VAL B 150 -25.65 -32.20 -7.98
CA VAL B 150 -24.46 -31.37 -7.87
C VAL B 150 -23.43 -31.87 -8.88
N TYR B 151 -22.97 -30.97 -9.74
CA TYR B 151 -22.04 -31.30 -10.81
C TYR B 151 -20.63 -30.91 -10.36
N GLU B 152 -19.76 -31.90 -10.26
CA GLU B 152 -18.37 -31.73 -9.85
C GLU B 152 -17.48 -31.88 -11.07
N LYS B 153 -16.49 -30.99 -11.20
CA LYS B 153 -15.52 -31.16 -12.27
C LYS B 153 -14.21 -30.48 -11.92
N LEU B 154 -13.11 -31.15 -12.24
CA LEU B 154 -11.78 -30.58 -12.09
C LEU B 154 -11.49 -29.68 -13.28
N ALA B 155 -11.27 -28.40 -13.02
CA ALA B 155 -11.09 -27.44 -14.10
C ALA B 155 -9.79 -27.69 -14.85
N GLU B 156 -9.78 -27.30 -16.12
CA GLU B 156 -8.61 -27.46 -16.97
C GLU B 156 -7.77 -26.20 -17.09
N CYS B 157 -8.38 -25.02 -16.90
CA CYS B 157 -7.64 -23.77 -16.94
C CYS B 157 -8.29 -22.82 -15.93
N THR B 158 -7.74 -21.62 -15.82
CA THR B 158 -8.27 -20.58 -14.95
C THR B 158 -9.11 -19.64 -15.81
N GLY B 159 -10.40 -19.59 -15.55
CA GLY B 159 -11.28 -18.79 -16.37
C GLY B 159 -12.58 -18.46 -15.66
N THR B 160 -13.61 -18.20 -16.47
CA THR B 160 -14.91 -17.80 -15.98
C THR B 160 -15.98 -18.70 -16.61
N ILE B 161 -16.99 -19.04 -15.81
CA ILE B 161 -18.09 -19.90 -16.26
C ILE B 161 -19.41 -19.17 -16.00
N TYR B 162 -20.26 -19.13 -17.01
CA TYR B 162 -21.55 -18.45 -16.92
C TYR B 162 -22.66 -19.47 -16.73
N TYR B 163 -23.46 -19.28 -15.68
CA TYR B 163 -24.50 -20.22 -15.30
C TYR B 163 -25.75 -19.45 -14.92
N GLY B 164 -26.88 -20.13 -14.90
CA GLY B 164 -28.11 -19.48 -14.51
C GLY B 164 -29.33 -20.30 -14.87
N ALA B 165 -30.34 -19.66 -15.45
CA ALA B 165 -31.57 -20.37 -15.81
C ALA B 165 -32.07 -19.92 -17.16
N LEU B 166 -32.98 -20.72 -17.72
CA LEU B 166 -33.65 -20.39 -18.97
C LEU B 166 -35.13 -20.69 -18.75
N LEU B 167 -35.91 -19.67 -18.41
CA LEU B 167 -37.29 -19.85 -17.97
C LEU B 167 -38.23 -19.01 -18.81
N SER B 168 -39.46 -19.49 -18.95
CA SER B 168 -40.46 -18.83 -19.79
C SER B 168 -41.20 -17.75 -18.99
N ASP B 169 -42.16 -17.11 -19.64
CA ASP B 169 -42.98 -16.07 -19.02
C ASP B 169 -44.30 -16.60 -18.50
N ALA B 170 -44.98 -17.44 -19.28
CA ALA B 170 -46.26 -17.98 -18.87
C ALA B 170 -46.10 -18.91 -17.67
N GLU B 171 -47.10 -18.91 -16.79
CA GLU B 171 -47.05 -19.77 -15.62
C GLU B 171 -47.05 -21.24 -16.01
N ALA B 172 -47.83 -21.60 -17.04
CA ALA B 172 -47.92 -22.99 -17.46
C ALA B 172 -46.56 -23.50 -17.93
N GLY B 173 -45.85 -22.70 -18.72
CA GLY B 173 -44.53 -23.11 -19.18
C GLY B 173 -43.54 -23.25 -18.05
N TYR B 174 -43.56 -22.31 -17.10
CA TYR B 174 -42.68 -22.39 -15.95
C TYR B 174 -42.93 -23.66 -15.14
N ILE B 175 -44.21 -23.95 -14.88
CA ILE B 175 -44.56 -25.14 -14.10
C ILE B 175 -44.16 -26.41 -14.85
N ALA B 176 -44.39 -26.44 -16.16
CA ALA B 176 -44.04 -27.62 -16.94
C ALA B 176 -42.52 -27.84 -16.97
N VAL B 177 -41.74 -26.77 -17.08
CA VAL B 177 -40.29 -26.93 -17.17
C VAL B 177 -39.71 -27.28 -15.80
N THR B 178 -39.92 -26.42 -14.81
CA THR B 178 -39.28 -26.62 -13.52
C THR B 178 -39.92 -27.74 -12.71
N GLY B 179 -41.24 -27.86 -12.73
CA GLY B 179 -41.92 -28.82 -11.89
C GLY B 179 -42.13 -28.37 -10.46
N ARG B 180 -42.01 -27.08 -10.18
CA ARG B 180 -42.19 -26.53 -8.85
C ARG B 180 -43.47 -25.71 -8.77
N ASN B 181 -43.87 -25.38 -7.55
CA ASN B 181 -44.94 -24.41 -7.37
C ASN B 181 -44.44 -22.99 -7.63
N VAL B 182 -45.38 -22.10 -7.96
CA VAL B 182 -45.03 -20.73 -8.28
C VAL B 182 -44.55 -19.98 -7.03
N THR B 183 -45.14 -20.26 -5.88
CA THR B 183 -44.78 -19.58 -4.64
C THR B 183 -43.60 -20.24 -3.96
N GLU B 184 -42.52 -20.45 -4.72
CA GLU B 184 -41.31 -21.08 -4.21
C GLU B 184 -40.10 -20.38 -4.81
N ARG B 185 -39.09 -20.17 -3.99
CA ARG B 185 -37.85 -19.53 -4.42
C ARG B 185 -36.73 -20.56 -4.34
N TRP B 186 -36.06 -20.79 -5.46
CA TRP B 186 -34.99 -21.78 -5.53
C TRP B 186 -33.71 -21.13 -6.04
N ASP B 187 -32.58 -21.64 -5.57
CA ASP B 187 -31.28 -21.02 -5.81
C ASP B 187 -30.40 -21.94 -6.65
N VAL B 188 -29.52 -21.31 -7.44
CA VAL B 188 -28.45 -21.99 -8.15
C VAL B 188 -27.14 -21.43 -7.63
N ARG B 189 -26.25 -22.32 -7.19
CA ARG B 189 -25.03 -21.93 -6.49
C ARG B 189 -23.81 -22.46 -7.23
N PHE B 190 -22.75 -21.66 -7.20
CA PHE B 190 -21.48 -21.98 -7.84
C PHE B 190 -20.38 -21.85 -6.80
N THR B 191 -19.53 -22.87 -6.71
CA THR B 191 -18.45 -22.92 -5.72
C THR B 191 -17.18 -23.35 -6.42
N GLY B 192 -16.37 -22.37 -6.86
CA GLY B 192 -15.08 -22.64 -7.44
C GLY B 192 -13.98 -21.96 -6.65
N SER B 193 -13.26 -21.04 -7.29
CA SER B 193 -12.31 -20.20 -6.56
C SER B 193 -13.03 -19.25 -5.61
N SER B 194 -14.33 -19.05 -5.78
CA SER B 194 -15.12 -18.21 -4.90
C SER B 194 -16.54 -18.75 -4.89
N GLU B 195 -17.40 -18.09 -4.11
CA GLU B 195 -18.79 -18.51 -3.97
C GLU B 195 -19.70 -17.51 -4.66
N SER B 196 -20.70 -18.02 -5.39
CA SER B 196 -21.69 -17.18 -6.04
C SER B 196 -23.03 -17.90 -6.02
N SER B 197 -24.11 -17.14 -6.16
CA SER B 197 -25.43 -17.72 -6.14
C SER B 197 -26.40 -16.79 -6.85
N ILE B 198 -27.52 -17.36 -7.28
CA ILE B 198 -28.59 -16.60 -7.93
C ILE B 198 -29.92 -17.26 -7.59
N SER B 199 -30.97 -16.44 -7.54
CA SER B 199 -32.29 -16.90 -7.08
C SER B 199 -33.31 -16.78 -8.20
N PHE B 200 -34.29 -17.68 -8.17
CA PHE B 200 -35.39 -17.67 -9.13
C PHE B 200 -36.67 -18.02 -8.42
N SER B 201 -37.79 -17.60 -9.00
CA SER B 201 -39.12 -17.88 -8.47
C SER B 201 -40.10 -17.88 -9.64
N GLY B 202 -41.39 -17.84 -9.33
CA GLY B 202 -42.41 -17.83 -10.35
C GLY B 202 -42.39 -16.55 -11.15
N PRO B 203 -43.09 -16.54 -12.29
CA PRO B 203 -43.10 -15.31 -13.11
C PRO B 203 -43.76 -14.13 -12.43
N LYS B 204 -44.89 -14.33 -11.77
CA LYS B 204 -45.54 -13.25 -11.01
C LYS B 204 -45.10 -13.26 -9.55
N GLN B 205 -43.78 -13.32 -9.34
CA GLN B 205 -43.20 -13.34 -8.00
C GLN B 205 -41.79 -12.79 -8.07
N SER B 206 -41.38 -12.10 -7.02
CA SER B 206 -40.00 -11.64 -6.93
C SER B 206 -39.08 -12.84 -6.75
N PRO B 207 -37.86 -12.78 -7.33
CA PRO B 207 -37.27 -11.68 -8.09
C PRO B 207 -37.29 -11.87 -9.60
N MET B 208 -38.28 -12.59 -10.14
CA MET B 208 -38.30 -12.79 -11.57
C MET B 208 -39.22 -11.78 -12.26
N GLU B 209 -40.15 -11.18 -11.53
CA GLU B 209 -40.97 -10.13 -12.11
C GLU B 209 -40.13 -8.93 -12.52
N GLU B 210 -38.99 -8.73 -11.86
CA GLU B 210 -38.06 -7.69 -12.29
C GLU B 210 -37.10 -8.18 -13.36
N TYR B 211 -36.80 -9.48 -13.39
CA TYR B 211 -36.00 -10.02 -14.48
C TYR B 211 -36.73 -9.87 -15.81
N ILE B 212 -38.04 -10.07 -15.80
CA ILE B 212 -38.83 -9.88 -17.02
C ILE B 212 -38.76 -8.43 -17.49
N ILE B 213 -38.87 -7.49 -16.55
CA ILE B 213 -38.89 -6.08 -16.92
C ILE B 213 -37.52 -5.62 -17.41
N LYS B 214 -36.45 -6.06 -16.75
CA LYS B 214 -35.11 -5.60 -17.07
C LYS B 214 -34.47 -6.36 -18.22
N SER B 215 -35.14 -7.36 -18.78
CA SER B 215 -34.54 -8.16 -19.83
C SER B 215 -34.41 -7.37 -21.13
N VAL B 216 -33.56 -7.86 -22.02
CA VAL B 216 -33.34 -7.26 -23.33
C VAL B 216 -34.11 -8.09 -24.35
N ARG B 217 -35.10 -7.50 -24.98
CA ARG B 217 -35.96 -8.23 -25.89
C ARG B 217 -35.21 -8.60 -27.17
N SER B 218 -35.57 -9.76 -27.72
CA SER B 218 -34.88 -10.27 -28.90
C SER B 218 -35.42 -9.59 -30.15
N SER B 219 -34.80 -9.90 -31.30
CA SER B 219 -35.23 -9.32 -32.56
C SER B 219 -36.65 -9.76 -32.90
N VAL B 220 -36.95 -11.04 -32.72
CA VAL B 220 -38.31 -11.54 -32.89
C VAL B 220 -39.12 -11.23 -31.64
N ASP B 221 -40.38 -10.86 -31.84
CA ASP B 221 -41.25 -10.44 -30.74
C ASP B 221 -42.18 -11.54 -30.27
N THR B 222 -41.96 -12.78 -30.69
CA THR B 222 -42.83 -13.90 -30.35
C THR B 222 -42.02 -14.96 -29.60
N VAL B 223 -41.24 -14.52 -28.63
CA VAL B 223 -40.44 -15.42 -27.79
C VAL B 223 -40.73 -15.10 -26.33
N ARG B 224 -40.91 -16.14 -25.53
CA ARG B 224 -41.22 -16.00 -24.12
C ARG B 224 -40.11 -16.51 -23.22
N ASN B 225 -39.00 -16.96 -23.78
CA ASN B 225 -37.91 -17.55 -23.01
C ASN B 225 -36.91 -16.47 -22.65
N ILE B 226 -36.57 -16.40 -21.36
CA ILE B 226 -35.55 -15.48 -20.85
C ILE B 226 -34.44 -16.32 -20.21
N ILE B 227 -33.20 -16.03 -20.60
CA ILE B 227 -32.03 -16.67 -20.02
C ILE B 227 -31.35 -15.67 -19.10
N ILE B 228 -31.25 -16.05 -17.82
CA ILE B 228 -30.65 -15.21 -16.79
C ILE B 228 -29.30 -15.82 -16.44
N LEU B 229 -28.25 -14.99 -16.47
CA LEU B 229 -26.89 -15.48 -16.37
C LEU B 229 -26.14 -14.79 -15.23
N ASP B 230 -25.10 -15.47 -14.75
CA ASP B 230 -24.21 -14.97 -13.72
C ASP B 230 -22.86 -15.65 -13.91
N SER B 231 -21.83 -15.06 -13.32
CA SER B 231 -20.45 -15.50 -13.55
C SER B 231 -19.85 -16.12 -12.30
N GLY B 232 -19.04 -17.15 -12.50
CA GLY B 232 -18.25 -17.73 -11.43
C GLY B 232 -16.84 -17.98 -11.90
N ARG B 233 -15.92 -18.04 -10.95
CA ARG B 233 -14.50 -18.16 -11.24
C ARG B 233 -13.97 -19.50 -10.76
N VAL B 234 -13.04 -20.08 -11.52
CA VAL B 234 -12.46 -21.37 -11.20
C VAL B 234 -10.93 -21.25 -11.17
N LYS B 235 -10.27 -22.33 -10.73
CA LYS B 235 -8.82 -22.38 -10.66
C LYS B 235 -8.33 -23.59 -11.45
N LYS B 236 -7.10 -23.50 -11.94
CA LYS B 236 -6.59 -24.51 -12.86
C LYS B 236 -6.51 -25.88 -12.21
N GLY B 237 -6.07 -25.94 -10.96
CA GLY B 237 -5.88 -27.23 -10.29
C GLY B 237 -7.07 -27.74 -9.53
N GLU B 238 -7.86 -26.83 -8.96
CA GLU B 238 -8.93 -27.21 -8.05
C GLU B 238 -10.15 -27.70 -8.82
N THR B 239 -11.19 -28.04 -8.05
CA THR B 239 -12.43 -28.60 -8.58
C THR B 239 -13.59 -27.65 -8.29
N PHE B 240 -14.43 -27.41 -9.29
CA PHE B 240 -15.59 -26.54 -9.15
C PHE B 240 -16.87 -27.36 -9.22
N SER B 241 -17.88 -26.89 -8.49
CA SER B 241 -19.15 -27.59 -8.37
C SER B 241 -20.30 -26.61 -8.61
N ILE B 242 -21.33 -27.09 -9.30
CA ILE B 242 -22.53 -26.31 -9.58
C ILE B 242 -23.74 -27.09 -9.09
N SER B 243 -24.62 -26.42 -8.35
CA SER B 243 -25.85 -27.04 -7.87
C SER B 243 -26.93 -26.85 -8.91
N LEU B 244 -27.31 -27.93 -9.59
CA LEU B 244 -28.23 -27.87 -10.72
C LEU B 244 -29.59 -28.42 -10.31
N SER B 245 -30.64 -27.67 -10.64
CA SER B 245 -32.02 -28.12 -10.52
C SER B 245 -32.66 -28.06 -11.90
N SER B 246 -33.85 -28.67 -12.00
CA SER B 246 -34.52 -28.71 -13.30
C SER B 246 -34.83 -27.30 -13.77
N GLY B 247 -34.49 -27.03 -15.03
CA GLY B 247 -34.65 -25.71 -15.60
C GLY B 247 -33.38 -24.88 -15.63
N ALA B 248 -32.36 -25.25 -14.88
CA ALA B 248 -31.11 -24.49 -14.87
C ALA B 248 -30.33 -24.70 -16.16
N VAL B 249 -29.49 -23.72 -16.48
CA VAL B 249 -28.70 -23.73 -17.70
C VAL B 249 -27.27 -23.33 -17.36
N VAL B 250 -26.32 -23.77 -18.18
CA VAL B 250 -24.92 -23.41 -18.02
C VAL B 250 -24.28 -23.37 -19.40
N ILE B 251 -23.40 -22.41 -19.61
CA ILE B 251 -22.68 -22.26 -20.88
C ILE B 251 -21.41 -23.09 -20.78
N PRO B 252 -21.35 -24.26 -21.41
CA PRO B 252 -20.23 -25.20 -21.19
C PRO B 252 -18.94 -24.79 -21.90
N THR B 253 -18.28 -23.78 -21.33
CA THR B 253 -17.01 -23.31 -21.88
C THR B 253 -16.30 -22.49 -20.82
N ILE B 254 -15.09 -22.91 -20.45
CA ILE B 254 -14.25 -22.15 -19.53
C ILE B 254 -13.48 -21.14 -20.37
N PHE B 255 -13.75 -19.86 -20.15
CA PHE B 255 -13.05 -18.81 -20.90
C PHE B 255 -11.71 -18.53 -20.27
N CYS B 256 -10.68 -19.24 -20.72
CA CYS B 256 -9.38 -19.20 -20.06
C CYS B 256 -8.81 -17.79 -20.09
N ASP B 257 -8.11 -17.43 -19.02
CA ASP B 257 -7.55 -16.10 -18.88
C ASP B 257 -6.32 -15.96 -19.80
N GLY B 258 -5.86 -14.73 -19.92
CA GLY B 258 -4.73 -14.38 -20.75
C GLY B 258 -4.92 -13.01 -21.33
N ASP B 259 -4.05 -12.65 -22.26
CA ASP B 259 -4.18 -11.37 -22.94
C ASP B 259 -5.47 -11.34 -23.75
N PHE B 260 -6.14 -10.18 -23.76
CA PHE B 260 -7.36 -10.01 -24.53
C PHE B 260 -7.22 -8.78 -25.41
N ALA B 261 -7.97 -8.80 -26.52
CA ALA B 261 -7.82 -7.79 -27.56
C ALA B 261 -8.21 -6.41 -27.04
N VAL B 262 -7.79 -5.39 -27.79
CA VAL B 262 -8.10 -4.01 -27.47
C VAL B 262 -9.07 -3.48 -28.52
N THR B 263 -9.90 -2.53 -28.10
CA THR B 263 -10.84 -1.90 -29.01
C THR B 263 -10.32 -0.53 -29.40
N PRO B 264 -9.96 -0.31 -30.66
CA PRO B 264 -9.38 0.98 -31.04
C PRO B 264 -10.36 2.13 -30.81
N GLN B 265 -9.83 3.26 -30.38
CA GLN B 265 -10.61 4.48 -30.19
C GLN B 265 -10.03 5.68 -30.93
N VAL B 266 -8.92 5.51 -31.64
CA VAL B 266 -8.35 6.57 -32.46
C VAL B 266 -8.25 6.06 -33.89
N GLN B 267 -7.72 6.89 -34.79
CA GLN B 267 -7.61 6.49 -36.19
C GLN B 267 -6.62 5.33 -36.34
N ILE B 268 -7.01 4.34 -37.12
CA ILE B 268 -6.14 3.22 -37.45
C ILE B 268 -5.39 3.54 -38.73
N ASP B 269 -4.07 3.43 -38.69
CA ASP B 269 -3.25 3.71 -39.85
C ASP B 269 -2.38 2.51 -40.17
N LYS B 270 -2.41 2.08 -41.42
CA LYS B 270 -1.52 1.03 -41.91
C LYS B 270 -0.22 1.68 -42.37
N ASP B 271 0.61 0.92 -43.09
CA ASP B 271 1.87 1.39 -43.66
C ASP B 271 2.86 1.83 -42.59
N CYS B 272 2.65 1.40 -41.35
CA CYS B 272 3.57 1.70 -40.26
C CYS B 272 3.35 0.66 -39.16
N ALA B 273 4.44 0.17 -38.59
CA ALA B 273 4.38 -0.89 -37.60
C ALA B 273 5.08 -0.44 -36.31
N SER B 274 4.66 -1.03 -35.21
CA SER B 274 5.23 -0.76 -33.91
C SER B 274 5.25 -2.05 -33.10
N ASP B 275 5.62 -1.94 -31.82
CA ASP B 275 5.72 -3.10 -30.95
C ASP B 275 4.66 -3.15 -29.87
N CYS B 276 4.29 -2.02 -29.28
CA CYS B 276 3.32 -1.96 -28.20
C CYS B 276 2.16 -1.07 -28.63
N HIS B 277 0.95 -1.62 -28.59
CA HIS B 277 -0.25 -0.88 -28.94
C HIS B 277 -1.15 -0.73 -27.71
N SER B 278 -1.65 0.47 -27.51
CA SER B 278 -2.65 0.75 -26.50
C SER B 278 -4.01 0.96 -27.16
N ALA B 279 -5.02 1.23 -26.35
CA ALA B 279 -6.35 1.50 -26.89
C ALA B 279 -6.46 2.88 -27.52
N TYR B 280 -5.48 3.75 -27.30
CA TYR B 280 -5.52 5.12 -27.80
C TYR B 280 -4.32 5.49 -28.65
N GLY B 281 -3.48 4.54 -29.02
CA GLY B 281 -2.31 4.79 -29.84
C GLY B 281 -1.19 3.85 -29.51
N SER B 282 -0.22 3.77 -30.41
CA SER B 282 0.93 2.90 -30.25
C SER B 282 2.01 3.62 -29.42
N PHE B 283 3.17 2.98 -29.27
CA PHE B 283 4.27 3.53 -28.49
C PHE B 283 5.57 3.31 -29.25
N PRO B 284 6.58 4.15 -29.01
CA PRO B 284 7.82 4.05 -29.79
C PRO B 284 8.54 2.73 -29.54
N ASN B 285 9.30 2.30 -30.54
CA ASN B 285 10.05 1.06 -30.47
C ASN B 285 11.10 1.14 -29.37
N GLY B 286 11.29 0.01 -28.68
CA GLY B 286 12.35 -0.11 -27.70
C GLY B 286 12.27 0.86 -26.53
N SER B 287 11.05 1.09 -26.04
CA SER B 287 10.85 1.99 -24.91
C SER B 287 11.13 1.26 -23.60
N SER B 288 11.77 1.97 -22.66
CA SER B 288 12.04 1.37 -21.35
C SER B 288 10.77 1.29 -20.51
N PHE B 289 9.94 2.33 -20.55
CA PHE B 289 8.68 2.36 -19.81
C PHE B 289 7.61 2.97 -20.70
N ILE B 290 6.37 2.92 -20.21
CA ILE B 290 5.22 3.41 -20.95
C ILE B 290 4.46 4.40 -20.07
N ILE B 291 4.07 5.53 -20.66
CA ILE B 291 3.20 6.49 -19.98
C ILE B 291 1.76 6.04 -20.27
N HIS B 292 1.23 5.20 -19.40
CA HIS B 292 -0.10 4.64 -19.60
C HIS B 292 -0.80 4.54 -18.25
N HIS B 293 -2.12 4.59 -18.28
CA HIS B 293 -2.93 4.59 -17.07
C HIS B 293 -3.52 3.22 -16.75
N SER B 294 -3.04 2.17 -17.41
CA SER B 294 -3.53 0.82 -17.16
C SER B 294 -2.49 -0.17 -17.63
N VAL B 295 -2.73 -1.45 -17.32
CA VAL B 295 -1.84 -2.53 -17.74
C VAL B 295 -2.39 -3.27 -18.95
N HIS B 296 -3.39 -2.73 -19.62
CA HIS B 296 -4.01 -3.36 -20.77
C HIS B 296 -3.29 -2.90 -22.04
N THR B 297 -2.61 -3.83 -22.70
CA THR B 297 -1.93 -3.55 -23.96
C THR B 297 -1.70 -4.86 -24.69
N VAL B 298 -1.44 -4.76 -25.98
CA VAL B 298 -1.15 -5.93 -26.81
C VAL B 298 0.27 -5.83 -27.33
N GLY B 299 0.87 -7.00 -27.59
CA GLY B 299 2.25 -7.06 -28.00
C GLY B 299 3.19 -6.98 -26.81
N SER B 300 4.49 -7.02 -27.12
CA SER B 300 5.52 -6.92 -26.10
C SER B 300 5.55 -5.50 -25.56
N CYS B 301 5.21 -5.33 -24.28
CA CYS B 301 5.06 -4.00 -23.70
C CYS B 301 5.80 -3.93 -22.37
N PRO B 302 6.64 -2.92 -22.17
CA PRO B 302 7.33 -2.76 -20.88
C PRO B 302 6.38 -2.26 -19.81
N PRO B 303 6.82 -2.21 -18.55
CA PRO B 303 5.93 -1.74 -17.47
C PRO B 303 5.46 -0.31 -17.70
N SER B 304 4.27 -0.03 -17.18
CA SER B 304 3.61 1.25 -17.39
C SER B 304 3.74 2.13 -16.15
N ILE B 305 3.97 3.42 -16.39
CA ILE B 305 4.00 4.44 -15.35
C ILE B 305 3.07 5.57 -15.76
N LEU B 306 2.90 6.53 -14.85
CA LEU B 306 1.88 7.57 -15.03
C LEU B 306 2.44 8.90 -15.50
N ARG B 307 3.73 9.16 -15.33
CA ARG B 307 4.31 10.42 -15.78
C ARG B 307 5.78 10.23 -16.07
N ASN B 308 6.33 11.11 -16.90
CA ASN B 308 7.73 11.03 -17.29
C ASN B 308 8.63 11.72 -16.28
N PHE B 309 9.90 11.32 -16.30
CA PHE B 309 10.92 11.90 -15.43
C PHE B 309 12.20 12.09 -16.23
N ASP B 310 13.05 12.98 -15.74
CA ASP B 310 14.26 13.37 -16.45
C ASP B 310 15.48 12.69 -15.84
N VAL B 311 16.33 12.13 -16.69
CA VAL B 311 17.58 11.53 -16.28
C VAL B 311 18.71 12.23 -17.03
N ILE B 312 19.90 12.19 -16.42
CA ILE B 312 21.06 12.89 -16.96
C ILE B 312 21.52 12.21 -18.24
N ASP B 313 22.06 13.01 -19.17
CA ASP B 313 22.62 12.49 -20.40
C ASP B 313 24.01 13.03 -20.72
N GLY B 314 24.41 14.16 -20.15
CA GLY B 314 25.75 14.69 -20.37
C GLY B 314 26.61 14.63 -19.12
N TYR B 315 27.00 15.80 -18.61
CA TYR B 315 27.77 15.88 -17.38
C TYR B 315 27.45 17.18 -16.68
N GLU B 316 27.74 17.22 -15.38
CA GLU B 316 27.47 18.41 -14.59
C GLU B 316 28.35 19.56 -15.05
N ALA B 317 27.77 20.77 -15.03
CA ALA B 317 28.48 21.98 -15.43
C ALA B 317 28.98 22.67 -14.16
N THR B 318 30.18 22.30 -13.73
CA THR B 318 30.78 22.86 -12.51
C THR B 318 31.78 23.94 -12.92
N TRP B 319 31.26 25.09 -13.30
CA TRP B 319 32.09 26.25 -13.63
C TRP B 319 31.22 27.50 -13.47
N GLU B 320 31.73 28.62 -13.97
CA GLU B 320 30.99 29.88 -13.90
C GLU B 320 29.71 29.80 -14.72
N PHE B 335 40.85 33.76 -15.15
CA PHE B 335 40.56 32.86 -14.05
C PHE B 335 40.21 31.46 -14.55
N PHE B 336 40.65 30.45 -13.81
CA PHE B 336 40.37 29.05 -14.14
C PHE B 336 39.42 28.49 -13.10
N THR B 337 38.28 27.98 -13.55
CA THR B 337 37.26 27.44 -12.66
C THR B 337 37.06 25.94 -12.82
N GLY B 338 37.56 25.33 -13.89
CA GLY B 338 37.39 23.92 -14.10
C GLY B 338 37.08 23.56 -15.54
N GLY B 339 36.50 24.50 -16.28
CA GLY B 339 36.18 24.29 -17.67
C GLY B 339 37.32 24.69 -18.59
N ILE B 340 37.15 24.35 -19.87
CA ILE B 340 38.12 24.67 -20.90
C ILE B 340 37.44 25.54 -21.95
N GLN B 341 38.02 26.71 -22.21
CA GLN B 341 37.38 27.66 -23.12
C GLN B 341 37.43 27.17 -24.57
N GLY B 342 38.41 26.37 -24.92
CA GLY B 342 38.55 25.91 -26.28
C GLY B 342 37.47 24.91 -26.66
N ALA B 343 37.33 24.69 -27.97
CA ALA B 343 36.36 23.77 -28.53
C ALA B 343 37.07 22.48 -28.89
N ILE B 344 36.61 21.37 -28.31
CA ILE B 344 37.22 20.06 -28.52
C ILE B 344 36.12 19.04 -28.79
N ASP B 345 36.51 17.94 -29.43
CA ASP B 345 35.59 16.86 -29.78
C ASP B 345 35.63 15.80 -28.66
N GLY B 346 34.96 16.13 -27.57
CA GLY B 346 34.90 15.23 -26.44
C GLY B 346 34.33 15.93 -25.22
N TRP B 347 34.49 15.28 -24.08
CA TRP B 347 34.00 15.80 -22.81
C TRP B 347 35.13 16.30 -21.92
N TYR B 348 36.23 15.57 -21.84
CA TYR B 348 37.38 15.95 -21.04
C TYR B 348 38.55 16.31 -21.94
N GLY B 349 39.41 17.20 -21.44
CA GLY B 349 40.53 17.67 -22.23
C GLY B 349 41.60 18.30 -21.39
N VAL B 350 42.71 18.62 -22.07
CA VAL B 350 43.87 19.26 -21.46
C VAL B 350 44.28 20.42 -22.35
N THR B 351 44.65 21.54 -21.72
CA THR B 351 44.99 22.74 -22.47
C THR B 351 45.99 23.57 -21.69
N ASN B 352 46.61 24.51 -22.38
CA ASN B 352 47.57 25.46 -21.82
C ASN B 352 47.14 26.89 -22.12
N HIS B 353 45.83 27.15 -22.02
CA HIS B 353 45.26 28.46 -22.32
C HIS B 353 45.58 28.92 -23.74
N ASP B 354 45.64 27.95 -24.66
CA ASP B 354 45.80 28.23 -26.08
C ASP B 354 44.75 27.43 -26.84
N THR B 355 44.15 28.06 -27.84
CA THR B 355 43.05 27.47 -28.61
C THR B 355 43.52 27.19 -30.02
N GLY B 356 43.19 26.00 -30.52
CA GLY B 356 43.49 25.62 -31.89
C GLY B 356 44.58 24.59 -32.03
N LYS B 357 45.66 24.74 -31.28
CA LYS B 357 46.73 23.76 -31.33
C LYS B 357 47.24 23.38 -29.94
N GLY B 358 47.00 24.22 -28.93
CA GLY B 358 47.38 23.92 -27.57
C GLY B 358 46.34 23.21 -26.74
N THR B 359 45.21 22.86 -27.34
CA THR B 359 44.12 22.17 -26.63
C THR B 359 43.88 20.82 -27.27
N ALA B 360 43.85 19.77 -26.45
CA ALA B 360 43.62 18.42 -26.92
C ALA B 360 42.66 17.71 -25.97
N ALA B 361 42.00 16.69 -26.50
CA ALA B 361 41.00 15.93 -25.74
C ALA B 361 41.38 14.46 -25.73
N ASP B 362 40.93 13.76 -24.69
CA ASP B 362 41.16 12.34 -24.53
C ASP B 362 39.84 11.59 -24.64
N GLN B 363 39.82 10.55 -25.47
CA GLN B 363 38.60 9.76 -25.66
C GLN B 363 38.37 8.74 -24.57
N THR B 364 39.39 8.39 -23.79
CA THR B 364 39.23 7.36 -22.76
C THR B 364 38.22 7.79 -21.71
N SER B 365 38.35 9.02 -21.20
CA SER B 365 37.42 9.50 -20.19
C SER B 365 36.01 9.61 -20.73
N THR B 366 35.86 10.07 -21.98
CA THR B 366 34.54 10.16 -22.58
C THR B 366 33.88 8.79 -22.71
N GLN B 367 34.64 7.79 -23.17
CA GLN B 367 34.09 6.44 -23.29
C GLN B 367 33.72 5.89 -21.93
N LYS B 368 34.57 6.12 -20.92
CA LYS B 368 34.25 5.64 -19.58
C LYS B 368 32.98 6.29 -19.04
N ALA B 369 32.81 7.59 -19.26
CA ALA B 369 31.62 8.27 -18.78
C ALA B 369 30.36 7.74 -19.48
N VAL B 370 30.42 7.55 -20.80
CA VAL B 370 29.26 7.06 -21.52
C VAL B 370 28.91 5.64 -21.05
N GLU B 371 29.92 4.80 -20.88
CA GLU B 371 29.68 3.44 -20.40
C GLU B 371 29.07 3.45 -18.99
N ALA B 372 29.55 4.36 -18.14
CA ALA B 372 28.97 4.48 -16.80
C ALA B 372 27.50 4.85 -16.87
N ILE B 373 27.16 5.82 -17.72
CA ILE B 373 25.76 6.23 -17.85
C ILE B 373 24.90 5.05 -18.30
N THR B 374 25.37 4.31 -19.31
CA THR B 374 24.60 3.18 -19.82
C THR B 374 24.43 2.11 -18.76
N ASN B 375 25.50 1.80 -18.02
CA ASN B 375 25.42 0.77 -16.99
C ASN B 375 24.45 1.16 -15.88
N LYS B 376 24.49 2.43 -15.45
CA LYS B 376 23.58 2.86 -14.41
C LYS B 376 22.13 2.79 -14.87
N LEU B 377 21.86 3.22 -16.10
CA LEU B 377 20.49 3.14 -16.61
C LEU B 377 20.02 1.69 -16.71
N ASN B 378 20.89 0.79 -17.16
CA ASN B 378 20.50 -0.62 -17.26
C ASN B 378 20.20 -1.20 -15.88
N GLU B 379 21.03 -0.88 -14.89
CA GLU B 379 20.77 -1.36 -13.53
C GLU B 379 19.44 -0.82 -13.01
N ALA B 380 19.15 0.46 -13.28
CA ALA B 380 17.89 1.05 -12.84
C ALA B 380 16.70 0.35 -13.49
N ILE B 381 16.79 0.07 -14.79
CA ILE B 381 15.69 -0.59 -15.48
C ILE B 381 15.48 -1.99 -14.94
N GLU B 382 16.58 -2.70 -14.64
CA GLU B 382 16.45 -4.03 -14.04
C GLU B 382 15.76 -3.96 -12.69
N ASN B 383 16.14 -2.98 -11.86
CA ASN B 383 15.51 -2.83 -10.55
C ASN B 383 14.02 -2.53 -10.70
N GLY B 384 13.67 -1.65 -11.64
CA GLY B 384 12.27 -1.33 -11.85
C GLY B 384 11.46 -2.52 -12.30
N ASN B 385 12.00 -3.30 -13.25
CA ASN B 385 11.30 -4.49 -13.70
C ASN B 385 11.12 -5.49 -12.58
N GLN B 386 12.15 -5.68 -11.75
CA GLN B 386 12.03 -6.59 -10.62
C GLN B 386 10.97 -6.13 -9.63
N ARG B 387 10.94 -4.83 -9.33
CA ARG B 387 9.93 -4.31 -8.42
C ARG B 387 8.53 -4.49 -8.98
N TYR B 388 8.37 -4.26 -10.29
CA TYR B 388 7.09 -4.50 -10.94
C TYR B 388 6.68 -5.96 -10.77
N ASN B 389 7.63 -6.87 -10.94
CA ASN B 389 7.33 -8.30 -10.80
C ASN B 389 6.88 -8.64 -9.39
N GLN B 390 7.56 -8.11 -8.37
CA GLN B 390 7.09 -8.35 -7.00
C GLN B 390 5.72 -7.72 -6.77
N LEU B 391 5.49 -6.53 -7.32
CA LEU B 391 4.28 -5.78 -6.97
C LEU B 391 3.03 -6.36 -7.64
N TYR B 392 3.17 -6.94 -8.82
CA TYR B 392 2.03 -7.63 -9.45
C TYR B 392 2.07 -9.14 -9.33
N GLY B 393 3.25 -9.74 -9.32
CA GLY B 393 3.32 -11.19 -9.25
C GLY B 393 3.83 -11.75 -10.57
N LEU B 394 4.69 -12.77 -10.48
CA LEU B 394 5.26 -13.37 -11.68
C LEU B 394 4.19 -14.00 -12.56
N ALA B 395 3.24 -14.71 -11.97
CA ALA B 395 2.17 -15.36 -12.71
C ALA B 395 0.91 -14.50 -12.71
N ARG B 396 1.02 -13.33 -13.32
CA ARG B 396 -0.11 -12.43 -13.43
C ARG B 396 -0.83 -12.63 -14.76
N THR B 397 -1.94 -11.92 -14.94
CA THR B 397 -2.75 -12.05 -16.14
C THR B 397 -3.58 -10.78 -16.30
N GLN B 398 -3.51 -10.16 -17.48
CA GLN B 398 -4.27 -8.93 -17.70
C GLN B 398 -5.76 -9.16 -17.59
N ALA B 399 -6.25 -10.31 -18.05
CA ALA B 399 -7.69 -10.58 -17.99
C ALA B 399 -8.19 -10.52 -16.56
N GLU B 400 -7.56 -11.28 -15.65
CA GLU B 400 -8.01 -11.29 -14.26
C GLU B 400 -7.64 -10.00 -13.54
N LEU B 401 -6.51 -9.37 -13.87
CA LEU B 401 -6.14 -8.11 -13.25
C LEU B 401 -7.15 -7.01 -13.56
N LEU B 402 -7.75 -7.03 -14.74
CA LEU B 402 -8.76 -6.04 -15.07
C LEU B 402 -10.17 -6.49 -14.66
N GLY B 403 -10.42 -7.80 -14.61
CA GLY B 403 -11.71 -8.26 -14.12
C GLY B 403 -11.90 -8.01 -12.64
N ASN B 404 -10.86 -8.22 -11.84
CA ASN B 404 -10.97 -8.00 -10.41
C ASN B 404 -11.15 -6.52 -10.08
N LEU B 405 -10.61 -5.63 -10.93
CA LEU B 405 -10.78 -4.20 -10.69
C LEU B 405 -12.24 -3.80 -10.76
N GLY B 406 -12.98 -4.34 -11.72
CA GLY B 406 -14.39 -4.01 -11.83
C GLY B 406 -14.59 -2.72 -12.56
N LYS B 407 -15.38 -1.82 -11.97
CA LYS B 407 -15.64 -0.51 -12.55
C LYS B 407 -14.66 0.55 -12.07
N GLU B 408 -13.68 0.18 -11.27
CA GLU B 408 -12.70 1.14 -10.78
C GLU B 408 -11.70 1.47 -11.87
N VAL B 409 -11.47 2.76 -12.10
CA VAL B 409 -10.54 3.21 -13.13
C VAL B 409 -9.20 3.68 -12.57
N ASN B 410 -9.04 3.71 -11.25
CA ASN B 410 -7.80 4.12 -10.62
C ASN B 410 -7.15 2.92 -9.96
N ASP B 411 -5.90 2.64 -10.34
CA ASP B 411 -5.14 1.52 -9.80
C ASP B 411 -4.07 2.08 -8.88
N LEU B 412 -4.18 1.79 -7.58
CA LEU B 412 -3.21 2.29 -6.62
C LEU B 412 -1.83 1.66 -6.84
N ARG B 413 -1.79 0.45 -7.38
CA ARG B 413 -0.51 -0.20 -7.62
C ARG B 413 0.30 0.54 -8.66
N LEU B 414 -0.36 1.09 -9.69
CA LEU B 414 0.34 1.93 -10.66
C LEU B 414 0.91 3.17 -9.99
N GLU B 415 0.17 3.77 -9.06
CA GLU B 415 0.68 4.93 -8.33
C GLU B 415 1.91 4.56 -7.52
N THR B 416 1.87 3.41 -6.84
CA THR B 416 3.03 2.97 -6.07
C THR B 416 4.24 2.74 -6.96
N PHE B 417 4.03 2.11 -8.12
CA PHE B 417 5.13 1.86 -9.03
C PHE B 417 5.70 3.16 -9.58
N THR B 418 4.83 4.12 -9.90
CA THR B 418 5.30 5.42 -10.37
C THR B 418 6.14 6.13 -9.31
N GLU B 419 5.70 6.07 -8.05
CA GLU B 419 6.49 6.64 -6.97
C GLU B 419 7.85 5.96 -6.85
N PHE B 420 7.87 4.63 -6.98
CA PHE B 420 9.14 3.91 -6.88
C PHE B 420 10.08 4.33 -8.01
N ILE B 421 9.55 4.48 -9.23
CA ILE B 421 10.39 4.91 -10.35
C ILE B 421 10.90 6.32 -10.13
N ARG B 422 10.05 7.20 -9.62
CA ARG B 422 10.49 8.57 -9.33
C ARG B 422 11.62 8.59 -8.32
N LEU B 423 11.51 7.76 -7.28
CA LEU B 423 12.59 7.69 -6.30
C LEU B 423 13.85 7.06 -6.89
N GLU B 424 13.70 6.12 -7.82
CA GLU B 424 14.87 5.45 -8.39
C GLU B 424 15.64 6.40 -9.31
N THR B 425 14.94 7.29 -10.01
CA THR B 425 15.62 8.19 -10.94
C THR B 425 16.63 9.08 -10.22
N ILE B 426 16.27 9.56 -9.03
CA ILE B 426 17.18 10.39 -8.26
C ILE B 426 18.46 9.64 -7.93
N LEU B 427 18.32 8.38 -7.50
CA LEU B 427 19.49 7.58 -7.19
C LEU B 427 20.33 7.34 -8.44
N VAL B 428 19.69 7.16 -9.59
CA VAL B 428 20.44 6.98 -10.83
C VAL B 428 21.30 8.21 -11.12
N ASN B 429 20.70 9.40 -10.99
CA ASN B 429 21.45 10.63 -11.22
C ASN B 429 22.61 10.75 -10.24
N THR B 430 22.36 10.41 -8.97
CA THR B 430 23.41 10.50 -7.96
C THR B 430 24.58 9.58 -8.30
N ARG B 431 24.28 8.33 -8.66
CA ARG B 431 25.35 7.38 -8.96
C ARG B 431 26.13 7.79 -10.21
N ILE B 432 25.44 8.31 -11.22
CA ILE B 432 26.13 8.73 -12.44
C ILE B 432 27.08 9.90 -12.12
N ILE B 433 26.60 10.87 -11.35
CA ILE B 433 27.46 12.01 -11.00
C ILE B 433 28.66 11.55 -10.17
N GLU B 434 28.42 10.64 -9.23
CA GLU B 434 29.52 10.14 -8.41
C GLU B 434 30.57 9.41 -9.26
N GLU B 435 30.12 8.60 -10.22
CA GLU B 435 31.06 7.89 -11.07
C GLU B 435 31.85 8.86 -11.94
N HIS B 436 31.20 9.91 -12.45
CA HIS B 436 31.93 10.91 -13.22
C HIS B 436 32.99 11.59 -12.37
N GLN B 437 32.65 11.93 -11.13
CA GLN B 437 33.63 12.55 -10.24
C GLN B 437 34.80 11.62 -9.97
N ALA B 438 34.52 10.32 -9.77
CA ALA B 438 35.59 9.36 -9.54
C ALA B 438 36.51 9.26 -10.74
N ILE B 439 35.92 9.24 -11.95
CA ILE B 439 36.73 9.17 -13.18
C ILE B 439 37.65 10.39 -13.27
N GLY B 440 37.09 11.58 -13.01
CA GLY B 440 37.90 12.78 -13.07
C GLY B 440 39.03 12.77 -12.05
N SER B 441 38.74 12.34 -10.82
CA SER B 441 39.77 12.28 -9.79
C SER B 441 40.88 11.30 -10.17
N LYS B 442 40.51 10.13 -10.68
CA LYS B 442 41.52 9.17 -11.09
C LYS B 442 42.38 9.73 -12.22
N LYS B 443 41.76 10.41 -13.19
CA LYS B 443 42.54 10.97 -14.29
C LYS B 443 43.52 12.02 -13.81
N LYS B 444 43.07 12.93 -12.94
CA LYS B 444 43.98 13.98 -12.47
C LYS B 444 45.10 13.40 -11.61
N GLU B 445 44.78 12.41 -10.78
CA GLU B 445 45.83 11.77 -10.00
C GLU B 445 46.85 11.09 -10.91
N GLU B 446 46.37 10.40 -11.95
CA GLU B 446 47.29 9.71 -12.86
C GLU B 446 48.20 10.69 -13.59
N VAL B 447 47.65 11.81 -14.06
CA VAL B 447 48.49 12.76 -14.80
C VAL B 447 49.48 13.43 -13.85
N LYS B 448 49.07 13.72 -12.61
CA LYS B 448 49.99 14.31 -11.65
C LYS B 448 51.13 13.33 -11.34
N ARG B 449 50.81 12.05 -11.21
CA ARG B 449 51.86 11.05 -11.03
C ARG B 449 52.77 10.99 -12.24
N LEU B 450 52.20 11.09 -13.44
CA LEU B 450 52.99 10.99 -14.67
C LEU B 450 53.99 12.12 -14.78
N LEU B 451 53.58 13.35 -14.46
CA LEU B 451 54.49 14.48 -14.61
C LEU B 451 55.70 14.37 -13.68
N GLY B 452 55.47 13.97 -12.43
CA GLY B 452 56.56 13.76 -11.51
C GLY B 452 56.52 14.68 -10.30
N PRO B 453 57.54 14.59 -9.45
CA PRO B 453 57.56 15.36 -8.21
C PRO B 453 58.15 16.75 -8.31
N ASN B 454 58.81 17.09 -9.43
CA ASN B 454 59.42 18.40 -9.58
C ASN B 454 58.47 19.42 -10.19
N ALA B 455 57.22 19.05 -10.43
CA ALA B 455 56.21 19.94 -11.00
C ALA B 455 55.33 20.47 -9.88
N LEU B 456 55.15 21.79 -9.85
CA LEU B 456 54.34 22.41 -8.82
C LEU B 456 52.86 22.07 -9.03
N ASP B 457 52.14 21.88 -7.92
CA ASP B 457 50.73 21.55 -7.94
C ASP B 457 49.92 22.74 -7.42
N LEU B 458 48.99 23.23 -8.25
CA LEU B 458 48.14 24.33 -7.80
C LEU B 458 47.04 23.85 -6.88
N GLY B 459 46.56 22.62 -7.07
CA GLY B 459 45.49 22.08 -6.28
C GLY B 459 44.11 22.27 -6.85
N ASN B 460 43.96 23.11 -7.88
CA ASN B 460 42.69 23.34 -8.54
C ASN B 460 42.58 22.61 -9.87
N GLY B 461 43.48 21.68 -10.16
CA GLY B 461 43.51 20.99 -11.42
C GLY B 461 44.55 21.49 -12.39
N CYS B 462 45.16 22.65 -12.13
CA CYS B 462 46.20 23.20 -12.98
C CYS B 462 47.57 22.82 -12.43
N PHE B 463 48.50 22.56 -13.35
CA PHE B 463 49.86 22.22 -13.00
C PHE B 463 50.79 23.27 -13.58
N ASN B 464 51.86 23.58 -12.84
CA ASN B 464 52.77 24.65 -13.23
C ASN B 464 54.17 24.07 -13.32
N LEU B 465 54.72 24.04 -14.53
CA LEU B 465 55.98 23.38 -14.81
C LEU B 465 57.15 24.32 -14.59
N THR B 466 58.31 23.73 -14.28
CA THR B 466 59.54 24.51 -14.12
C THR B 466 60.09 25.01 -15.44
N HIS B 467 59.68 24.41 -16.55
CA HIS B 467 60.11 24.80 -17.89
C HIS B 467 58.91 25.27 -18.69
N THR B 468 59.17 25.70 -19.92
CA THR B 468 58.09 26.05 -20.84
C THR B 468 57.55 24.79 -21.50
N CYS B 469 56.22 24.74 -21.63
CA CYS B 469 55.53 23.57 -22.17
C CYS B 469 54.64 24.02 -23.32
N ASP B 470 55.15 23.90 -24.54
CA ASP B 470 54.48 24.41 -25.72
C ASP B 470 53.33 23.49 -26.12
N SER B 471 52.75 23.76 -27.29
CA SER B 471 51.59 23.00 -27.75
C SER B 471 51.94 21.54 -28.00
N ASN B 472 53.13 21.27 -28.54
CA ASN B 472 53.57 19.88 -28.68
C ASN B 472 53.71 19.22 -27.32
N CYS B 473 54.21 19.96 -26.33
CA CYS B 473 54.32 19.43 -24.98
C CYS B 473 52.97 19.00 -24.41
N VAL B 474 51.96 19.87 -24.48
CA VAL B 474 50.65 19.51 -23.92
C VAL B 474 50.00 18.41 -24.75
N ASN B 475 50.22 18.43 -26.07
CA ASN B 475 49.65 17.40 -26.93
C ASN B 475 50.24 16.02 -26.62
N SER B 476 51.54 15.94 -26.36
CA SER B 476 52.17 14.65 -26.05
C SER B 476 51.64 14.07 -24.75
N ILE B 477 51.23 14.91 -23.81
CA ILE B 477 50.73 14.43 -22.52
C ILE B 477 49.42 13.67 -22.70
N SER B 478 48.65 14.03 -23.73
CA SER B 478 47.31 13.47 -23.90
C SER B 478 47.37 11.95 -24.01
N ARG B 479 48.30 11.41 -24.79
CA ARG B 479 48.45 9.97 -24.90
C ARG B 479 49.41 9.39 -23.86
N GLY B 480 50.00 10.22 -23.02
CA GLY B 480 50.88 9.74 -21.97
C GLY B 480 52.29 9.43 -22.40
N THR B 481 52.64 9.69 -23.66
CA THR B 481 53.99 9.45 -24.16
C THR B 481 54.97 10.56 -23.77
N TYR B 482 54.59 11.40 -22.81
CA TYR B 482 55.46 12.49 -22.39
C TYR B 482 56.72 11.96 -21.71
N THR B 483 57.84 12.60 -21.99
CA THR B 483 59.12 12.26 -21.39
C THR B 483 59.78 13.52 -20.84
N ARG B 484 60.45 13.37 -19.70
CA ARG B 484 61.07 14.49 -19.01
C ARG B 484 62.38 14.94 -19.64
N GLU B 485 63.09 14.03 -20.32
CA GLU B 485 64.47 14.29 -20.71
C GLU B 485 64.59 15.46 -21.69
N ASN B 486 63.64 15.59 -22.62
CA ASN B 486 63.77 16.59 -23.67
C ASN B 486 63.17 17.94 -23.29
N TYR B 487 62.71 18.11 -22.05
CA TYR B 487 62.13 19.38 -21.60
C TYR B 487 62.85 19.93 -20.37
N ILE B 488 63.99 19.37 -19.98
CA ILE B 488 64.71 19.85 -18.81
C ILE B 488 65.25 21.26 -19.04
N HIS B 489 65.46 21.64 -20.31
CA HIS B 489 66.08 22.92 -20.63
C HIS B 489 65.25 24.09 -20.10
N ASN B 490 65.96 25.14 -19.70
CA ASN B 490 65.38 26.38 -19.18
C ASN B 490 64.69 26.18 -17.84
N VAL B 491 64.64 27.24 -17.03
CA VAL B 491 64.00 27.22 -15.72
C VAL B 491 63.10 28.43 -15.59
N THR B 492 61.85 28.20 -15.21
CA THR B 492 60.88 29.29 -15.08
C THR B 492 59.89 28.93 -13.99
N LEU B 493 59.37 29.96 -13.32
CA LEU B 493 58.37 29.76 -12.28
C LEU B 493 57.13 30.62 -12.55
N ASN C 1 63.33 9.31 8.98
CA ASN C 1 62.88 9.13 7.61
C ASN C 1 61.51 9.76 7.42
N GLN C 2 60.48 8.92 7.36
CA GLN C 2 59.10 9.38 7.24
C GLN C 2 58.19 8.39 7.93
N ILE C 3 56.99 8.84 8.27
CA ILE C 3 56.01 8.03 8.98
C ILE C 3 54.67 8.12 8.27
N CYS C 4 53.90 7.03 8.32
CA CYS C 4 52.60 6.97 7.68
C CYS C 4 51.63 6.23 8.58
N ILE C 5 50.34 6.54 8.41
CA ILE C 5 49.26 5.86 9.12
C ILE C 5 48.23 5.41 8.08
N GLY C 6 47.45 4.40 8.46
CA GLY C 6 46.43 3.91 7.54
C GLY C 6 45.76 2.66 8.08
N LYS C 7 45.16 1.91 7.16
CA LYS C 7 44.47 0.68 7.48
C LYS C 7 45.30 -0.52 7.04
N ALA C 8 45.20 -1.61 7.81
CA ALA C 8 45.87 -2.83 7.44
C ALA C 8 45.26 -3.42 6.19
N ILE C 9 46.11 -3.92 5.29
CA ILE C 9 45.65 -4.47 4.02
C ILE C 9 45.19 -5.91 4.26
N LYS C 10 43.94 -6.19 3.88
CA LYS C 10 43.36 -7.52 3.97
C LYS C 10 42.65 -7.85 2.67
N PRO C 11 42.54 -9.13 2.34
CA PRO C 11 41.89 -9.51 1.07
C PRO C 11 40.44 -9.04 1.03
N ILE C 12 40.01 -8.62 -0.16
CA ILE C 12 38.66 -8.09 -0.34
C ILE C 12 37.66 -9.23 -0.35
N ASN C 13 36.64 -9.13 0.49
CA ASN C 13 35.62 -10.16 0.57
C ASN C 13 34.55 -9.98 -0.50
N GLY C 14 34.01 -8.77 -0.62
CA GLY C 14 32.96 -8.56 -1.61
C GLY C 14 32.56 -7.11 -1.80
N THR C 15 31.34 -6.90 -2.31
CA THR C 15 30.82 -5.56 -2.55
C THR C 15 29.47 -5.42 -1.87
N VAL C 16 29.25 -4.26 -1.24
CA VAL C 16 27.98 -3.90 -0.66
C VAL C 16 27.47 -2.65 -1.38
N GLU C 17 26.18 -2.37 -1.21
CA GLU C 17 25.50 -1.30 -1.93
C GLU C 17 25.33 -0.10 -1.02
N THR C 18 26.04 0.97 -1.33
CA THR C 18 25.91 2.26 -0.66
C THR C 18 24.90 3.12 -1.45
N VAL C 19 24.43 4.20 -0.83
CA VAL C 19 23.44 5.06 -1.46
C VAL C 19 23.96 5.61 -2.79
N SER C 20 25.21 6.07 -2.81
CA SER C 20 25.75 6.74 -3.99
C SER C 20 26.63 5.86 -4.85
N ARG C 21 27.05 4.69 -4.37
CA ARG C 21 27.98 3.86 -5.11
C ARG C 21 27.95 2.44 -4.54
N MET C 22 28.84 1.60 -5.07
CA MET C 22 29.08 0.26 -4.54
C MET C 22 30.44 0.25 -3.87
N ALA C 23 30.48 -0.23 -2.63
CA ALA C 23 31.70 -0.20 -1.82
C ALA C 23 32.29 -1.60 -1.71
N LYS C 24 33.59 -1.72 -1.99
CA LYS C 24 34.30 -2.98 -1.84
C LYS C 24 34.77 -3.11 -0.40
N VAL C 25 34.32 -4.16 0.27
CA VAL C 25 34.57 -4.35 1.69
C VAL C 25 35.23 -5.69 1.93
N THR C 26 35.94 -5.78 3.05
CA THR C 26 36.69 -6.97 3.45
C THR C 26 35.85 -7.96 4.25
N GLY C 27 34.57 -7.68 4.45
CA GLY C 27 33.72 -8.61 5.16
C GLY C 27 32.28 -8.15 5.27
N MET C 28 31.34 -9.08 5.07
CA MET C 28 29.93 -8.77 5.25
C MET C 28 29.25 -9.95 5.91
N LYS C 29 28.03 -9.71 6.37
CA LYS C 29 27.18 -10.78 6.89
C LYS C 29 25.75 -10.53 6.41
N LYS C 30 24.85 -11.42 6.81
CA LYS C 30 23.46 -11.38 6.37
C LYS C 30 22.58 -10.95 7.52
N VAL C 31 21.61 -10.08 7.24
CA VAL C 31 20.79 -9.49 8.29
C VAL C 31 19.84 -10.52 8.89
N GLY C 32 19.27 -11.40 8.05
CA GLY C 32 18.23 -12.32 8.49
C GLY C 32 18.69 -13.75 8.59
N GLY C 33 18.12 -14.47 9.56
CA GLY C 33 18.44 -15.87 9.72
C GLY C 33 17.77 -16.75 8.69
N GLU C 34 18.32 -17.95 8.54
CA GLU C 34 17.87 -18.89 7.51
C GLU C 34 17.17 -20.08 8.15
N ARG C 35 16.11 -20.56 7.50
CA ARG C 35 15.41 -21.74 7.96
C ARG C 35 16.32 -22.95 7.90
N MET C 36 16.27 -23.76 8.96
CA MET C 36 17.10 -24.96 9.06
C MET C 36 16.31 -26.17 8.56
N GLN C 37 17.01 -27.29 8.42
CA GLN C 37 16.45 -28.44 7.72
C GLN C 37 15.29 -29.06 8.48
N LYS C 38 15.40 -29.12 9.81
CA LYS C 38 14.45 -29.86 10.63
C LYS C 38 13.80 -28.92 11.65
N ILE C 39 13.00 -29.51 12.54
CA ILE C 39 12.35 -28.80 13.63
C ILE C 39 12.97 -29.25 14.93
N CYS C 40 13.47 -28.30 15.72
CA CYS C 40 14.02 -28.59 17.04
C CYS C 40 12.91 -28.48 18.06
N ALA C 41 12.46 -29.61 18.58
CA ALA C 41 11.32 -29.69 19.48
C ALA C 41 11.69 -30.41 20.77
N LYS C 42 12.83 -30.04 21.34
CA LYS C 42 13.26 -30.63 22.60
C LYS C 42 12.53 -29.97 23.76
N GLY C 43 12.02 -30.77 24.68
CA GLY C 43 11.33 -30.23 25.84
C GLY C 43 10.03 -29.52 25.53
N GLU C 44 9.26 -30.05 24.57
CA GLU C 44 7.95 -29.49 24.24
C GLU C 44 7.02 -30.62 23.83
N GLN C 45 5.75 -30.49 24.19
CA GLN C 45 4.76 -31.52 23.91
C GLN C 45 4.34 -31.49 22.45
N ILE C 46 3.93 -32.65 21.94
CA ILE C 46 3.46 -32.80 20.57
C ILE C 46 2.13 -33.53 20.61
N HIS C 47 1.13 -32.95 19.97
CA HIS C 47 -0.21 -33.53 19.91
C HIS C 47 -0.44 -34.10 18.52
N ASP C 48 -0.83 -35.38 18.46
CA ASP C 48 -1.14 -36.06 17.20
C ASP C 48 -2.35 -36.95 17.43
N SER C 49 -3.49 -36.56 16.86
CA SER C 49 -4.73 -37.30 16.99
C SER C 49 -5.40 -37.42 15.63
N SER C 50 -4.60 -37.68 14.60
CA SER C 50 -5.10 -37.77 13.24
C SER C 50 -5.70 -39.12 12.91
N SER C 51 -5.59 -40.10 13.81
CA SER C 51 -6.13 -41.43 13.58
C SER C 51 -7.50 -41.65 14.18
N ALA C 52 -8.02 -40.69 14.95
CA ALA C 52 -9.30 -40.89 15.62
C ALA C 52 -10.25 -39.71 15.47
N CYS C 53 -9.71 -38.51 15.27
CA CYS C 53 -10.50 -37.30 15.36
C CYS C 53 -10.49 -36.52 14.04
N GLY C 54 -11.12 -35.35 14.06
CA GLY C 54 -11.16 -34.46 12.91
C GLY C 54 -11.28 -33.04 13.38
N ILE C 55 -11.35 -32.13 12.41
CA ILE C 55 -11.40 -30.70 12.74
C ILE C 55 -12.70 -30.37 13.46
N VAL C 56 -13.83 -30.87 12.95
CA VAL C 56 -15.13 -30.59 13.57
C VAL C 56 -15.27 -31.25 14.94
N SER C 57 -14.69 -32.44 15.12
CA SER C 57 -14.84 -33.17 16.37
C SER C 57 -14.30 -32.37 17.56
N HIS C 58 -13.17 -31.69 17.37
CA HIS C 58 -12.62 -30.87 18.44
C HIS C 58 -13.56 -29.72 18.79
N HIS C 59 -14.18 -29.12 17.77
CA HIS C 59 -15.15 -28.06 18.03
C HIS C 59 -16.35 -28.57 18.82
N LEU C 60 -16.86 -29.74 18.46
CA LEU C 60 -18.06 -30.28 19.09
C LEU C 60 -17.77 -31.09 20.33
N LYS C 61 -16.51 -31.17 20.77
CA LYS C 61 -16.14 -31.84 22.01
C LYS C 61 -16.56 -33.31 21.99
N GLN C 62 -16.26 -33.99 20.90
CA GLN C 62 -16.50 -35.42 20.83
C GLN C 62 -15.61 -36.15 21.83
N GLU C 63 -16.09 -37.29 22.32
CA GLU C 63 -15.35 -38.04 23.31
C GLU C 63 -13.97 -38.43 22.78
N GLY C 64 -12.94 -37.96 23.46
CA GLY C 64 -11.57 -38.21 23.06
C GLY C 64 -10.96 -37.18 22.14
N CYS C 65 -11.71 -36.15 21.75
CA CYS C 65 -11.20 -35.07 20.89
C CYS C 65 -11.58 -33.75 21.54
N ASP C 66 -10.74 -33.26 22.45
CA ASP C 66 -11.02 -32.05 23.20
C ASP C 66 -9.80 -31.16 23.30
N PHE C 67 -9.13 -30.92 22.16
CA PHE C 67 -7.97 -30.04 22.16
C PHE C 67 -8.31 -28.62 22.62
N PRO C 68 -9.34 -27.94 22.12
CA PRO C 68 -9.59 -26.56 22.56
C PRO C 68 -9.93 -26.43 24.04
N PHE C 69 -10.35 -27.50 24.69
CA PHE C 69 -10.71 -27.47 26.10
C PHE C 69 -9.62 -28.02 27.01
N LEU C 70 -8.41 -28.19 26.48
CA LEU C 70 -7.29 -28.66 27.29
C LEU C 70 -6.85 -27.55 28.25
N LEU C 71 -5.84 -27.86 29.06
CA LEU C 71 -5.29 -26.90 30.01
C LEU C 71 -3.90 -26.42 29.61
N ASN C 72 -3.06 -27.31 29.10
CA ASN C 72 -1.72 -26.99 28.63
C ASN C 72 -1.63 -27.43 27.18
N LYS C 73 -2.00 -26.54 26.27
CA LYS C 73 -2.08 -26.91 24.87
C LYS C 73 -0.69 -27.00 24.26
N PRO C 74 -0.36 -28.11 23.60
CA PRO C 74 0.97 -28.22 22.98
C PRO C 74 1.14 -27.25 21.82
N LYS C 75 2.40 -26.93 21.53
CA LYS C 75 2.69 -25.97 20.47
C LYS C 75 2.64 -26.62 19.09
N PHE C 76 2.65 -27.95 19.03
CA PHE C 76 2.56 -28.68 17.77
C PHE C 76 1.34 -29.60 17.81
N ALA C 77 0.45 -29.43 16.83
CA ALA C 77 -0.79 -30.20 16.79
C ALA C 77 -1.04 -30.73 15.39
N THR C 78 -1.65 -31.90 15.32
CA THR C 78 -1.96 -32.54 14.06
C THR C 78 -3.23 -33.36 14.22
N THR C 79 -4.13 -33.28 13.24
CA THR C 79 -5.37 -34.02 13.26
C THR C 79 -5.77 -34.38 11.83
N GLY C 80 -6.88 -35.09 11.69
CA GLY C 80 -7.35 -35.51 10.40
C GLY C 80 -7.85 -34.35 9.56
N PRO C 81 -8.10 -34.59 8.28
CA PRO C 81 -8.57 -33.51 7.40
C PRO C 81 -9.96 -33.02 7.77
N MET C 82 -10.42 -32.00 7.05
CA MET C 82 -11.72 -31.39 7.36
C MET C 82 -12.87 -32.35 7.12
N ASN C 83 -12.80 -33.15 6.05
CA ASN C 83 -13.92 -33.98 5.63
C ASN C 83 -13.97 -35.32 6.35
N THR C 84 -13.36 -35.43 7.52
CA THR C 84 -13.49 -36.66 8.29
C THR C 84 -14.87 -36.74 8.94
N SER C 85 -15.37 -37.95 9.04
CA SER C 85 -16.71 -38.21 9.56
C SER C 85 -16.66 -38.35 11.08
N THR C 86 -17.56 -37.64 11.75
CA THR C 86 -17.71 -37.76 13.19
C THR C 86 -18.68 -38.89 13.53
N THR C 87 -18.74 -39.23 14.81
CA THR C 87 -19.64 -40.27 15.29
C THR C 87 -21.02 -39.75 15.66
N GLY C 88 -21.27 -38.46 15.48
CA GLY C 88 -22.55 -37.89 15.84
C GLY C 88 -23.42 -37.58 14.65
N PHE C 89 -23.52 -36.31 14.29
CA PHE C 89 -24.41 -35.90 13.22
C PHE C 89 -23.65 -35.77 11.91
N ASN C 90 -24.39 -35.90 10.81
CA ASN C 90 -23.88 -35.43 9.53
C ASN C 90 -23.76 -33.91 9.60
N PHE C 91 -22.75 -33.37 8.93
CA PHE C 91 -22.51 -31.94 9.05
C PHE C 91 -22.29 -31.29 7.69
N TYR C 92 -22.61 -30.01 7.62
CA TYR C 92 -22.35 -29.16 6.46
C TYR C 92 -21.79 -27.84 6.94
N LEU C 93 -20.79 -27.32 6.23
CA LEU C 93 -20.10 -26.10 6.62
C LEU C 93 -19.97 -25.16 5.43
N THR C 94 -20.26 -23.89 5.68
CA THR C 94 -20.05 -22.85 4.68
C THR C 94 -18.54 -22.64 4.47
N GLU C 95 -18.19 -22.06 3.31
CA GLU C 95 -16.78 -21.81 3.01
C GLU C 95 -16.11 -21.00 4.10
N LYS C 96 -16.81 -19.99 4.63
CA LYS C 96 -16.27 -19.24 5.76
C LYS C 96 -16.06 -20.13 6.97
N ALA C 97 -17.01 -21.03 7.23
CA ALA C 97 -16.87 -21.95 8.35
C ALA C 97 -15.63 -22.83 8.18
N LYS C 98 -15.38 -23.31 6.97
CA LYS C 98 -14.19 -24.11 6.72
C LYS C 98 -12.92 -23.28 6.94
N SER C 99 -12.89 -22.07 6.37
CA SER C 99 -11.70 -21.24 6.48
C SER C 99 -11.39 -20.87 7.91
N TRP C 100 -12.41 -20.78 8.77
CA TRP C 100 -12.17 -20.43 10.16
C TRP C 100 -11.98 -21.64 11.06
N MET C 101 -12.55 -22.79 10.70
CA MET C 101 -12.31 -24.01 11.44
C MET C 101 -10.93 -24.59 11.16
N ASN C 102 -10.32 -24.21 10.03
CA ASN C 102 -8.93 -24.58 9.80
C ASN C 102 -8.00 -23.98 10.84
N ILE C 103 -8.44 -22.95 11.56
CA ILE C 103 -7.61 -22.21 12.49
C ILE C 103 -8.09 -22.40 13.93
N THR C 104 -9.38 -22.23 14.18
CA THR C 104 -9.89 -22.08 15.53
C THR C 104 -9.82 -23.35 16.36
N TRP C 105 -9.64 -24.53 15.75
CA TRP C 105 -9.59 -25.75 16.54
C TRP C 105 -8.27 -25.90 17.29
N ARG C 106 -7.26 -25.11 16.97
CA ARG C 106 -5.94 -25.27 17.55
C ARG C 106 -5.40 -23.97 18.12
N VAL C 107 -6.28 -23.11 18.65
CA VAL C 107 -5.84 -21.89 19.28
C VAL C 107 -5.24 -22.21 20.65
N LEU C 108 -4.18 -21.49 21.00
CA LEU C 108 -3.46 -21.74 22.25
C LEU C 108 -3.98 -20.92 23.41
N GLY C 109 -5.03 -20.13 23.22
CA GLY C 109 -5.59 -19.31 24.27
C GLY C 109 -6.58 -20.06 25.12
N GLU C 110 -7.39 -19.30 25.86
CA GLU C 110 -8.45 -19.85 26.70
C GLU C 110 -9.79 -19.52 26.09
N ASN C 111 -10.67 -20.52 25.99
CA ASN C 111 -11.97 -20.36 25.36
C ASN C 111 -13.04 -20.10 26.43
N LYS C 112 -13.98 -19.21 26.10
CA LYS C 112 -15.04 -18.82 27.02
C LYS C 112 -16.33 -19.53 26.67
N ASP C 113 -17.07 -19.92 27.70
CA ASP C 113 -18.32 -20.67 27.55
C ASP C 113 -19.49 -19.81 27.99
N PHE C 114 -20.62 -19.93 27.29
CA PHE C 114 -21.84 -19.22 27.65
C PHE C 114 -23.07 -20.09 27.48
N GLY C 115 -22.90 -21.41 27.58
CA GLY C 115 -24.04 -22.30 27.47
C GLY C 115 -25.01 -22.15 28.63
N ASP C 116 -24.48 -21.87 29.83
CA ASP C 116 -25.35 -21.73 31.00
C ASP C 116 -26.37 -20.62 30.77
N ASN C 117 -25.89 -19.42 30.42
CA ASN C 117 -26.79 -18.29 30.22
C ASN C 117 -27.92 -18.63 29.26
N LEU C 118 -27.61 -19.37 28.20
CA LEU C 118 -28.65 -19.86 27.31
C LEU C 118 -29.62 -20.79 28.04
N VAL C 119 -29.09 -21.64 28.92
CA VAL C 119 -29.96 -22.59 29.64
C VAL C 119 -30.95 -21.84 30.52
N GLU C 120 -30.48 -20.85 31.28
CA GLU C 120 -31.43 -20.09 32.09
C GLU C 120 -32.37 -19.23 31.26
N LYS C 121 -31.90 -18.66 30.15
CA LYS C 121 -32.78 -17.78 29.39
C LYS C 121 -33.87 -18.54 28.64
N TYR C 122 -33.52 -19.66 28.00
CA TYR C 122 -34.47 -20.36 27.13
C TYR C 122 -34.68 -21.81 27.53
N GLY C 123 -34.49 -22.14 28.80
CA GLY C 123 -34.77 -23.49 29.26
C GLY C 123 -33.75 -24.51 28.81
N GLU C 124 -34.13 -25.78 28.96
CA GLU C 124 -33.23 -26.87 28.62
C GLU C 124 -33.08 -27.00 27.11
N SER C 125 -31.99 -27.63 26.70
CA SER C 125 -31.70 -27.82 25.29
C SER C 125 -32.51 -28.98 24.71
N GLY C 126 -32.53 -29.07 23.39
CA GLY C 126 -33.19 -30.18 22.74
C GLY C 126 -32.45 -31.49 22.96
N ALA C 127 -33.20 -32.58 22.94
CA ALA C 127 -32.67 -33.90 23.23
C ALA C 127 -32.77 -34.79 22.01
N THR C 128 -31.66 -35.44 21.67
CA THR C 128 -31.63 -36.41 20.57
C THR C 128 -30.65 -37.51 20.91
N SER C 129 -30.99 -38.74 20.51
CA SER C 129 -30.14 -39.88 20.79
C SER C 129 -28.98 -40.01 19.83
N GLU C 130 -29.02 -39.31 18.70
CA GLU C 130 -27.93 -39.37 17.72
C GLU C 130 -26.72 -38.55 18.14
N GLY C 131 -26.86 -37.70 19.14
CA GLY C 131 -25.74 -36.88 19.59
C GLY C 131 -25.31 -37.19 21.00
N ALA C 132 -25.40 -38.47 21.39
CA ALA C 132 -24.96 -38.86 22.72
C ALA C 132 -23.46 -38.65 22.90
N THR C 133 -22.68 -38.99 21.87
CA THR C 133 -21.23 -38.83 21.96
C THR C 133 -20.84 -37.36 22.05
N LEU C 134 -21.45 -36.52 21.21
CA LEU C 134 -21.16 -35.10 21.24
C LEU C 134 -21.75 -34.46 22.49
N LYS C 135 -21.07 -33.43 23.00
CA LYS C 135 -21.46 -32.84 24.27
C LYS C 135 -21.42 -31.32 24.28
N ASN C 136 -21.15 -30.66 23.16
CA ASN C 136 -21.03 -29.20 23.10
C ASN C 136 -21.91 -28.66 21.98
N TYR C 137 -23.19 -28.44 22.29
CA TYR C 137 -24.13 -27.83 21.36
C TYR C 137 -25.43 -27.55 22.12
N TYR C 138 -26.10 -26.47 21.71
CA TYR C 138 -27.40 -26.09 22.27
C TYR C 138 -28.43 -26.08 21.16
N TRP C 139 -29.49 -26.84 21.33
CA TRP C 139 -30.55 -26.98 20.34
C TRP C 139 -31.81 -26.31 20.87
N TYR C 140 -32.21 -25.21 20.24
CA TYR C 140 -33.32 -24.38 20.71
C TYR C 140 -34.61 -24.93 20.14
N VAL C 141 -35.40 -25.59 20.98
CA VAL C 141 -36.73 -26.08 20.59
C VAL C 141 -37.74 -25.64 21.64
N PRO C 142 -38.33 -24.45 21.49
CA PRO C 142 -39.31 -23.99 22.49
C PRO C 142 -40.61 -24.77 22.39
N THR C 143 -41.41 -24.65 23.45
CA THR C 143 -42.69 -25.35 23.49
C THR C 143 -43.64 -24.85 22.41
N ALA C 144 -43.71 -23.54 22.19
CA ALA C 144 -44.61 -22.95 21.22
C ALA C 144 -43.81 -22.56 19.98
N LYS C 145 -43.65 -23.52 19.07
CA LYS C 145 -42.93 -23.26 17.84
C LYS C 145 -43.75 -22.35 16.93
N PRO C 146 -43.09 -21.49 16.13
CA PRO C 146 -41.64 -21.30 16.09
C PRO C 146 -41.14 -20.41 17.24
N GLY C 147 -41.91 -19.39 17.58
CA GLY C 147 -41.55 -18.49 18.65
C GLY C 147 -40.19 -17.84 18.47
N PRO C 148 -40.08 -16.96 17.48
CA PRO C 148 -38.78 -16.31 17.24
C PRO C 148 -38.37 -15.43 18.41
N VAL C 149 -37.07 -15.43 18.68
CA VAL C 149 -36.48 -14.62 19.76
C VAL C 149 -35.14 -14.07 19.26
N VAL C 150 -34.62 -13.10 20.01
CA VAL C 150 -33.32 -12.51 19.74
C VAL C 150 -32.48 -12.61 21.01
N TYR C 151 -31.29 -13.19 20.89
CA TYR C 151 -30.40 -13.42 22.02
C TYR C 151 -29.29 -12.37 21.99
N GLU C 152 -29.20 -11.58 23.05
CA GLU C 152 -28.21 -10.53 23.20
C GLU C 152 -27.20 -10.96 24.25
N LYS C 153 -25.91 -10.73 24.00
CA LYS C 153 -24.92 -10.99 25.04
C LYS C 153 -23.68 -10.16 24.78
N LEU C 154 -23.10 -9.63 25.86
CA LEU C 154 -21.84 -8.90 25.80
C LEU C 154 -20.70 -9.90 25.84
N ALA C 155 -19.87 -9.88 24.80
CA ALA C 155 -18.80 -10.86 24.67
C ALA C 155 -17.69 -10.59 25.68
N GLU C 156 -16.85 -11.61 25.89
CA GLU C 156 -15.75 -11.51 26.84
C GLU C 156 -14.38 -11.53 26.17
N CYS C 157 -14.29 -11.95 24.91
CA CYS C 157 -13.03 -11.97 24.19
C CYS C 157 -13.32 -11.76 22.71
N THR C 158 -12.28 -11.78 21.89
CA THR C 158 -12.39 -11.63 20.45
C THR C 158 -12.18 -13.00 19.82
N GLY C 159 -13.21 -13.53 19.18
CA GLY C 159 -13.12 -14.84 18.58
C GLY C 159 -14.20 -15.06 17.55
N THR C 160 -14.51 -16.34 17.33
CA THR C 160 -15.52 -16.75 16.37
C THR C 160 -16.56 -17.62 17.05
N ILE C 161 -17.81 -17.48 16.61
CA ILE C 161 -18.92 -18.30 17.10
C ILE C 161 -19.55 -19.02 15.92
N TYR C 162 -19.75 -20.32 16.06
CA TYR C 162 -20.35 -21.13 15.02
C TYR C 162 -21.81 -21.39 15.34
N TYR C 163 -22.70 -20.94 14.46
CA TYR C 163 -24.14 -21.07 14.65
C TYR C 163 -24.73 -21.80 13.46
N GLY C 164 -26.05 -21.93 13.44
CA GLY C 164 -26.71 -22.52 12.29
C GLY C 164 -27.98 -23.26 12.65
N ALA C 165 -28.22 -24.40 12.01
CA ALA C 165 -29.41 -25.19 12.28
C ALA C 165 -29.05 -26.66 12.39
N LEU C 166 -30.00 -27.44 12.92
CA LEU C 166 -29.84 -28.90 13.04
C LEU C 166 -31.20 -29.51 12.72
N LEU C 167 -31.31 -30.08 11.53
CA LEU C 167 -32.60 -30.54 11.01
C LEU C 167 -32.49 -31.94 10.45
N SER C 168 -33.61 -32.67 10.47
CA SER C 168 -33.65 -34.04 9.98
C SER C 168 -33.87 -34.03 8.46
N ASP C 169 -33.96 -35.22 7.88
CA ASP C 169 -34.16 -35.38 6.44
C ASP C 169 -35.63 -35.60 6.10
N ALA C 170 -36.34 -36.39 6.89
CA ALA C 170 -37.75 -36.65 6.62
C ALA C 170 -38.57 -35.38 6.81
N GLU C 171 -39.65 -35.26 6.05
CA GLU C 171 -40.52 -34.09 6.19
C GLU C 171 -41.21 -34.07 7.54
N ALA C 172 -41.55 -35.24 8.08
CA ALA C 172 -42.25 -35.30 9.37
C ALA C 172 -41.39 -34.71 10.48
N GLY C 173 -40.11 -35.08 10.52
CA GLY C 173 -39.22 -34.54 11.54
C GLY C 173 -39.01 -33.05 11.39
N TYR C 174 -38.86 -32.58 10.15
CA TYR C 174 -38.69 -31.15 9.91
C TYR C 174 -39.90 -30.36 10.38
N ILE C 175 -41.10 -30.86 10.08
CA ILE C 175 -42.32 -30.17 10.51
C ILE C 175 -42.47 -30.22 12.02
N ALA C 176 -42.13 -31.37 12.63
CA ALA C 176 -42.27 -31.50 14.07
C ALA C 176 -41.30 -30.60 14.82
N VAL C 177 -40.10 -30.40 14.29
CA VAL C 177 -39.10 -29.59 15.00
C VAL C 177 -39.31 -28.11 14.72
N THR C 178 -39.36 -27.73 13.44
CA THR C 178 -39.42 -26.32 13.10
C THR C 178 -40.81 -25.71 13.31
N GLY C 179 -41.87 -26.48 13.07
CA GLY C 179 -43.20 -25.93 13.15
C GLY C 179 -43.59 -25.05 11.99
N ARG C 180 -42.78 -25.01 10.93
CA ARG C 180 -43.04 -24.19 9.76
C ARG C 180 -43.54 -25.05 8.61
N ASN C 181 -44.15 -24.40 7.63
CA ASN C 181 -44.56 -25.10 6.42
C ASN C 181 -43.35 -25.42 5.56
N VAL C 182 -43.45 -26.51 4.80
CA VAL C 182 -42.33 -26.94 3.98
C VAL C 182 -42.05 -25.94 2.86
N THR C 183 -43.08 -25.22 2.42
CA THR C 183 -42.91 -24.19 1.39
C THR C 183 -42.60 -22.84 2.00
N GLU C 184 -41.58 -22.80 2.86
CA GLU C 184 -41.17 -21.57 3.53
C GLU C 184 -39.67 -21.56 3.67
N ARG C 185 -39.06 -20.40 3.42
CA ARG C 185 -37.63 -20.20 3.60
C ARG C 185 -37.44 -19.25 4.77
N TRP C 186 -36.67 -19.68 5.76
CA TRP C 186 -36.42 -18.88 6.95
C TRP C 186 -34.92 -18.65 7.11
N ASP C 187 -34.57 -17.71 7.98
CA ASP C 187 -33.20 -17.25 8.11
C ASP C 187 -32.73 -17.26 9.56
N VAL C 188 -31.44 -17.47 9.74
CA VAL C 188 -30.76 -17.26 11.02
C VAL C 188 -29.63 -16.27 10.77
N ARG C 189 -29.62 -15.19 11.55
CA ARG C 189 -28.69 -14.09 11.34
C ARG C 189 -27.83 -13.87 12.58
N PHE C 190 -26.59 -13.45 12.33
CA PHE C 190 -25.62 -13.15 13.36
C PHE C 190 -25.12 -11.73 13.15
N THR C 191 -25.14 -10.93 14.21
CA THR C 191 -24.78 -9.52 14.15
C THR C 191 -23.79 -9.22 15.27
N GLY C 192 -22.51 -9.36 14.97
CA GLY C 192 -21.46 -8.99 15.90
C GLY C 192 -20.57 -7.91 15.32
N SER C 193 -19.29 -8.21 15.15
CA SER C 193 -18.40 -7.29 14.44
C SER C 193 -18.73 -7.22 12.95
N SER C 194 -19.51 -8.17 12.44
CA SER C 194 -19.93 -8.17 11.04
C SER C 194 -21.23 -8.95 10.93
N GLU C 195 -21.94 -8.70 9.84
CA GLU C 195 -23.25 -9.30 9.60
C GLU C 195 -23.10 -10.60 8.83
N SER C 196 -23.82 -11.64 9.28
CA SER C 196 -23.84 -12.92 8.58
C SER C 196 -25.24 -13.48 8.64
N SER C 197 -25.57 -14.35 7.69
CA SER C 197 -26.90 -14.94 7.65
C SER C 197 -26.82 -16.30 6.95
N ILE C 198 -27.84 -17.12 7.20
CA ILE C 198 -27.94 -18.43 6.57
C ILE C 198 -29.41 -18.77 6.41
N SER C 199 -29.74 -19.43 5.31
CA SER C 199 -31.13 -19.67 4.91
C SER C 199 -31.43 -21.17 4.90
N PHE C 200 -32.67 -21.50 5.25
CA PHE C 200 -33.13 -22.88 5.30
C PHE C 200 -34.53 -22.97 4.72
N SER C 201 -34.90 -24.19 4.34
CA SER C 201 -36.25 -24.46 3.81
C SER C 201 -36.54 -25.94 4.01
N GLY C 202 -37.60 -26.41 3.36
CA GLY C 202 -38.01 -27.80 3.48
C GLY C 202 -36.98 -28.75 2.91
N PRO C 203 -37.01 -30.00 3.37
CA PRO C 203 -36.01 -30.97 2.88
C PRO C 203 -36.04 -31.18 1.38
N LYS C 204 -37.23 -31.24 0.78
CA LYS C 204 -37.34 -31.33 -0.68
C LYS C 204 -37.52 -29.95 -1.30
N GLN C 205 -36.68 -29.01 -0.89
CA GLN C 205 -36.78 -27.63 -1.35
C GLN C 205 -35.42 -26.96 -1.27
N SER C 206 -35.14 -26.07 -2.21
CA SER C 206 -33.93 -25.28 -2.15
C SER C 206 -33.99 -24.33 -0.95
N PRO C 207 -32.85 -24.07 -0.29
CA PRO C 207 -31.51 -24.56 -0.61
C PRO C 207 -31.10 -25.83 0.12
N MET C 208 -32.01 -26.42 0.90
CA MET C 208 -31.60 -27.54 1.75
C MET C 208 -31.34 -28.80 0.94
N GLU C 209 -32.01 -28.97 -0.21
CA GLU C 209 -31.79 -30.17 -1.01
C GLU C 209 -30.33 -30.30 -1.42
N GLU C 210 -29.60 -29.18 -1.53
CA GLU C 210 -28.17 -29.26 -1.72
C GLU C 210 -27.42 -29.45 -0.41
N TYR C 211 -28.02 -29.08 0.72
CA TYR C 211 -27.40 -29.35 2.01
C TYR C 211 -27.30 -30.85 2.26
N ILE C 212 -28.35 -31.60 1.92
CA ILE C 212 -28.26 -33.06 2.06
C ILE C 212 -27.19 -33.62 1.14
N ILE C 213 -27.16 -33.17 -0.12
CA ILE C 213 -26.24 -33.75 -1.09
C ILE C 213 -24.79 -33.45 -0.71
N LYS C 214 -24.50 -32.23 -0.28
CA LYS C 214 -23.14 -31.83 0.06
C LYS C 214 -22.74 -32.20 1.48
N SER C 215 -23.65 -32.79 2.26
CA SER C 215 -23.34 -33.12 3.64
C SER C 215 -22.31 -34.24 3.70
N VAL C 216 -21.59 -34.30 4.83
CA VAL C 216 -20.61 -35.34 5.09
C VAL C 216 -21.23 -36.36 6.03
N ARG C 217 -21.41 -37.58 5.53
CA ARG C 217 -22.09 -38.61 6.31
C ARG C 217 -21.24 -39.03 7.50
N SER C 218 -21.92 -39.46 8.57
CA SER C 218 -21.26 -39.82 9.80
C SER C 218 -20.78 -41.27 9.74
N SER C 219 -20.13 -41.72 10.82
CA SER C 219 -19.67 -43.10 10.89
C SER C 219 -20.85 -44.06 10.95
N VAL C 220 -21.83 -43.78 11.79
CA VAL C 220 -23.05 -44.56 11.83
C VAL C 220 -23.96 -44.16 10.68
N ASP C 221 -24.61 -45.13 10.06
CA ASP C 221 -25.42 -44.91 8.87
C ASP C 221 -26.91 -44.88 9.16
N THR C 222 -27.31 -44.78 10.42
CA THR C 222 -28.72 -44.76 10.82
C THR C 222 -29.10 -43.44 11.45
N VAL C 223 -28.43 -42.36 11.03
CA VAL C 223 -28.71 -41.03 11.56
C VAL C 223 -29.26 -40.18 10.42
N ARG C 224 -30.38 -39.50 10.68
CA ARG C 224 -31.04 -38.66 9.70
C ARG C 224 -30.86 -37.18 9.97
N ASN C 225 -30.05 -36.81 10.97
CA ASN C 225 -29.90 -35.42 11.38
C ASN C 225 -28.67 -34.81 10.72
N ILE C 226 -28.84 -33.61 10.16
CA ILE C 226 -27.76 -32.85 9.57
C ILE C 226 -27.67 -31.52 10.28
N ILE C 227 -26.45 -31.16 10.69
CA ILE C 227 -26.18 -29.87 11.33
C ILE C 227 -25.47 -28.98 10.31
N ILE C 228 -26.10 -27.86 9.98
CA ILE C 228 -25.56 -26.89 9.04
C ILE C 228 -25.00 -25.73 9.86
N LEU C 229 -23.73 -25.39 9.62
CA LEU C 229 -23.03 -24.43 10.44
C LEU C 229 -22.47 -23.29 9.60
N ASP C 230 -22.34 -22.13 10.24
CA ASP C 230 -21.75 -20.95 9.66
C ASP C 230 -21.03 -20.20 10.78
N SER C 231 -20.15 -19.29 10.39
CA SER C 231 -19.26 -18.62 11.34
C SER C 231 -19.59 -17.15 11.45
N GLY C 232 -19.39 -16.59 12.65
CA GLY C 232 -19.52 -15.17 12.86
C GLY C 232 -18.43 -14.69 13.81
N ARG C 233 -18.16 -13.39 13.71
CA ARG C 233 -17.08 -12.77 14.48
C ARG C 233 -17.67 -11.83 15.54
N VAL C 234 -17.00 -11.76 16.69
CA VAL C 234 -17.43 -10.92 17.79
C VAL C 234 -16.31 -9.97 18.18
N LYS C 235 -16.56 -9.11 19.17
CA LYS C 235 -15.58 -8.17 19.68
C LYS C 235 -15.61 -8.21 21.20
N LYS C 236 -14.48 -7.85 21.80
CA LYS C 236 -14.33 -8.02 23.25
C LYS C 236 -15.33 -7.16 24.02
N GLY C 237 -15.53 -5.91 23.61
CA GLY C 237 -16.36 -5.01 24.37
C GLY C 237 -17.82 -4.96 23.95
N GLU C 238 -18.06 -5.01 22.64
CA GLU C 238 -19.41 -4.83 22.10
C GLU C 238 -20.28 -6.05 22.35
N THR C 239 -21.57 -5.88 22.13
CA THR C 239 -22.57 -6.90 22.37
C THR C 239 -23.02 -7.52 21.06
N PHE C 240 -23.05 -8.85 21.00
CA PHE C 240 -23.47 -9.57 19.82
C PHE C 240 -24.85 -10.18 20.00
N SER C 241 -25.57 -10.31 18.89
CA SER C 241 -26.95 -10.77 18.89
C SER C 241 -27.15 -11.85 17.85
N ILE C 242 -27.96 -12.85 18.19
CA ILE C 242 -28.30 -13.94 17.29
C ILE C 242 -29.81 -14.07 17.24
N SER C 243 -30.35 -14.20 16.03
CA SER C 243 -31.79 -14.34 15.85
C SER C 243 -32.15 -15.81 15.80
N LEU C 244 -32.81 -16.30 16.86
CA LEU C 244 -33.10 -17.72 17.03
C LEU C 244 -34.55 -18.01 16.71
N SER C 245 -34.79 -19.12 16.03
CA SER C 245 -36.11 -19.69 15.85
C SER C 245 -36.06 -21.17 16.27
N SER C 246 -37.21 -21.82 16.26
CA SER C 246 -37.27 -23.22 16.62
C SER C 246 -36.42 -24.06 15.66
N GLY C 247 -35.54 -24.87 16.23
CA GLY C 247 -34.65 -25.70 15.44
C GLY C 247 -33.25 -25.16 15.25
N ALA C 248 -33.04 -23.87 15.50
CA ALA C 248 -31.70 -23.30 15.35
C ALA C 248 -30.77 -23.83 16.41
N VAL C 249 -29.50 -23.97 16.05
CA VAL C 249 -28.46 -24.51 16.93
C VAL C 249 -27.32 -23.51 16.98
N VAL C 250 -26.62 -23.49 18.11
CA VAL C 250 -25.44 -22.64 18.29
C VAL C 250 -24.47 -23.36 19.20
N ILE C 251 -23.19 -23.27 18.87
CA ILE C 251 -22.14 -23.89 19.68
C ILE C 251 -21.74 -22.88 20.75
N PRO C 252 -22.02 -23.16 22.02
CA PRO C 252 -21.77 -22.17 23.10
C PRO C 252 -20.31 -22.12 23.53
N THR C 253 -19.48 -21.49 22.70
CA THR C 253 -18.08 -21.33 23.02
C THR C 253 -17.49 -20.27 22.11
N ILE C 254 -16.87 -19.25 22.70
CA ILE C 254 -16.17 -18.21 21.93
C ILE C 254 -14.71 -18.63 21.83
N PHE C 255 -14.30 -19.03 20.63
CA PHE C 255 -12.93 -19.46 20.42
C PHE C 255 -12.01 -18.24 20.37
N CYS C 256 -11.48 -17.87 21.53
CA CYS C 256 -10.78 -16.60 21.67
C CYS C 256 -9.52 -16.56 20.82
N ASP C 257 -9.14 -15.36 20.39
CA ASP C 257 -8.00 -15.18 19.51
C ASP C 257 -6.69 -15.35 20.30
N GLY C 258 -5.61 -15.50 19.56
CA GLY C 258 -4.29 -15.69 20.11
C GLY C 258 -3.45 -16.48 19.15
N ASP C 259 -2.28 -16.92 19.62
CA ASP C 259 -1.44 -17.79 18.82
C ASP C 259 -2.09 -19.15 18.66
N PHE C 260 -1.82 -19.81 17.53
CA PHE C 260 -2.34 -21.15 17.29
C PHE C 260 -1.22 -22.05 16.82
N ALA C 261 -1.33 -23.33 17.17
CA ALA C 261 -0.25 -24.27 16.97
C ALA C 261 0.01 -24.52 15.49
N VAL C 262 1.19 -25.04 15.20
CA VAL C 262 1.60 -25.34 13.84
C VAL C 262 1.52 -26.84 13.61
N THR C 263 1.22 -27.23 12.38
CA THR C 263 1.20 -28.63 12.01
C THR C 263 2.52 -28.96 11.32
N PRO C 264 3.39 -29.76 11.94
CA PRO C 264 4.71 -30.00 11.34
C PRO C 264 4.60 -30.65 9.97
N GLN C 265 5.45 -30.20 9.05
CA GLN C 265 5.52 -30.76 7.72
C GLN C 265 6.89 -31.31 7.38
N VAL C 266 7.86 -31.21 8.30
CA VAL C 266 9.18 -31.78 8.11
C VAL C 266 9.48 -32.70 9.28
N GLN C 267 10.67 -33.29 9.30
CA GLN C 267 11.03 -34.23 10.34
C GLN C 267 11.12 -33.52 11.69
N ILE C 268 10.46 -34.10 12.70
CA ILE C 268 10.55 -33.62 14.07
C ILE C 268 11.78 -34.25 14.72
N ASP C 269 12.67 -33.42 15.25
CA ASP C 269 13.90 -33.90 15.85
C ASP C 269 14.00 -33.41 17.28
N LYS C 270 14.19 -34.35 18.21
CA LYS C 270 14.43 -34.02 19.60
C LYS C 270 15.92 -33.81 19.82
N ASP C 271 16.34 -33.76 21.09
CA ASP C 271 17.74 -33.62 21.48
C ASP C 271 18.35 -32.31 21.02
N CYS C 272 17.51 -31.34 20.62
CA CYS C 272 17.99 -30.02 20.23
C CYS C 272 16.84 -29.04 20.38
N ALA C 273 17.13 -27.90 20.98
CA ALA C 273 16.11 -26.90 21.27
C ALA C 273 16.36 -25.64 20.45
N SER C 274 15.32 -24.83 20.33
CA SER C 274 15.40 -23.57 19.60
C SER C 274 14.39 -22.60 20.22
N ASP C 275 14.20 -21.46 19.57
CA ASP C 275 13.28 -20.44 20.05
C ASP C 275 12.14 -20.14 19.11
N CYS C 276 12.39 -20.08 17.80
CA CYS C 276 11.36 -19.77 16.81
C CYS C 276 11.18 -21.00 15.92
N HIS C 277 9.95 -21.48 15.83
CA HIS C 277 9.63 -22.65 15.02
C HIS C 277 8.64 -22.28 13.93
N SER C 278 8.74 -22.97 12.81
CA SER C 278 7.83 -22.82 11.68
C SER C 278 7.36 -24.19 11.23
N ALA C 279 6.36 -24.20 10.35
CA ALA C 279 5.80 -25.44 9.85
C ALA C 279 6.76 -26.20 8.94
N TYR C 280 7.86 -25.57 8.51
CA TYR C 280 8.81 -26.20 7.60
C TYR C 280 10.22 -26.27 8.17
N GLY C 281 10.43 -25.89 9.42
CA GLY C 281 11.73 -25.94 10.05
C GLY C 281 11.89 -24.84 11.08
N SER C 282 12.80 -25.07 12.02
CA SER C 282 13.08 -24.12 13.09
C SER C 282 14.02 -23.04 12.56
N PHE C 283 14.38 -22.09 13.43
CA PHE C 283 15.23 -20.97 13.07
C PHE C 283 16.29 -20.79 14.14
N PRO C 284 17.44 -20.22 13.78
CA PRO C 284 18.53 -20.08 14.75
C PRO C 284 18.18 -19.14 15.88
N ASN C 285 18.92 -19.28 16.98
CA ASN C 285 18.71 -18.46 18.16
C ASN C 285 19.07 -17.00 17.89
N GLY C 286 18.28 -16.09 18.44
CA GLY C 286 18.60 -14.67 18.44
C GLY C 286 18.78 -14.04 17.07
N SER C 287 17.89 -14.38 16.14
CA SER C 287 17.91 -13.76 14.83
C SER C 287 17.20 -12.42 14.86
N SER C 288 17.73 -11.46 14.11
CA SER C 288 17.11 -10.14 14.03
C SER C 288 15.88 -10.17 13.13
N PHE C 289 15.92 -10.96 12.06
CA PHE C 289 14.79 -11.12 11.15
C PHE C 289 14.74 -12.56 10.68
N ILE C 290 13.59 -12.96 10.18
CA ILE C 290 13.33 -14.34 9.77
C ILE C 290 12.98 -14.36 8.29
N ILE C 291 13.63 -15.24 7.54
CA ILE C 291 13.31 -15.45 6.14
C ILE C 291 12.09 -16.36 6.10
N HIS C 292 10.91 -15.77 5.96
CA HIS C 292 9.66 -16.53 6.01
C HIS C 292 8.66 -15.88 5.07
N HIS C 293 7.71 -16.69 4.60
CA HIS C 293 6.68 -16.23 3.67
C HIS C 293 5.35 -15.98 4.35
N SER C 294 5.31 -15.98 5.67
CA SER C 294 4.07 -15.75 6.42
C SER C 294 4.42 -15.30 7.82
N VAL C 295 3.41 -14.82 8.54
CA VAL C 295 3.59 -14.30 9.89
C VAL C 295 3.21 -15.33 10.96
N HIS C 296 2.95 -16.58 10.55
CA HIS C 296 2.56 -17.62 11.48
C HIS C 296 3.81 -18.28 12.05
N THR C 297 3.96 -18.20 13.37
CA THR C 297 5.10 -18.83 14.05
C THR C 297 4.73 -19.01 15.51
N VAL C 298 5.49 -19.87 16.19
CA VAL C 298 5.30 -20.13 17.60
C VAL C 298 6.60 -19.83 18.34
N GLY C 299 6.46 -19.47 19.61
CA GLY C 299 7.60 -19.04 20.40
C GLY C 299 7.95 -17.59 20.12
N SER C 300 9.09 -17.18 20.66
CA SER C 300 9.59 -15.82 20.45
C SER C 300 10.18 -15.71 19.05
N CYS C 301 9.61 -14.85 18.22
CA CYS C 301 10.04 -14.74 16.84
C CYS C 301 10.14 -13.27 16.43
N PRO C 302 11.18 -12.90 15.67
CA PRO C 302 11.29 -11.52 15.19
C PRO C 302 10.45 -11.32 13.95
N PRO C 303 10.39 -10.09 13.41
CA PRO C 303 9.63 -9.87 12.17
C PRO C 303 10.18 -10.69 11.02
N SER C 304 9.28 -11.05 10.10
CA SER C 304 9.61 -11.91 8.97
C SER C 304 9.80 -11.08 7.70
N ILE C 305 10.81 -11.46 6.91
CA ILE C 305 11.05 -10.87 5.60
C ILE C 305 11.12 -11.99 4.59
N LEU C 306 11.14 -11.61 3.31
CA LEU C 306 11.06 -12.58 2.23
C LEU C 306 12.41 -12.95 1.63
N ARG C 307 13.45 -12.16 1.84
CA ARG C 307 14.74 -12.44 1.25
C ARG C 307 15.85 -11.76 2.05
N ASN C 308 17.04 -12.33 2.00
CA ASN C 308 18.17 -11.85 2.78
C ASN C 308 18.84 -10.65 2.11
N PHE C 309 19.62 -9.93 2.91
CA PHE C 309 20.39 -8.78 2.45
C PHE C 309 21.74 -8.78 3.14
N ASP C 310 22.71 -8.13 2.51
CA ASP C 310 24.08 -8.10 3.02
C ASP C 310 24.34 -6.77 3.72
N VAL C 311 24.89 -6.85 4.93
CA VAL C 311 25.33 -5.68 5.67
C VAL C 311 26.83 -5.79 5.90
N ILE C 312 27.46 -4.62 6.05
CA ILE C 312 28.92 -4.57 6.15
C ILE C 312 29.38 -5.15 7.48
N ASP C 313 30.55 -5.76 7.47
CA ASP C 313 31.16 -6.30 8.68
C ASP C 313 32.61 -5.90 8.87
N GLY C 314 33.33 -5.51 7.82
CA GLY C 314 34.69 -5.04 7.95
C GLY C 314 34.82 -3.55 7.69
N TYR C 315 35.54 -3.19 6.63
CA TYR C 315 35.70 -1.79 6.26
C TYR C 315 35.99 -1.71 4.77
N GLU C 316 35.81 -0.52 4.21
CA GLU C 316 36.04 -0.32 2.79
C GLU C 316 37.51 -0.46 2.46
N ALA C 317 37.81 -1.07 1.32
CA ALA C 317 39.18 -1.28 0.86
C ALA C 317 39.55 -0.14 -0.08
N THR C 318 40.08 0.94 0.51
CA THR C 318 40.47 2.13 -0.24
C THR C 318 41.98 2.09 -0.47
N TRP C 319 42.39 1.26 -1.43
CA TRP C 319 43.78 1.16 -1.83
C TRP C 319 43.84 0.49 -3.20
N GLU C 320 45.03 0.09 -3.61
CA GLU C 320 45.23 -0.60 -4.88
C GLU C 320 44.50 -1.94 -4.88
N PHE C 335 55.25 3.63 -3.55
CA PHE C 335 53.89 4.12 -3.76
C PHE C 335 52.99 3.78 -2.58
N PHE C 336 52.40 4.81 -1.98
CA PHE C 336 51.49 4.67 -0.85
C PHE C 336 50.09 5.06 -1.29
N THR C 337 49.13 4.16 -1.11
CA THR C 337 47.75 4.41 -1.50
C THR C 337 46.81 4.54 -0.32
N GLY C 338 47.21 4.11 0.87
CA GLY C 338 46.34 4.20 2.03
C GLY C 338 46.43 2.97 2.92
N GLY C 339 46.81 1.84 2.34
CA GLY C 339 46.97 0.62 3.09
C GLY C 339 48.35 0.48 3.70
N ILE C 340 48.50 -0.57 4.51
CA ILE C 340 49.77 -0.91 5.14
C ILE C 340 50.13 -2.33 4.75
N GLN C 341 51.32 -2.50 4.17
CA GLN C 341 51.71 -3.81 3.67
C GLN C 341 52.04 -4.78 4.80
N GLY C 342 52.45 -4.26 5.95
CA GLY C 342 52.81 -5.12 7.06
C GLY C 342 51.61 -5.80 7.68
N ALA C 343 51.90 -6.80 8.51
CA ALA C 343 50.88 -7.59 9.18
C ALA C 343 50.77 -7.13 10.64
N ILE C 344 49.56 -6.77 11.05
CA ILE C 344 49.29 -6.29 12.41
C ILE C 344 48.03 -6.94 12.93
N ASP C 345 47.85 -6.85 14.25
CA ASP C 345 46.66 -7.39 14.92
C ASP C 345 45.70 -6.24 15.16
N GLY C 346 44.90 -5.95 14.15
CA GLY C 346 43.95 -4.86 14.23
C GLY C 346 43.52 -4.43 12.84
N TRP C 347 42.90 -3.26 12.78
CA TRP C 347 42.45 -2.67 11.53
C TRP C 347 43.29 -1.48 11.11
N TYR C 348 43.55 -0.55 12.02
CA TYR C 348 44.34 0.64 11.75
C TYR C 348 45.75 0.46 12.29
N GLY C 349 46.68 1.22 11.74
CA GLY C 349 48.07 1.09 12.15
C GLY C 349 48.92 2.25 11.67
N VAL C 350 50.14 2.27 12.18
CA VAL C 350 51.16 3.27 11.84
C VAL C 350 52.46 2.55 11.56
N THR C 351 53.17 3.00 10.52
CA THR C 351 54.39 2.33 10.10
C THR C 351 55.32 3.31 9.41
N ASN C 352 56.57 2.89 9.26
CA ASN C 352 57.61 3.64 8.56
C ASN C 352 58.18 2.81 7.42
N HIS C 353 57.31 2.10 6.70
CA HIS C 353 57.73 1.21 5.62
C HIS C 353 58.71 0.15 6.10
N ASP C 354 58.47 -0.36 7.31
CA ASP C 354 59.24 -1.48 7.86
C ASP C 354 58.27 -2.51 8.37
N THR C 355 58.66 -3.78 8.25
CA THR C 355 57.79 -4.91 8.57
C THR C 355 58.36 -5.69 9.73
N GLY C 356 57.52 -5.98 10.73
CA GLY C 356 57.90 -6.86 11.82
C GLY C 356 58.14 -6.15 13.14
N LYS C 357 58.83 -5.03 13.10
CA LYS C 357 59.08 -4.30 14.34
C LYS C 357 58.88 -2.80 14.18
N GLY C 358 58.97 -2.29 12.95
CA GLY C 358 58.72 -0.89 12.69
C GLY C 358 57.28 -0.53 12.42
N THR C 359 56.36 -1.49 12.54
CA THR C 359 54.94 -1.26 12.31
C THR C 359 54.19 -1.57 13.60
N ALA C 360 53.33 -0.64 14.01
CA ALA C 360 52.57 -0.80 15.24
C ALA C 360 51.09 -0.54 14.97
N ALA C 361 50.25 -1.20 15.75
CA ALA C 361 48.81 -1.12 15.60
C ALA C 361 48.18 -0.52 16.85
N ASP C 362 47.07 0.19 16.65
CA ASP C 362 46.33 0.84 17.73
C ASP C 362 44.96 0.19 17.86
N GLN C 363 44.61 -0.22 19.08
CA GLN C 363 43.33 -0.85 19.33
C GLN C 363 42.18 0.14 19.43
N THR C 364 42.46 1.42 19.66
CA THR C 364 41.39 2.40 19.89
C THR C 364 40.51 2.55 18.65
N SER C 365 41.13 2.75 17.49
CA SER C 365 40.36 2.96 16.27
C SER C 365 39.55 1.71 15.90
N THR C 366 40.15 0.54 16.03
CA THR C 366 39.43 -0.70 15.73
C THR C 366 38.24 -0.88 16.67
N GLN C 367 38.45 -0.61 17.97
CA GLN C 367 37.36 -0.73 18.93
C GLN C 367 36.23 0.25 18.61
N LYS C 368 36.59 1.49 18.25
CA LYS C 368 35.58 2.47 17.89
C LYS C 368 34.80 2.06 16.65
N ALA C 369 35.50 1.50 15.65
CA ALA C 369 34.82 1.05 14.44
C ALA C 369 33.85 -0.08 14.74
N VAL C 370 34.26 -1.04 15.58
CA VAL C 370 33.38 -2.14 15.94
C VAL C 370 32.15 -1.61 16.68
N GLU C 371 32.37 -0.68 17.61
CA GLU C 371 31.23 -0.08 18.33
C GLU C 371 30.29 0.62 17.37
N ALA C 372 30.84 1.33 16.39
CA ALA C 372 30.00 2.03 15.42
C ALA C 372 29.15 1.04 14.62
N ILE C 373 29.76 -0.06 14.18
CA ILE C 373 29.01 -1.06 13.44
C ILE C 373 27.86 -1.60 14.28
N THR C 374 28.16 -1.94 15.54
CA THR C 374 27.12 -2.49 16.42
C THR C 374 25.99 -1.48 16.64
N ASN C 375 26.34 -0.22 16.88
CA ASN C 375 25.32 0.79 17.14
C ASN C 375 24.43 1.02 15.92
N LYS C 376 25.04 1.09 14.73
CA LYS C 376 24.23 1.30 13.53
C LYS C 376 23.31 0.12 13.28
N LEU C 377 23.80 -1.10 13.48
CA LEU C 377 22.93 -2.27 13.30
C LEU C 377 21.79 -2.27 14.29
N ASN C 378 22.06 -1.91 15.55
CA ASN C 378 21.00 -1.87 16.55
C ASN C 378 19.95 -0.83 16.19
N GLU C 379 20.38 0.36 15.74
CA GLU C 379 19.43 1.38 15.35
C GLU C 379 18.58 0.94 14.17
N ALA C 380 19.19 0.27 13.19
CA ALA C 380 18.44 -0.24 12.05
C ALA C 380 17.41 -1.27 12.48
N ILE C 381 17.79 -2.17 13.39
CA ILE C 381 16.85 -3.19 13.86
C ILE C 381 15.69 -2.53 14.59
N GLU C 382 15.98 -1.52 15.41
CA GLU C 382 14.91 -0.82 16.11
C GLU C 382 13.96 -0.15 15.12
N ASN C 383 14.50 0.51 14.10
CA ASN C 383 13.65 1.15 13.10
C ASN C 383 12.79 0.15 12.36
N GLY C 384 13.37 -1.00 12.00
CA GLY C 384 12.59 -2.04 11.34
C GLY C 384 11.47 -2.58 12.21
N ASN C 385 11.77 -2.79 13.49
CA ASN C 385 10.74 -3.26 14.41
C ASN C 385 9.61 -2.25 14.55
N GLN C 386 9.95 -0.96 14.65
CA GLN C 386 8.92 0.06 14.75
C GLN C 386 8.06 0.11 13.49
N ARG C 387 8.69 0.00 12.31
CA ARG C 387 7.91 0.01 11.08
C ARG C 387 7.01 -1.22 10.99
N TYR C 388 7.50 -2.36 11.43
CA TYR C 388 6.68 -3.58 11.45
C TYR C 388 5.47 -3.39 12.35
N ASN C 389 5.69 -2.84 13.54
CA ASN C 389 4.58 -2.60 14.47
C ASN C 389 3.56 -1.63 13.87
N GLN C 390 4.04 -0.55 13.24
CA GLN C 390 3.13 0.40 12.61
C GLN C 390 2.34 -0.27 11.49
N LEU C 391 2.99 -1.12 10.70
CA LEU C 391 2.37 -1.69 9.52
C LEU C 391 1.34 -2.77 9.85
N TYR C 392 1.59 -3.57 10.89
CA TYR C 392 0.59 -4.55 11.32
C TYR C 392 -0.30 -4.07 12.45
N GLY C 393 0.20 -3.24 13.35
CA GLY C 393 -0.60 -2.83 14.49
C GLY C 393 -0.01 -3.42 15.75
N LEU C 394 -0.02 -2.64 16.83
CA LEU C 394 0.57 -3.08 18.08
C LEU C 394 -0.23 -4.22 18.70
N ALA C 395 -1.55 -4.08 18.74
CA ALA C 395 -2.42 -5.10 19.34
C ALA C 395 -2.98 -6.03 18.26
N ARG C 396 -2.07 -6.78 17.64
CA ARG C 396 -2.44 -7.71 16.59
C ARG C 396 -2.59 -9.12 17.14
N THR C 397 -2.92 -10.05 16.25
CA THR C 397 -3.12 -11.45 16.63
C THR C 397 -2.94 -12.31 15.39
N GLN C 398 -2.12 -13.36 15.49
CA GLN C 398 -1.88 -14.22 14.35
C GLN C 398 -3.17 -14.90 13.87
N ALA C 399 -4.04 -15.28 14.80
CA ALA C 399 -5.26 -16.00 14.42
C ALA C 399 -6.11 -15.17 13.48
N GLU C 400 -6.43 -13.93 13.86
CA GLU C 400 -7.25 -13.09 13.00
C GLU C 400 -6.51 -12.63 11.75
N LEU C 401 -5.20 -12.39 11.84
CA LEU C 401 -4.44 -12.00 10.67
C LEU C 401 -4.43 -13.07 9.59
N LEU C 402 -4.28 -14.33 9.97
CA LEU C 402 -4.37 -15.40 8.98
C LEU C 402 -5.80 -15.76 8.60
N GLY C 403 -6.76 -15.55 9.51
CA GLY C 403 -8.14 -15.80 9.15
C GLY C 403 -8.67 -14.83 8.10
N ASN C 404 -8.34 -13.55 8.26
CA ASN C 404 -8.83 -12.55 7.32
C ASN C 404 -8.23 -12.74 5.94
N LEU C 405 -7.05 -13.35 5.86
CA LEU C 405 -6.45 -13.65 4.56
C LEU C 405 -7.30 -14.65 3.79
N GLY C 406 -7.85 -15.64 4.48
CA GLY C 406 -8.70 -16.62 3.82
C GLY C 406 -7.85 -17.63 3.07
N LYS C 407 -8.18 -17.84 1.80
CA LYS C 407 -7.44 -18.75 0.95
C LYS C 407 -6.26 -18.06 0.25
N GLU C 408 -6.05 -16.77 0.49
CA GLU C 408 -4.97 -16.05 -0.15
C GLU C 408 -3.64 -16.40 0.52
N VAL C 409 -2.66 -16.81 -0.29
CA VAL C 409 -1.35 -17.16 0.23
C VAL C 409 -0.32 -16.05 0.05
N ASN C 410 -0.65 -15.01 -0.71
CA ASN C 410 0.25 -13.89 -0.94
C ASN C 410 -0.15 -12.74 -0.03
N ASP C 411 0.80 -12.25 0.76
CA ASP C 411 0.59 -11.12 1.66
C ASP C 411 1.37 -9.94 1.11
N LEU C 412 0.67 -8.84 0.78
CA LEU C 412 1.33 -7.67 0.24
C LEU C 412 2.08 -6.90 1.32
N ARG C 413 1.63 -7.00 2.56
CA ARG C 413 2.29 -6.27 3.64
C ARG C 413 3.70 -6.80 3.89
N LEU C 414 3.90 -8.11 3.73
CA LEU C 414 5.24 -8.66 3.82
C LEU C 414 6.13 -8.12 2.71
N GLU C 415 5.56 -7.97 1.50
CA GLU C 415 6.32 -7.38 0.40
C GLU C 415 6.73 -5.94 0.72
N THR C 416 5.79 -5.16 1.28
CA THR C 416 6.11 -3.79 1.65
C THR C 416 7.22 -3.74 2.70
N PHE C 417 7.13 -4.60 3.72
CA PHE C 417 8.15 -4.62 4.75
C PHE C 417 9.51 -5.05 4.19
N THR C 418 9.51 -6.03 3.28
CA THR C 418 10.75 -6.47 2.68
C THR C 418 11.40 -5.35 1.87
N GLU C 419 10.59 -4.60 1.11
CA GLU C 419 11.12 -3.45 0.39
C GLU C 419 11.68 -2.41 1.34
N PHE C 420 10.99 -2.16 2.45
CA PHE C 420 11.49 -1.21 3.43
C PHE C 420 12.83 -1.65 4.00
N ILE C 421 12.97 -2.93 4.31
CA ILE C 421 14.24 -3.42 4.87
C ILE C 421 15.35 -3.33 3.83
N ARG C 422 15.04 -3.64 2.57
CA ARG C 422 16.03 -3.51 1.50
C ARG C 422 16.50 -2.07 1.38
N LEU C 423 15.58 -1.12 1.50
CA LEU C 423 15.99 0.29 1.49
C LEU C 423 16.82 0.65 2.72
N GLU C 424 16.47 0.08 3.88
CA GLU C 424 17.15 0.45 5.12
C GLU C 424 18.60 -0.04 5.14
N THR C 425 18.85 -1.21 4.56
CA THR C 425 20.19 -1.79 4.60
C THR C 425 21.21 -0.87 3.92
N ILE C 426 20.82 -0.26 2.79
CA ILE C 426 21.72 0.65 2.09
C ILE C 426 22.08 1.84 2.96
N LEU C 427 21.09 2.40 3.67
CA LEU C 427 21.36 3.50 4.57
C LEU C 427 22.30 3.08 5.69
N VAL C 428 22.13 1.85 6.18
CA VAL C 428 23.01 1.35 7.23
C VAL C 428 24.45 1.30 6.74
N ASN C 429 24.65 0.76 5.54
CA ASN C 429 26.00 0.70 4.98
C ASN C 429 26.59 2.09 4.81
N THR C 430 25.79 3.04 4.30
CA THR C 430 26.28 4.40 4.11
C THR C 430 26.69 5.02 5.43
N ARG C 431 25.86 4.86 6.46
CA ARG C 431 26.16 5.45 7.76
C ARG C 431 27.43 4.86 8.35
N ILE C 432 27.60 3.54 8.25
CA ILE C 432 28.79 2.91 8.81
C ILE C 432 30.04 3.39 8.08
N ILE C 433 29.99 3.47 6.76
CA ILE C 433 31.15 3.92 6.01
C ILE C 433 31.50 5.37 6.36
N GLU C 434 30.48 6.23 6.47
CA GLU C 434 30.75 7.62 6.83
C GLU C 434 31.35 7.73 8.22
N GLU C 435 30.86 6.92 9.17
CA GLU C 435 31.42 6.94 10.52
C GLU C 435 32.88 6.50 10.52
N HIS C 436 33.21 5.47 9.74
CA HIS C 436 34.60 5.04 9.64
C HIS C 436 35.48 6.15 9.07
N GLN C 437 34.99 6.84 8.04
CA GLN C 437 35.75 7.95 7.47
C GLN C 437 35.98 9.05 8.50
N ALA C 438 34.94 9.37 9.28
CA ALA C 438 35.09 10.41 10.31
C ALA C 438 36.12 9.99 11.36
N ILE C 439 36.08 8.72 11.76
CA ILE C 439 37.05 8.24 12.76
C ILE C 439 38.47 8.37 12.22
N GLY C 440 38.67 7.97 10.96
CA GLY C 440 40.00 8.09 10.36
C GLY C 440 40.49 9.52 10.28
N SER C 441 39.60 10.44 9.87
CA SER C 441 39.98 11.84 9.79
C SER C 441 40.36 12.40 11.16
N LYS C 442 39.57 12.07 12.18
CA LYS C 442 39.89 12.56 13.52
C LYS C 442 41.22 12.00 14.00
N LYS C 443 41.48 10.72 13.73
CA LYS C 443 42.75 10.13 14.15
C LYS C 443 43.93 10.79 13.47
N LYS C 444 43.84 11.04 12.16
CA LYS C 444 44.97 11.64 11.47
C LYS C 444 45.17 13.09 11.92
N GLU C 445 44.08 13.80 12.21
CA GLU C 445 44.22 15.16 12.75
C GLU C 445 44.91 15.14 14.11
N GLU C 446 44.54 14.20 14.96
CA GLU C 446 45.19 14.09 16.26
C GLU C 446 46.67 13.78 16.11
N VAL C 447 47.01 12.88 15.18
CA VAL C 447 48.42 12.57 14.93
C VAL C 447 49.16 13.82 14.45
N LYS C 448 48.57 14.58 13.54
CA LYS C 448 49.24 15.76 13.02
C LYS C 448 49.46 16.80 14.12
N ARG C 449 48.47 17.02 14.99
CA ARG C 449 48.65 18.00 16.04
C ARG C 449 49.66 17.53 17.08
N LEU C 450 49.70 16.23 17.36
CA LEU C 450 50.67 15.73 18.34
C LEU C 450 52.10 15.75 17.78
N LEU C 451 52.24 15.53 16.47
CA LEU C 451 53.57 15.43 15.90
C LEU C 451 54.33 16.75 15.99
N GLY C 452 53.64 17.87 15.77
CA GLY C 452 54.26 19.17 15.88
C GLY C 452 54.18 19.97 14.59
N PRO C 453 54.50 21.26 14.67
CA PRO C 453 54.42 22.12 13.48
C PRO C 453 55.67 22.14 12.63
N ASN C 454 56.77 21.58 13.10
CA ASN C 454 58.04 21.55 12.37
C ASN C 454 58.13 20.39 11.39
N ALA C 455 57.12 19.53 11.34
CA ALA C 455 57.13 18.35 10.50
C ALA C 455 56.29 18.60 9.25
N LEU C 456 56.85 18.28 8.08
CA LEU C 456 56.11 18.44 6.84
C LEU C 456 54.97 17.44 6.76
N ASP C 457 53.83 17.89 6.24
CA ASP C 457 52.65 17.06 6.06
C ASP C 457 52.45 16.80 4.58
N LEU C 458 52.42 15.52 4.20
CA LEU C 458 52.23 15.17 2.80
C LEU C 458 50.78 15.40 2.36
N GLY C 459 49.83 15.27 3.27
CA GLY C 459 48.43 15.44 2.95
C GLY C 459 47.70 14.17 2.59
N ASN C 460 48.42 13.08 2.33
CA ASN C 460 47.82 11.79 2.01
C ASN C 460 47.82 10.84 3.20
N GLY C 461 48.10 11.35 4.40
CA GLY C 461 48.20 10.52 5.58
C GLY C 461 49.61 10.23 6.02
N CYS C 462 50.60 10.55 5.21
CA CYS C 462 52.01 10.37 5.56
C CYS C 462 52.60 11.68 6.08
N PHE C 463 53.65 11.54 6.89
CA PHE C 463 54.37 12.69 7.43
C PHE C 463 55.85 12.47 7.21
N ASN C 464 56.57 13.57 7.00
CA ASN C 464 57.99 13.52 6.67
C ASN C 464 58.74 14.42 7.65
N LEU C 465 59.48 13.80 8.56
CA LEU C 465 60.10 14.52 9.66
C LEU C 465 61.45 15.10 9.25
N THR C 466 61.86 16.14 9.99
CA THR C 466 63.16 16.76 9.76
C THR C 466 64.30 15.91 10.27
N HIS C 467 64.03 14.94 11.12
CA HIS C 467 65.04 14.04 11.69
C HIS C 467 64.75 12.61 11.25
N THR C 468 65.63 11.70 11.66
CA THR C 468 65.40 10.29 11.44
C THR C 468 64.50 9.72 12.53
N CYS C 469 63.56 8.88 12.14
CA CYS C 469 62.56 8.32 13.04
C CYS C 469 62.60 6.81 12.93
N ASP C 470 63.28 6.17 13.86
CA ASP C 470 63.46 4.73 13.82
C ASP C 470 62.19 4.01 14.27
N SER C 471 62.30 2.70 14.45
CA SER C 471 61.13 1.91 14.85
C SER C 471 60.67 2.24 16.26
N ASN C 472 61.60 2.52 17.17
CA ASN C 472 61.22 2.97 18.50
C ASN C 472 60.49 4.31 18.42
N CYS C 473 60.95 5.19 17.53
CA CYS C 473 60.22 6.42 17.24
C CYS C 473 58.79 6.14 16.79
N VAL C 474 58.60 5.14 15.92
CA VAL C 474 57.25 4.81 15.45
C VAL C 474 56.41 4.31 16.61
N ASN C 475 56.97 3.42 17.45
CA ASN C 475 56.22 2.88 18.57
C ASN C 475 55.88 3.96 19.59
N SER C 476 56.72 4.98 19.73
CA SER C 476 56.43 6.06 20.69
C SER C 476 55.14 6.78 20.36
N ILE C 477 54.88 7.03 19.06
CA ILE C 477 53.67 7.73 18.66
C ILE C 477 52.44 6.87 18.94
N SER C 478 52.60 5.55 18.93
CA SER C 478 51.44 4.65 18.94
C SER C 478 50.57 4.88 20.16
N ARG C 479 51.16 4.93 21.35
CA ARG C 479 50.37 5.22 22.55
C ARG C 479 50.42 6.68 22.96
N GLY C 480 50.99 7.55 22.13
CA GLY C 480 50.93 8.98 22.37
C GLY C 480 51.95 9.54 23.33
N THR C 481 52.86 8.71 23.85
CA THR C 481 53.91 9.16 24.75
C THR C 481 55.08 9.77 24.01
N TYR C 482 54.92 10.08 22.73
CA TYR C 482 56.00 10.65 21.94
C TYR C 482 56.35 12.05 22.44
N THR C 483 57.65 12.32 22.54
CA THR C 483 58.16 13.62 22.94
C THR C 483 59.19 14.07 21.92
N ARG C 484 59.18 15.37 21.63
CA ARG C 484 59.98 15.91 20.54
C ARG C 484 61.42 16.18 20.97
N GLU C 485 61.70 16.12 22.28
CA GLU C 485 63.04 16.45 22.80
C GLU C 485 64.08 15.43 22.37
N ASN C 486 63.78 14.14 22.49
CA ASN C 486 64.79 13.10 22.27
C ASN C 486 65.10 12.88 20.79
N TYR C 487 64.40 13.57 19.89
CA TYR C 487 64.58 13.39 18.46
C TYR C 487 65.04 14.67 17.77
N ILE C 488 65.58 15.63 18.53
CA ILE C 488 66.07 16.88 17.96
C ILE C 488 67.28 16.65 17.08
N HIS C 489 68.09 15.63 17.40
CA HIS C 489 69.39 15.46 16.75
C HIS C 489 69.25 15.20 15.25
N ASN C 490 70.24 15.71 14.50
CA ASN C 490 70.35 15.55 13.05
C ASN C 490 69.23 16.25 12.28
N VAL C 491 69.49 16.60 11.03
CA VAL C 491 68.52 17.26 10.16
C VAL C 491 68.52 16.55 8.82
N THR C 492 67.33 16.19 8.32
CA THR C 492 67.21 15.49 7.05
C THR C 492 65.88 15.89 6.42
N LEU C 493 65.85 15.85 5.08
CA LEU C 493 64.63 16.14 4.34
C LEU C 493 64.38 15.07 3.28
C1 GAL D . -56.82 1.34 12.66
C2 GAL D . -55.97 2.40 13.37
C3 GAL D . -56.15 3.76 12.71
C4 GAL D . -55.83 3.66 11.20
C5 GAL D . -56.61 2.50 10.57
C6 GAL D . -56.21 2.19 9.14
O2 GAL D . -56.32 2.54 14.74
O3 GAL D . -55.28 4.72 13.27
O4 GAL D . -54.44 3.46 11.02
O5 GAL D . -56.44 1.26 11.30
O6 GAL D . -56.54 3.26 8.28
C1 SIA D . -54.51 4.58 7.93
C2 SIA D . -55.47 3.48 7.34
C3 SIA D . -56.11 3.86 6.00
C4 SIA D . -55.11 3.99 4.85
C5 SIA D . -54.28 2.72 4.71
C6 SIA D . -53.70 2.27 6.08
C7 SIA D . -53.22 0.80 6.01
C8 SIA D . -52.67 0.34 7.38
C9 SIA D . -51.29 -0.30 7.23
C10 SIA D . -53.09 2.40 2.54
C11 SIA D . -54.23 1.47 2.13
N5 SIA D . -53.19 2.95 3.77
O1A SIA D . -54.69 5.77 7.59
O1B SIA D . -53.64 4.10 8.72
O4 SIA D . -55.77 4.20 3.59
O6 SIA D . -54.68 2.26 7.11
O7 SIA D . -54.27 -0.03 5.56
O8 SIA D . -52.65 1.42 8.30
O9 SIA D . -50.40 0.32 8.15
O10 SIA D . -52.16 2.61 1.77
C1 NAG E . -20.12 8.46 13.56
C2 NAG E . -19.87 7.52 14.73
C3 NAG E . -18.81 8.11 15.67
C4 NAG E . -17.55 8.47 14.89
C5 NAG E . -17.91 9.37 13.71
C6 NAG E . -16.72 9.68 12.82
C7 NAG E . -21.59 6.01 15.61
C8 NAG E . -22.86 5.90 16.39
N2 NAG E . -21.09 7.24 15.45
O3 NAG E . -18.51 7.17 16.68
O4 NAG E . -16.64 9.19 15.72
O5 NAG E . -18.90 8.73 12.88
O6 NAG E . -17.03 9.45 11.45
O7 NAG E . -21.03 5.02 15.15
C1 NAG E . -15.66 8.31 16.29
C2 NAG E . -14.31 9.05 16.35
C3 NAG E . -13.26 8.20 17.04
C4 NAG E . -13.77 7.72 18.40
C5 NAG E . -15.10 7.01 18.23
C6 NAG E . -15.73 6.59 19.54
C7 NAG E . -13.58 10.71 14.70
C8 NAG E . -13.12 10.92 13.29
N2 NAG E . -13.87 9.45 15.03
O3 NAG E . -12.07 8.95 17.21
O4 NAG E . -12.82 6.86 19.01
O5 NAG E . -16.03 7.88 17.59
O6 NAG E . -16.58 7.60 20.05
O7 NAG E . -13.67 11.63 15.50
C1 BMA E . -12.34 7.46 20.22
C2 BMA E . -11.85 6.34 21.14
C3 BMA E . -11.34 6.96 22.44
C4 BMA E . -10.30 8.05 22.17
C5 BMA E . -10.78 9.06 21.10
C6 BMA E . -9.68 9.99 20.58
O2 BMA E . -10.74 5.68 20.58
O3 BMA E . -10.80 5.98 23.30
O4 BMA E . -10.02 8.72 23.38
O5 BMA E . -11.27 8.35 19.95
O6 BMA E . -9.17 10.84 21.62
C1 BMA E . -7.80 10.46 21.95
C2 BMA E . -7.04 10.02 20.68
C3 BMA E . -5.72 9.44 21.16
C4 BMA E . -4.92 10.50 21.95
C5 BMA E . -5.79 11.11 23.08
C6 BMA E . -5.16 12.29 23.78
O2 BMA E . -6.75 11.14 19.87
O3 BMA E . -4.99 8.81 20.09
O4 BMA E . -3.78 9.91 22.54
O5 BMA E . -7.07 11.54 22.54
O6 BMA E . -5.95 12.63 24.90
C1 BMA E . -4.02 9.66 19.44
C2 BMA E . -2.74 8.80 19.11
C3 BMA E . -1.80 9.49 18.07
C4 BMA E . -2.54 10.34 17.01
C5 BMA E . -3.64 11.18 17.66
C6 BMA E . -4.40 12.03 16.68
O2 BMA E . -3.02 7.42 18.70
O3 BMA E . -0.95 8.54 17.42
O4 BMA E . -1.63 11.19 16.35
O5 BMA E . -4.55 10.28 18.29
O6 BMA E . -5.44 12.71 17.38
C1 BMA E . -3.97 7.25 17.64
C2 BMA E . -3.31 6.42 16.52
C3 BMA E . -4.34 6.02 15.46
C4 BMA E . -5.58 5.41 16.10
C5 BMA E . -6.16 6.37 17.13
C6 BMA E . -7.38 5.82 17.82
O2 BMA E . -2.78 5.22 17.04
O3 BMA E . -3.79 5.12 14.51
O4 BMA E . -6.54 5.14 15.10
O5 BMA E . -5.15 6.61 18.13
O6 BMA E . -7.99 6.87 18.55
C1 NAG F . -6.06 32.92 13.52
C2 NAG F . -5.96 34.22 14.32
C3 NAG F . -7.34 34.84 14.49
C4 NAG F . -8.01 35.01 13.13
C5 NAG F . -8.03 33.69 12.38
C6 NAG F . -8.58 33.79 10.99
C7 NAG F . -4.04 34.14 15.85
C8 NAG F . -3.58 33.85 17.25
N2 NAG F . -5.35 33.99 15.62
O3 NAG F . -7.21 36.11 15.12
O4 NAG F . -9.35 35.47 13.32
O5 NAG F . -6.69 33.19 12.26
O6 NAG F . -9.66 32.89 10.79
O7 NAG F . -3.26 34.49 14.98
C1 NAG F . -9.52 36.75 12.68
C2 NAG F . -10.93 37.26 13.00
C3 NAG F . -11.14 38.63 12.38
C4 NAG F . -10.05 39.59 12.80
C5 NAG F . -8.67 38.99 12.50
C6 NAG F . -7.54 39.84 13.03
C7 NAG F . -13.05 36.05 13.24
C8 NAG F . -13.98 35.05 12.62
N2 NAG F . -11.93 36.32 12.55
O3 NAG F . -12.41 39.14 12.78
O4 NAG F . -10.18 40.83 12.11
O5 NAG F . -8.54 37.71 13.13
O6 NAG F . -7.67 40.10 14.42
O7 NAG F . -13.28 36.59 14.32
C1 GAL G . -45.98 -22.14 -28.13
C2 GAL G . -44.88 -21.40 -28.92
C3 GAL G . -44.00 -22.38 -29.66
C4 GAL G . -43.41 -23.40 -28.68
C5 GAL G . -44.53 -24.04 -27.84
C6 GAL G . -44.03 -24.91 -26.71
O2 GAL G . -45.43 -20.50 -29.87
O3 GAL G . -42.90 -21.72 -30.29
O4 GAL G . -42.47 -22.77 -27.83
O5 GAL G . -45.37 -23.04 -27.23
O6 GAL G . -42.99 -25.76 -27.13
C1 SIA G . -40.60 -25.24 -27.34
C2 SIA G . -41.70 -26.04 -26.53
C3 SIA G . -41.53 -27.56 -26.51
C4 SIA G . -40.28 -28.02 -25.78
C5 SIA G . -40.25 -27.45 -24.36
C6 SIA G . -40.56 -25.93 -24.33
C7 SIA G . -40.99 -25.49 -22.91
C8 SIA G . -41.41 -24.01 -22.89
C9 SIA G . -40.51 -23.18 -21.99
C10 SIA G . -38.69 -28.36 -22.61
C11 SIA G . -39.92 -28.90 -21.90
N5 SIA G . -38.93 -27.69 -23.77
O1A SIA G . -39.97 -25.86 -28.24
O1B SIA G . -40.49 -24.05 -26.97
O4 SIA G . -40.23 -29.45 -25.66
O6 SIA G . -41.67 -25.58 -25.14
O7 SIA G . -42.03 -26.34 -22.46
O8 SIA G . -41.44 -23.49 -24.23
O9 SIA G . -39.82 -22.21 -22.77
O10 SIA G . -37.56 -28.53 -22.15
C1 NAG H . -14.81 -2.71 -20.60
C2 NAG H . -15.53 -1.41 -20.28
C3 NAG H . -14.74 -0.22 -20.80
C4 NAG H . -13.31 -0.25 -20.29
C5 NAG H . -12.68 -1.61 -20.60
C6 NAG H . -11.31 -1.77 -20.00
C7 NAG H . -17.97 -1.24 -20.08
C8 NAG H . -19.28 -1.28 -20.82
N2 NAG H . -16.88 -1.42 -20.83
O3 NAG H . -15.39 0.99 -20.39
O4 NAG H . -12.53 0.75 -20.94
O5 NAG H . -13.49 -2.67 -20.06
O6 NAG H . -11.19 -2.98 -19.28
O7 NAG H . -17.91 -1.06 -18.88
C1 NAG H . -12.45 1.94 -20.15
C2 NAG H . -11.10 2.61 -20.42
C3 NAG H . -11.02 3.95 -19.70
C4 NAG H . -12.21 4.83 -20.06
C5 NAG H . -13.50 4.07 -19.75
C6 NAG H . -14.74 4.82 -20.16
C7 NAG H . -9.10 1.27 -20.88
C8 NAG H . -8.03 0.40 -20.29
N2 NAG H . -10.00 1.75 -20.02
O3 NAG H . -9.81 4.61 -20.07
O4 NAG H . -12.19 6.04 -19.33
O5 NAG H . -13.51 2.82 -20.48
O6 NAG H . -14.74 5.10 -21.56
O7 NAG H . -9.14 1.53 -22.08
C1 BMA H . -11.99 7.11 -20.28
C2 BMA H . -12.58 8.38 -19.68
C3 BMA H . -12.39 9.52 -20.67
C4 BMA H . -10.91 9.65 -21.09
C5 BMA H . -10.30 8.30 -21.51
C6 BMA H . -8.76 8.29 -21.63
O2 BMA H . -11.87 8.76 -18.51
O3 BMA H . -12.85 10.75 -20.15
O4 BMA H . -10.82 10.57 -22.15
O5 BMA H . -10.60 7.30 -20.53
O6 BMA H . -8.30 9.25 -22.60
C1 BMA H . -7.65 10.38 -21.93
C2 BMA H . -6.86 9.89 -20.70
C3 BMA H . -6.42 11.14 -19.96
C4 BMA H . -5.56 12.06 -20.88
C5 BMA H . -6.31 12.32 -22.21
C6 BMA H . -5.47 13.05 -23.24
O2 BMA H . -5.68 9.23 -21.11
O3 BMA H . -5.83 10.85 -18.68
O4 BMA H . -5.31 13.29 -20.24
O5 BMA H . -6.75 11.08 -22.79
O6 BMA H . -6.32 13.41 -24.33
C1 BMA H . -4.39 10.76 -18.67
C2 BMA H . -3.86 11.48 -17.36
C3 BMA H . -2.40 11.06 -17.01
C4 BMA H . -2.02 9.62 -17.39
C5 BMA H . -2.53 9.30 -18.79
C6 BMA H . -2.16 7.90 -19.24
O2 BMA H . -4.72 11.33 -16.18
O3 BMA H . -2.13 11.29 -15.62
O4 BMA H . -0.61 9.47 -17.35
O5 BMA H . -3.95 9.41 -18.76
O6 BMA H . -2.11 7.88 -20.66
C1 BMA H . -5.12 9.99 -15.86
C2 BMA H . -4.74 9.71 -14.39
C3 BMA H . -5.28 8.35 -13.96
C4 BMA H . -6.76 8.22 -14.29
C5 BMA H . -6.99 8.50 -15.77
C6 BMA H . -8.45 8.44 -16.16
O2 BMA H . -5.32 10.67 -13.53
O3 BMA H . -5.07 8.13 -12.58
O4 BMA H . -7.21 6.91 -13.99
O5 BMA H . -6.51 9.82 -16.06
O6 BMA H . -8.55 8.61 -17.56
C1 NAG I . 9.41 -0.72 -35.01
C2 NAG I . 9.92 -0.37 -36.41
C3 NAG I . 9.21 -1.22 -37.46
C4 NAG I . 9.32 -2.70 -37.13
C5 NAG I . 8.81 -2.94 -35.70
C6 NAG I . 8.97 -4.37 -35.25
C7 NAG I . 10.71 1.95 -36.46
C8 NAG I . 10.36 3.37 -36.81
N2 NAG I . 9.75 1.04 -36.69
O3 NAG I . 9.78 -0.97 -38.74
O4 NAG I . 8.54 -3.47 -38.04
O5 NAG I . 9.54 -2.13 -34.78
O6 NAG I . 7.81 -5.14 -35.52
O7 NAG I . 11.79 1.63 -35.99
C1 NAG I . 9.41 -4.36 -38.76
C2 NAG I . 8.62 -4.96 -39.93
C3 NAG I . 9.52 -5.90 -40.73
C4 NAG I . 10.80 -5.18 -41.16
C5 NAG I . 11.49 -4.57 -39.95
C6 NAG I . 12.69 -3.74 -40.31
C7 NAG I . 6.22 -5.44 -39.95
C8 NAG I . 5.11 -6.26 -39.34
N2 NAG I . 7.44 -5.67 -39.45
O3 NAG I . 8.81 -6.36 -41.89
O4 NAG I . 11.68 -6.10 -41.79
O5 NAG I . 10.57 -3.69 -39.25
O6 NAG I . 12.49 -3.04 -41.54
O7 NAG I . 6.01 -4.63 -40.84
C1 GAL J . -36.56 -42.52 14.86
C2 GAL J . -35.09 -42.85 15.13
C3 GAL J . -34.82 -42.87 16.63
C4 GAL J . -35.23 -41.53 17.26
C5 GAL J . -36.67 -41.18 16.85
C6 GAL J . -37.11 -39.78 17.23
O2 GAL J . -34.72 -44.12 14.62
O3 GAL J . -33.44 -43.06 16.90
O4 GAL J . -34.35 -40.50 16.84
O5 GAL J . -36.87 -41.26 15.43
O6 GAL J . -37.02 -39.58 18.63
C1 SIA J . -34.89 -38.54 19.21
C2 SIA J . -36.42 -38.30 18.91
C3 SIA J . -37.20 -37.67 20.07
C4 SIA J . -36.73 -36.25 20.41
C5 SIA J . -36.77 -35.36 19.17
C6 SIA J . -36.13 -36.03 17.92
C7 SIA J . -36.60 -35.35 16.62
C8 SIA J . -35.79 -35.84 15.40
C9 SIA J . -35.51 -34.70 14.43
C10 SIA J . -36.59 -32.87 19.44
C11 SIA J . -38.07 -32.81 19.12
N5 SIA J . -36.05 -34.12 19.43
O1A SIA J . -34.54 -38.68 20.39
O1B SIA J . -34.20 -38.57 18.15
O4 SIA J . -37.57 -35.62 21.39
O6 SIA J . -36.54 -37.39 17.77
O7 SIA J . -38.01 -35.56 16.44
O8 SIA J . -34.59 -36.47 15.84
O9 SIA J . -34.10 -34.60 14.22
O10 SIA J . -35.95 -31.85 19.66
C1 NAG K . -4.98 -23.89 7.11
C2 NAG K . -4.89 -24.38 5.67
C3 NAG K . -3.44 -24.65 5.29
C4 NAG K . -2.58 -23.42 5.56
C5 NAG K . -2.76 -22.97 7.01
C6 NAG K . -2.04 -21.69 7.33
C7 NAG K . -6.42 -25.77 4.36
C8 NAG K . -7.20 -27.05 4.31
N2 NAG K . -5.70 -25.56 5.46
O3 NAG K . -3.39 -25.01 3.92
O4 NAG K . -1.20 -23.73 5.37
O5 NAG K . -4.16 -22.73 7.27
O6 NAG K . -2.94 -20.64 7.65
O7 NAG K . -6.44 -24.97 3.43
C1 NAG K . -0.80 -23.42 4.02
C2 NAG K . 0.67 -22.98 4.01
C3 NAG K . 1.15 -22.76 2.59
C4 NAG K . 0.88 -23.99 1.74
C5 NAG K . -0.59 -24.35 1.82
C6 NAG K . -0.93 -25.62 1.08
C7 NAG K . 1.62 -21.73 5.90
C8 NAG K . 1.70 -20.41 6.59
N2 NAG K . 0.85 -21.78 4.81
O3 NAG K . 2.55 -22.48 2.60
O4 NAG K . 1.24 -23.75 0.39
O5 NAG K . -0.96 -24.56 3.19
O6 NAG K . -0.31 -26.76 1.68
O7 NAG K . 2.23 -22.71 6.31
C1 BMA K . 2.39 -24.56 0.09
C2 BMA K . 2.51 -24.71 -1.42
C3 BMA K . 3.71 -25.57 -1.73
C4 BMA K . 4.98 -25.05 -1.04
C5 BMA K . 4.75 -24.72 0.47
C6 BMA K . 5.85 -23.87 1.10
O2 BMA K . 2.76 -23.45 -2.02
O3 BMA K . 3.94 -25.66 -3.13
O4 BMA K . 6.00 -26.03 -1.15
O5 BMA K . 3.55 -23.95 0.60
O6 BMA K . 7.10 -24.58 1.16
C1 BMA K . 8.02 -24.00 0.20
C2 BMA K . 7.91 -22.46 0.21
C3 BMA K . 8.72 -21.98 -0.98
C4 BMA K . 10.20 -22.44 -0.87
C5 BMA K . 10.27 -23.98 -0.60
C6 BMA K . 11.66 -24.47 -0.27
O2 BMA K . 8.50 -21.93 1.36
O3 BMA K . 8.54 -20.56 -1.24
O4 BMA K . 10.90 -22.16 -2.06
O5 BMA K . 9.38 -24.33 0.48
O6 BMA K . 11.61 -25.90 -0.22
C1 BMA K . 9.55 -19.73 -0.62
C2 BMA K . 9.75 -18.44 -1.53
C3 BMA K . 10.43 -17.26 -0.76
C4 BMA K . 10.10 -17.21 0.74
C5 BMA K . 10.19 -18.61 1.34
C6 BMA K . 9.94 -18.63 2.83
O2 BMA K . 8.57 -17.96 -2.24
O3 BMA K . 10.14 -16.01 -1.37
O4 BMA K . 11.03 -16.37 1.39
O5 BMA K . 9.19 -19.39 0.71
O6 BMA K . 10.30 -19.92 3.32
C1 BMA K . 7.39 -17.73 -1.43
C2 BMA K . 6.94 -16.26 -1.67
C3 BMA K . 5.58 -16.02 -1.05
C4 BMA K . 4.58 -17.09 -1.46
C5 BMA K . 5.13 -18.46 -1.08
C6 BMA K . 4.19 -19.59 -1.47
O2 BMA K . 6.82 -16.00 -3.05
O3 BMA K . 5.07 -14.74 -1.42
O4 BMA K . 3.35 -16.87 -0.81
O5 BMA K . 6.37 -18.66 -1.77
O6 BMA K . 4.69 -20.80 -0.92
C1 NAG L . 18.97 -21.87 21.69
C2 NAG L . 20.06 -22.73 22.32
C3 NAG L . 19.44 -23.79 23.24
C4 NAG L . 18.52 -23.12 24.25
C5 NAG L . 17.49 -22.25 23.54
C6 NAG L . 16.61 -21.47 24.48
C7 NAG L . 22.04 -22.86 20.86
C8 NAG L . 22.75 -23.64 19.81
N2 NAG L . 20.88 -23.37 21.30
O3 NAG L . 20.47 -24.50 23.91
O4 NAG L . 17.85 -24.12 25.01
O5 NAG L . 18.16 -21.29 22.72
O6 NAG L . 15.24 -21.59 24.14
O7 NAG L . 22.48 -21.80 21.30
C1 NAG L . 18.17 -23.96 26.41
C2 NAG L . 17.59 -25.15 27.18
C3 NAG L . 17.94 -25.03 28.65
C4 NAG L . 19.44 -24.87 28.84
C5 NAG L . 19.95 -23.70 27.99
C6 NAG L . 21.46 -23.57 28.03
C7 NAG L . 15.53 -26.36 26.61
C8 NAG L . 14.04 -26.28 26.47
N2 NAG L . 16.15 -25.24 27.00
O3 NAG L . 17.49 -26.20 29.34
O4 NAG L . 19.74 -24.61 30.21
O5 NAG L . 19.58 -23.90 26.62
O6 NAG L . 22.09 -24.75 27.56
O7 NAG L . 16.16 -27.39 26.37
C1 NAG M . 16.51 24.56 22.23
C2 NAG M . 16.60 24.53 23.75
C3 NAG M . 15.20 24.66 24.35
C4 NAG M . 14.48 25.88 23.80
C5 NAG M . 14.48 25.85 22.27
C6 NAG M . 13.89 27.09 21.66
C7 NAG M . 18.56 23.27 24.48
C8 NAG M . 19.07 21.95 24.96
N2 NAG M . 17.25 23.33 24.22
O3 NAG M . 15.30 24.76 25.77
O4 NAG M . 13.14 25.92 24.27
O5 NAG M . 15.83 25.74 21.79
O6 NAG M . 14.67 28.24 21.96
O7 NAG M . 19.30 24.24 24.34
C1 NAG N . -29.69 3.78 23.36
C2 NAG N . -30.09 2.95 24.58
C3 NAG N . -29.36 3.46 25.82
C4 NAG N . -27.86 3.51 25.58
C5 NAG N . -27.57 4.31 24.31
C6 NAG N . -26.10 4.30 23.93
C7 NAG N . -32.34 1.98 24.47
C8 NAG N . -33.80 2.19 24.75
N2 NAG N . -31.53 2.99 24.78
O3 NAG N . -29.64 2.61 26.92
O4 NAG N . -27.21 4.12 26.68
O5 NAG N . -28.27 3.74 23.20
O6 NAG N . -25.91 4.74 22.60
O7 NAG N . -31.92 0.94 23.98
C1 NAG O . -52.68 -17.10 -2.05
C2 NAG O . -53.33 -16.30 -3.18
C3 NAG O . -54.70 -16.88 -3.51
C4 NAG O . -54.59 -18.37 -3.80
C5 NAG O . -53.89 -19.08 -2.65
C6 NAG O . -53.64 -20.54 -2.92
C7 NAG O . -53.25 -13.91 -3.71
C8 NAG O . -53.41 -12.52 -3.17
N2 NAG O . -53.44 -14.90 -2.82
O3 NAG O . -55.24 -16.20 -4.64
O4 NAG O . -55.89 -18.93 -3.98
O5 NAG O . -52.61 -18.48 -2.41
O6 NAG O . -52.38 -20.75 -3.55
O7 NAG O . -52.96 -14.12 -4.87
C1 NAG P . 50.75 32.86 11.21
C2 NAG P . 51.79 31.78 11.50
C3 NAG P . 52.12 31.76 12.99
C4 NAG P . 52.54 33.14 13.45
C5 NAG P . 51.50 34.19 13.06
C6 NAG P . 51.91 35.60 13.37
C7 NAG P . 52.08 29.59 10.43
C8 NAG P . 51.42 28.29 10.06
N2 NAG P . 51.30 30.48 11.07
O3 NAG P . 53.17 30.82 13.22
O4 NAG P . 52.67 33.16 14.87
O5 NAG P . 51.26 34.13 11.64
O6 NAG P . 51.10 36.55 12.67
O7 NAG P . 53.25 29.82 10.17
C1 NAG Q . 18.16 20.97 -24.35
C2 NAG Q . 17.53 22.20 -25.01
C3 NAG Q . 16.30 21.79 -25.81
C4 NAG Q . 16.65 20.70 -26.81
C5 NAG Q . 17.32 19.54 -26.08
C6 NAG Q . 17.80 18.45 -27.02
C7 NAG Q . 17.86 24.32 -23.82
C8 NAG Q . 17.36 25.24 -22.75
N2 NAG Q . 17.18 23.20 -24.01
O3 NAG Q . 15.79 22.94 -26.51
O4 NAG Q . 15.46 20.24 -27.45
O5 NAG Q . 18.46 20.01 -25.36
O6 NAG Q . 18.56 19.00 -28.08
O7 NAG Q . 18.85 24.60 -24.49
C1 NAG R . -28.11 0.74 -25.24
C2 NAG R . -29.26 1.73 -25.12
C3 NAG R . -28.89 3.04 -25.80
C4 NAG R . -27.58 3.58 -25.24
C5 NAG R . -26.50 2.51 -25.34
C6 NAG R . -25.19 2.92 -24.70
C7 NAG R . -31.59 0.99 -25.00
C8 NAG R . -32.76 0.41 -25.76
N2 NAG R . -30.48 1.18 -25.70
O3 NAG R . -29.93 4.00 -25.57
O4 NAG R . -27.18 4.73 -25.97
O5 NAG R . -26.92 1.32 -24.67
O6 NAG R . -24.33 1.81 -24.54
O7 NAG R . -31.67 1.26 -23.81
C1 NAG S . -47.62 -27.26 -4.51
C2 NAG S . -47.11 -28.69 -4.71
C3 NAG S . -48.24 -29.69 -4.51
C4 NAG S . -48.91 -29.47 -3.15
C5 NAG S . -49.34 -28.01 -3.02
C6 NAG S . -49.91 -27.69 -1.65
C7 NAG S . -45.63 -29.78 -6.35
C8 NAG S . -45.15 -29.80 -7.77
N2 NAG S . -46.53 -28.85 -6.04
O3 NAG S . -47.73 -31.02 -4.57
O4 NAG S . -50.05 -30.31 -3.03
O5 NAG S . -48.21 -27.15 -3.21
O6 NAG S . -48.98 -26.95 -0.86
O7 NAG S . -45.23 -30.59 -5.51
C1 NAG T . 52.19 29.54 -12.64
C2 NAG T . 52.32 30.59 -11.55
C3 NAG T . 51.99 31.97 -12.10
C4 NAG T . 52.84 32.26 -13.34
C5 NAG T . 52.72 31.12 -14.35
C6 NAG T . 53.66 31.27 -15.53
C7 NAG T . 51.77 30.57 -9.15
C8 NAG T . 50.77 30.18 -8.11
N2 NAG T . 51.46 30.28 -10.41
O3 NAG T . 52.23 32.96 -11.10
O4 NAG T . 52.41 33.47 -13.95
O5 NAG T . 53.06 29.87 -13.72
O6 NAG T . 53.94 30.02 -16.12
O7 NAG T . 52.84 31.12 -8.86
C1 NAG U . 33.95 -13.74 2.58
C2 NAG U . 34.54 -14.94 1.83
C3 NAG U . 33.74 -16.20 2.13
C4 NAG U . 33.64 -16.43 3.63
C5 NAG U . 33.08 -15.18 4.31
C6 NAG U . 33.07 -15.29 5.82
C7 NAG U . 35.71 -14.72 -0.33
C8 NAG U . 35.57 -14.43 -1.78
N2 NAG U . 34.58 -14.68 0.40
O3 NAG U . 34.36 -17.31 1.50
O4 NAG U . 32.79 -17.54 3.90
O5 NAG U . 33.89 -14.04 3.98
O6 NAG U . 34.23 -15.94 6.31
O7 NAG U . 36.79 -14.98 0.19
C1 NAG V . -11.39 -36.04 1.96
C2 NAG V . -11.72 -36.94 0.77
C3 NAG V . -10.43 -37.60 0.25
C4 NAG V . -9.38 -36.55 -0.04
C5 NAG V . -9.16 -35.66 1.18
C6 NAG V . -8.21 -34.51 0.92
C7 NAG V . -13.89 -38.05 0.53
C8 NAG V . -14.78 -39.15 1.02
N2 NAG V . -12.69 -37.95 1.13
O3 NAG V . -10.73 -38.33 -0.93
O4 NAG V . -8.15 -37.17 -0.39
O5 NAG V . -10.41 -35.08 1.59
O6 NAG V . -7.64 -34.03 2.12
O7 NAG V . -14.24 -37.28 -0.36
C1 NAG W . -49.28 -23.98 6.20
C2 NAG W . -49.67 -23.64 7.64
C3 NAG W . -51.15 -23.93 7.86
C4 NAG W . -51.99 -23.21 6.82
C5 NAG W . -51.50 -23.57 5.42
C6 NAG W . -52.22 -22.80 4.33
C7 NAG W . -48.54 -23.93 9.79
C8 NAG W . -47.69 -24.83 10.65
N2 NAG W . -48.86 -24.39 8.59
O3 NAG W . -51.53 -23.51 9.17
O4 NAG W . -53.36 -23.60 6.95
O5 NAG W . -50.10 -23.25 5.30
O6 NAG W . -51.31 -22.31 3.35
O7 NAG W . -48.90 -22.82 10.19
C1 NAG X . 60.16 12.41 2.34
C2 NAG X . 60.42 13.07 0.99
C3 NAG X . 61.19 12.11 0.08
C4 NAG X . 62.45 11.62 0.78
C5 NAG X . 62.12 11.05 2.17
C6 NAG X . 63.34 10.68 2.96
C7 NAG X . 59.01 14.68 -0.22
C8 NAG X . 57.66 14.93 -0.82
N2 NAG X . 59.18 13.48 0.35
O3 NAG X . 61.53 12.77 -1.12
O4 NAG X . 63.07 10.60 0.00
O5 NAG X . 61.40 12.03 2.94
O6 NAG X . 63.08 10.71 4.36
O7 NAG X . 59.91 15.51 -0.24
#